data_6ZXM
#
_entry.id   6ZXM
#
_cell.length_a   122.603
_cell.length_b   72.917
_cell.length_c   125.729
_cell.angle_alpha   90.000
_cell.angle_beta   118.200
_cell.angle_gamma   90.000
#
_symmetry.space_group_name_H-M   'P 1 21 1'
#
loop_
_entity.id
_entity.type
_entity.pdbx_description
1 polymer 'Putative GGDEF/response regulator receiver domain protein'
2 non-polymer "9,9'-[(2R,3R,3aS,5S,7aR,9R,10R,10aS,12S,14aR)-3,5,10,12-tetrahydroxy-5,12-dioxidooctahydro-2H,7H-difuro[3,2-d:3',2'-j][1,3,7,9,2,8]tetraoxadiphosphacyclododecine-2,9-diyl]bis(2-amino-1,9-dihydro-6H-purin-6-one)"
3 non-polymer 'MAGNESIUM ION'
#
_entity_poly.entity_id   1
_entity_poly.type   'polypeptide(L)'
_entity_poly.pdbx_seq_one_letter_code
;MGSSHHHHHHSSGLVPRGSHMPKGQRKILIIEDSELQRKLLSRWVSKNGYIAIEAESISVAREKIISESIDVVLLDWELP
DGNGIDLISDILSTSPVGWLPIIMVTGHTEPEYFKIAIEAGATDYITKPAKEIELLARIFSALRIKALHDQLRETAIRDV
MTGLYNRRYMEERIEQEFQRCKRHDSLLSMAMIDIDKFKNINDTYGHEIGDQVIKQLAHELKTSFRKSDIISRFGGEEFV
ILFPETGVVDATRILDRVRENVSKLEMKSDTDQIFHFTFSGGVAGGDLSDIQSNQELLKIADKNLYEAKSSGRNQIIS
;
_entity_poly.pdbx_strand_id   A,B,C,D,E,F
#
# COMPACT_ATOMS: atom_id res chain seq x y z
N ARG A 26 21.43 15.99 -32.65
CA ARG A 26 20.97 17.41 -33.01
C ARG A 26 20.52 17.45 -34.51
N LYS A 27 21.07 16.61 -35.44
CA LYS A 27 21.20 16.89 -36.91
C LYS A 27 21.01 15.61 -37.75
N ILE A 28 19.90 15.47 -38.50
CA ILE A 28 19.49 14.22 -39.21
C ILE A 28 19.54 14.41 -40.72
N LEU A 29 20.13 13.42 -41.41
CA LEU A 29 20.27 13.36 -42.88
C LEU A 29 19.33 12.29 -43.43
N ILE A 30 18.46 12.69 -44.37
CA ILE A 30 17.43 11.83 -45.01
C ILE A 30 17.83 11.49 -46.45
N ILE A 31 17.96 10.20 -46.73
CA ILE A 31 18.24 9.64 -48.09
C ILE A 31 16.95 8.98 -48.60
N GLU A 32 16.34 9.51 -49.67
CA GLU A 32 15.10 8.99 -50.32
C GLU A 32 15.05 9.53 -51.76
N ASP A 33 14.95 8.63 -52.76
CA ASP A 33 14.92 9.02 -54.20
C ASP A 33 13.71 9.93 -54.45
N SER A 34 12.54 9.58 -53.89
CA SER A 34 11.25 10.29 -54.07
C SER A 34 11.23 11.58 -53.23
N GLU A 35 10.96 12.72 -53.84
CA GLU A 35 10.89 14.08 -53.24
C GLU A 35 9.75 14.13 -52.19
N LEU A 36 8.58 13.55 -52.44
CA LEU A 36 7.42 13.68 -51.53
C LEU A 36 7.66 12.86 -50.24
N GLN A 37 7.99 11.56 -50.35
CA GLN A 37 8.32 10.69 -49.17
C GLN A 37 9.42 11.37 -48.34
N ARG A 38 10.44 11.91 -49.01
CA ARG A 38 11.62 12.57 -48.40
C ARG A 38 11.19 13.82 -47.63
N LYS A 39 10.34 14.65 -48.22
CA LYS A 39 9.93 15.96 -47.63
C LYS A 39 8.89 15.74 -46.51
N LEU A 40 8.22 14.59 -46.45
CA LEU A 40 7.28 14.22 -45.36
C LEU A 40 8.11 13.96 -44.10
N LEU A 41 9.07 13.02 -44.19
CA LEU A 41 10.10 12.74 -43.14
C LEU A 41 10.73 14.07 -42.70
N SER A 42 11.24 14.83 -43.66
CA SER A 42 11.90 16.15 -43.51
C SER A 42 11.09 17.06 -42.58
N ARG A 43 9.75 17.02 -42.61
CA ARG A 43 8.90 17.89 -41.76
C ARG A 43 8.79 17.27 -40.35
N TRP A 44 8.42 15.99 -40.26
CA TRP A 44 8.34 15.23 -38.99
C TRP A 44 9.55 15.51 -38.10
N VAL A 45 10.72 15.47 -38.73
CA VAL A 45 12.05 15.78 -38.13
C VAL A 45 12.02 17.21 -37.59
N SER A 46 12.02 18.22 -38.46
CA SER A 46 12.28 19.65 -38.12
C SER A 46 11.11 20.22 -37.31
N LYS A 47 9.99 19.49 -37.17
CA LYS A 47 8.87 19.82 -36.26
C LYS A 47 9.30 19.62 -34.80
N ASN A 48 10.25 18.70 -34.56
CA ASN A 48 10.72 18.28 -33.22
C ASN A 48 12.15 18.80 -32.97
N GLY A 49 12.36 20.10 -33.21
CA GLY A 49 13.58 20.86 -32.89
C GLY A 49 14.84 20.29 -33.51
N TYR A 50 14.70 19.47 -34.57
CA TYR A 50 15.82 18.77 -35.25
C TYR A 50 16.21 19.52 -36.53
N ILE A 51 17.33 19.11 -37.12
CA ILE A 51 17.91 19.73 -38.34
C ILE A 51 17.87 18.71 -39.49
N ALA A 52 16.95 18.93 -40.44
CA ALA A 52 16.72 18.04 -41.59
C ALA A 52 17.81 18.31 -42.63
N ILE A 53 18.31 17.26 -43.27
CA ILE A 53 19.33 17.36 -44.35
C ILE A 53 18.98 16.35 -45.43
N GLU A 54 18.56 16.83 -46.60
CA GLU A 54 17.93 16.01 -47.68
C GLU A 54 19.03 15.46 -48.59
N ALA A 55 18.87 14.24 -49.11
CA ALA A 55 19.81 13.58 -50.04
C ALA A 55 19.04 12.92 -51.18
N GLU A 56 19.29 13.35 -52.44
CA GLU A 56 18.58 12.88 -53.67
C GLU A 56 18.77 11.37 -53.80
N SER A 57 20.04 10.94 -53.95
CA SER A 57 20.50 9.55 -53.78
C SER A 57 21.87 9.55 -53.06
N ILE A 58 22.72 8.54 -53.29
CA ILE A 58 23.87 8.21 -52.39
C ILE A 58 25.08 9.13 -52.67
N SER A 59 25.32 9.56 -53.92
CA SER A 59 26.36 10.58 -54.28
C SER A 59 26.26 11.73 -53.27
N VAL A 60 25.13 12.44 -53.31
CA VAL A 60 24.86 13.68 -52.54
C VAL A 60 25.10 13.37 -51.05
N ALA A 61 24.54 12.25 -50.54
CA ALA A 61 24.59 11.83 -49.11
C ALA A 61 26.02 11.84 -48.56
N ARG A 62 26.98 11.34 -49.32
CA ARG A 62 28.41 11.25 -48.92
C ARG A 62 29.01 12.66 -48.84
N GLU A 63 28.62 13.55 -49.76
CA GLU A 63 29.11 14.96 -49.83
C GLU A 63 28.64 15.71 -48.58
N LYS A 64 27.69 15.16 -47.81
CA LYS A 64 27.12 15.76 -46.57
C LYS A 64 27.80 15.16 -45.32
N ILE A 65 27.91 13.83 -45.28
CA ILE A 65 28.53 13.03 -44.18
C ILE A 65 29.91 13.63 -43.83
N ILE A 66 30.75 13.84 -44.86
CA ILE A 66 32.10 14.46 -44.76
C ILE A 66 31.93 15.95 -44.46
N SER A 67 31.06 16.63 -45.23
CA SER A 67 30.85 18.11 -45.25
C SER A 67 30.37 18.64 -43.89
N GLU A 68 29.62 17.84 -43.11
CA GLU A 68 28.88 18.36 -41.92
C GLU A 68 28.83 17.35 -40.79
N SER A 69 28.36 17.82 -39.64
CA SER A 69 28.36 17.08 -38.36
C SER A 69 27.06 16.27 -38.23
N ILE A 70 26.92 15.21 -39.04
CA ILE A 70 25.66 14.39 -39.20
C ILE A 70 25.55 13.36 -38.06
N ASP A 71 24.51 13.48 -37.24
CA ASP A 71 24.28 12.57 -36.09
C ASP A 71 23.63 11.27 -36.59
N VAL A 72 22.47 11.39 -37.26
CA VAL A 72 21.60 10.22 -37.57
C VAL A 72 21.16 10.22 -39.04
N VAL A 73 21.06 9.01 -39.61
CA VAL A 73 20.78 8.76 -41.05
C VAL A 73 19.50 7.92 -41.21
N LEU A 74 18.57 8.45 -42.04
CA LEU A 74 17.38 7.77 -42.58
C LEU A 74 17.67 7.35 -44.02
N LEU A 75 17.54 6.04 -44.29
CA LEU A 75 18.04 5.40 -45.54
C LEU A 75 16.92 4.60 -46.19
N ASP A 76 16.33 5.12 -47.29
CA ASP A 76 15.47 4.31 -48.20
C ASP A 76 16.34 3.17 -48.72
N TRP A 77 15.93 1.95 -48.43
CA TRP A 77 16.56 0.71 -48.91
C TRP A 77 16.78 0.76 -50.43
N GLU A 78 15.78 1.23 -51.18
CA GLU A 78 15.71 1.24 -52.67
C GLU A 78 16.17 2.61 -53.20
N LEU A 79 17.47 2.74 -53.52
CA LEU A 79 18.05 4.00 -54.07
C LEU A 79 18.51 3.81 -55.51
N PRO A 80 18.58 4.92 -56.29
CA PRO A 80 18.91 4.89 -57.72
C PRO A 80 20.31 4.42 -58.14
N ASP A 81 20.88 3.35 -57.54
CA ASP A 81 22.27 2.91 -57.79
C ASP A 81 22.52 1.51 -57.22
N GLY A 82 22.47 1.37 -55.89
CA GLY A 82 22.61 0.09 -55.17
C GLY A 82 21.37 -0.22 -54.36
N ASN A 83 21.03 -1.51 -54.24
CA ASN A 83 19.97 -2.04 -53.34
C ASN A 83 20.55 -2.04 -51.92
N GLY A 84 19.69 -1.89 -50.90
CA GLY A 84 20.05 -1.53 -49.51
C GLY A 84 21.36 -2.06 -48.99
N ILE A 85 21.72 -3.32 -49.26
CA ILE A 85 22.66 -4.10 -48.37
C ILE A 85 24.14 -3.90 -48.75
N ASP A 86 24.47 -3.30 -49.90
CA ASP A 86 25.83 -2.71 -50.15
C ASP A 86 25.75 -1.21 -49.76
N LEU A 87 24.61 -0.56 -50.03
CA LEU A 87 24.27 0.85 -49.68
C LEU A 87 24.52 1.17 -48.20
N ILE A 88 24.34 0.22 -47.28
CA ILE A 88 24.47 0.46 -45.81
C ILE A 88 25.94 0.75 -45.49
N SER A 89 26.84 -0.19 -45.79
CA SER A 89 28.30 -0.10 -45.48
C SER A 89 28.98 0.99 -46.33
N ASP A 90 28.31 1.51 -47.36
CA ASP A 90 28.79 2.66 -48.19
C ASP A 90 28.71 3.96 -47.39
N ILE A 91 27.82 4.03 -46.39
CA ILE A 91 27.68 5.22 -45.48
C ILE A 91 28.61 5.02 -44.28
N LEU A 92 28.72 3.79 -43.76
CA LEU A 92 29.62 3.40 -42.65
C LEU A 92 31.05 3.87 -42.97
N SER A 93 31.59 3.43 -44.10
CA SER A 93 32.96 3.77 -44.59
C SER A 93 33.11 5.30 -44.70
N THR A 94 32.09 6.01 -45.22
CA THR A 94 32.12 7.47 -45.51
C THR A 94 32.35 8.32 -44.24
N SER A 95 31.90 7.84 -43.06
CA SER A 95 31.85 8.56 -41.76
C SER A 95 33.25 8.93 -41.29
N PRO A 96 33.51 10.20 -40.85
CA PRO A 96 34.69 10.50 -40.02
C PRO A 96 35.05 9.37 -39.04
N VAL A 97 34.26 9.11 -37.97
CA VAL A 97 34.59 8.08 -36.92
C VAL A 97 34.46 6.67 -37.52
N GLY A 98 33.79 6.51 -38.66
CA GLY A 98 33.62 5.22 -39.36
C GLY A 98 32.41 4.43 -38.86
N TRP A 99 31.43 5.13 -38.26
CA TRP A 99 30.14 4.57 -37.80
C TRP A 99 29.15 5.70 -37.52
N LEU A 100 28.01 5.65 -38.20
CA LEU A 100 26.82 6.48 -37.91
C LEU A 100 25.65 5.58 -37.57
N PRO A 101 24.70 6.03 -36.72
CA PRO A 101 23.46 5.30 -36.50
C PRO A 101 22.53 5.48 -37.72
N ILE A 102 22.25 4.38 -38.41
CA ILE A 102 21.47 4.34 -39.68
C ILE A 102 20.11 3.68 -39.42
N ILE A 103 19.03 4.43 -39.58
CA ILE A 103 17.63 3.91 -39.43
C ILE A 103 17.09 3.55 -40.83
N MET A 104 16.70 2.28 -41.01
CA MET A 104 16.10 1.79 -42.28
C MET A 104 14.66 2.28 -42.36
N VAL A 105 14.36 3.14 -43.35
CA VAL A 105 12.96 3.48 -43.76
C VAL A 105 12.70 2.70 -45.06
N THR A 106 11.93 1.61 -45.01
CA THR A 106 11.83 0.61 -46.12
C THR A 106 10.38 0.14 -46.26
N GLY A 107 10.04 -0.36 -47.46
CA GLY A 107 8.73 -0.96 -47.72
C GLY A 107 8.81 -2.47 -47.81
N HIS A 108 9.70 -3.09 -47.03
CA HIS A 108 10.17 -4.49 -47.23
C HIS A 108 9.42 -5.50 -46.34
N THR A 109 8.97 -5.14 -45.12
CA THR A 109 8.02 -5.94 -44.28
C THR A 109 8.65 -7.26 -43.80
N GLU A 110 9.21 -8.06 -44.71
CA GLU A 110 9.59 -9.48 -44.48
C GLU A 110 10.30 -9.61 -43.16
N PRO A 111 10.12 -10.74 -42.42
CA PRO A 111 10.85 -10.94 -41.16
C PRO A 111 12.36 -10.78 -41.40
N GLU A 112 12.90 -11.52 -42.37
CA GLU A 112 14.35 -11.73 -42.64
C GLU A 112 14.97 -10.51 -43.33
N TYR A 113 14.22 -9.44 -43.61
CA TYR A 113 14.75 -8.18 -44.20
C TYR A 113 15.20 -7.26 -43.06
N PHE A 114 14.52 -7.32 -41.92
CA PHE A 114 14.94 -6.78 -40.60
C PHE A 114 16.32 -7.35 -40.20
N LYS A 115 16.38 -8.69 -40.16
CA LYS A 115 17.50 -9.49 -39.62
C LYS A 115 18.68 -9.39 -40.61
N ILE A 116 18.45 -9.03 -41.87
CA ILE A 116 19.53 -8.74 -42.86
C ILE A 116 20.10 -7.35 -42.58
N ALA A 117 19.21 -6.38 -42.35
CA ALA A 117 19.52 -4.94 -42.18
C ALA A 117 20.32 -4.71 -40.90
N ILE A 118 19.92 -5.35 -39.80
CA ILE A 118 20.67 -5.26 -38.52
C ILE A 118 22.02 -5.95 -38.74
N GLU A 119 22.01 -7.20 -39.26
CA GLU A 119 23.22 -8.01 -39.57
C GLU A 119 24.23 -7.13 -40.31
N ALA A 120 23.78 -6.36 -41.30
CA ALA A 120 24.61 -5.54 -42.22
C ALA A 120 25.04 -4.23 -41.55
N GLY A 121 24.68 -4.01 -40.28
CA GLY A 121 25.13 -2.85 -39.47
C GLY A 121 24.23 -1.63 -39.61
N ALA A 122 22.92 -1.83 -39.57
CA ALA A 122 21.94 -0.74 -39.35
C ALA A 122 21.79 -0.62 -37.84
N THR A 123 21.43 0.58 -37.38
CA THR A 123 21.10 0.86 -35.97
C THR A 123 19.62 0.52 -35.72
N ASP A 124 18.70 0.78 -36.67
CA ASP A 124 17.25 0.50 -36.47
C ASP A 124 16.55 0.17 -37.80
N TYR A 125 15.27 -0.24 -37.72
CA TYR A 125 14.42 -0.65 -38.87
C TYR A 125 13.02 -0.06 -38.65
N ILE A 126 12.58 0.81 -39.56
CA ILE A 126 11.17 1.31 -39.64
C ILE A 126 10.54 0.74 -40.91
N THR A 127 9.33 0.19 -40.79
CA THR A 127 8.46 -0.31 -41.90
C THR A 127 7.57 0.85 -42.34
N LYS A 128 7.74 1.34 -43.57
CA LYS A 128 6.85 2.36 -44.18
C LYS A 128 5.44 1.75 -44.26
N PRO A 129 4.36 2.54 -44.03
CA PRO A 129 4.48 3.97 -43.71
C PRO A 129 5.05 4.18 -42.30
N ALA A 130 6.00 5.10 -42.19
CA ALA A 130 6.60 5.53 -40.91
C ALA A 130 5.49 6.28 -40.18
N LYS A 131 5.21 5.99 -38.90
CA LYS A 131 4.34 6.87 -38.05
C LYS A 131 5.21 7.90 -37.31
N GLU A 132 4.83 9.19 -37.32
CA GLU A 132 5.58 10.33 -36.70
C GLU A 132 6.16 9.88 -35.37
N ILE A 133 5.37 9.28 -34.48
CA ILE A 133 5.75 9.17 -33.04
C ILE A 133 6.37 7.78 -32.81
N GLU A 134 6.46 6.91 -33.81
CA GLU A 134 7.35 5.71 -33.74
C GLU A 134 8.72 6.11 -34.29
N LEU A 135 8.77 7.00 -35.27
CA LEU A 135 10.04 7.53 -35.86
C LEU A 135 10.78 8.30 -34.77
N LEU A 136 10.24 9.43 -34.30
CA LEU A 136 10.89 10.30 -33.28
C LEU A 136 11.48 9.45 -32.15
N ALA A 137 10.80 8.38 -31.74
CA ALA A 137 11.27 7.43 -30.70
C ALA A 137 12.53 6.68 -31.17
N ARG A 138 12.60 6.22 -32.42
CA ARG A 138 13.81 5.55 -33.00
C ARG A 138 14.99 6.55 -33.11
N ILE A 139 14.72 7.80 -33.53
CA ILE A 139 15.72 8.91 -33.61
C ILE A 139 16.30 9.16 -32.22
N PHE A 140 15.46 9.20 -31.18
CA PHE A 140 15.90 9.27 -29.76
C PHE A 140 16.74 8.03 -29.46
N SER A 141 16.20 6.86 -29.72
CA SER A 141 16.91 5.59 -29.42
C SER A 141 18.32 5.59 -30.08
N ALA A 142 18.50 6.24 -31.23
CA ALA A 142 19.78 6.31 -31.97
C ALA A 142 20.73 7.32 -31.30
N LEU A 143 20.28 8.56 -31.14
CA LEU A 143 21.03 9.64 -30.44
C LEU A 143 21.58 9.12 -29.09
N ARG A 144 20.91 8.15 -28.45
CA ARG A 144 21.37 7.51 -27.19
C ARG A 144 22.58 6.64 -27.53
N ILE A 145 22.36 5.62 -28.35
CA ILE A 145 23.40 4.63 -28.78
C ILE A 145 24.54 5.32 -29.57
N LYS A 146 24.37 6.59 -30.01
CA LYS A 146 25.45 7.40 -30.62
C LYS A 146 26.37 7.97 -29.54
N ALA A 147 25.84 8.72 -28.58
CA ALA A 147 26.63 9.30 -27.48
C ALA A 147 27.55 8.25 -26.83
N LEU A 148 27.15 6.97 -26.85
CA LEU A 148 28.00 5.80 -26.41
C LEU A 148 29.25 5.65 -27.30
N HIS A 149 29.06 5.65 -28.62
CA HIS A 149 30.17 5.59 -29.61
C HIS A 149 31.03 6.83 -29.43
N ASP A 150 30.41 7.99 -29.16
CA ASP A 150 31.11 9.29 -29.04
C ASP A 150 32.05 9.26 -27.82
N GLN A 151 31.58 8.79 -26.65
CA GLN A 151 32.45 8.56 -25.45
C GLN A 151 33.63 7.71 -25.86
N LEU A 152 33.40 6.43 -26.15
CA LEU A 152 34.44 5.44 -26.50
C LEU A 152 35.53 6.05 -27.40
N ARG A 153 35.22 7.09 -28.20
CA ARG A 153 36.20 7.66 -29.16
C ARG A 153 36.60 9.09 -28.79
N GLU A 154 36.03 9.73 -27.77
CA GLU A 154 36.45 11.08 -27.36
C GLU A 154 37.04 11.03 -25.94
N THR A 155 37.33 9.86 -25.39
CA THR A 155 37.81 9.74 -23.98
C THR A 155 38.98 8.77 -23.82
N ALA A 156 39.54 8.66 -22.62
CA ALA A 156 40.64 7.71 -22.33
C ALA A 156 40.00 6.36 -22.04
N ILE A 157 39.95 5.50 -23.03
CA ILE A 157 39.75 4.07 -22.74
C ILE A 157 41.06 3.40 -22.99
N ARG A 158 41.06 2.20 -22.43
CA ARG A 158 41.98 1.11 -22.76
C ARG A 158 41.50 0.40 -24.02
N ASP A 159 42.33 0.25 -25.07
CA ASP A 159 41.91 -0.56 -26.24
C ASP A 159 41.92 -2.03 -25.81
N VAL A 160 40.77 -2.67 -25.89
CA VAL A 160 40.64 -4.10 -25.54
C VAL A 160 41.64 -4.94 -26.36
N MET A 161 41.75 -4.75 -27.69
CA MET A 161 42.47 -5.68 -28.60
C MET A 161 43.95 -5.84 -28.21
N THR A 162 44.65 -4.72 -28.10
CA THR A 162 46.11 -4.62 -27.81
C THR A 162 46.38 -4.66 -26.29
N GLY A 163 45.42 -4.23 -25.49
CA GLY A 163 45.63 -4.07 -24.05
C GLY A 163 46.31 -2.76 -23.75
N LEU A 164 46.66 -1.95 -24.74
CA LEU A 164 47.26 -0.62 -24.52
C LEU A 164 46.14 0.41 -24.37
N TYR A 165 46.43 1.53 -23.75
CA TYR A 165 45.45 2.63 -23.68
C TYR A 165 45.27 3.11 -25.09
N ASN A 166 44.15 3.78 -25.29
CA ASN A 166 43.81 4.46 -26.56
C ASN A 166 44.61 5.74 -26.70
N ARG A 167 44.15 6.62 -27.56
CA ARG A 167 44.85 7.83 -28.02
C ARG A 167 44.44 9.04 -27.17
N ARG A 168 43.17 9.38 -27.00
CA ARG A 168 42.89 10.62 -26.17
C ARG A 168 43.43 10.44 -24.76
N TYR A 169 43.77 9.22 -24.34
CA TYR A 169 44.60 8.93 -23.14
C TYR A 169 45.96 9.61 -23.30
N MET A 170 46.66 9.15 -24.33
CA MET A 170 48.06 9.55 -24.62
C MET A 170 48.12 11.05 -24.94
N GLU A 171 47.09 11.66 -25.52
CA GLU A 171 47.07 13.10 -25.76
C GLU A 171 47.21 13.77 -24.39
N GLU A 172 46.36 13.38 -23.44
CA GLU A 172 46.34 13.91 -22.06
C GLU A 172 47.68 13.61 -21.40
N ARG A 173 48.10 12.35 -21.47
CA ARG A 173 49.26 11.82 -20.73
C ARG A 173 50.53 12.59 -21.12
N ILE A 174 50.76 12.79 -22.43
CA ILE A 174 51.85 13.64 -23.01
C ILE A 174 51.86 14.97 -22.26
N GLU A 175 50.77 15.74 -22.30
CA GLU A 175 50.81 17.13 -21.78
C GLU A 175 51.18 17.06 -20.29
N GLN A 176 50.77 16.02 -19.55
CA GLN A 176 51.17 15.81 -18.14
C GLN A 176 52.69 15.64 -18.10
N GLU A 177 53.13 14.55 -18.70
CA GLU A 177 54.53 14.07 -18.70
C GLU A 177 55.48 15.15 -19.19
N PHE A 178 54.99 16.08 -20.03
CA PHE A 178 55.82 17.15 -20.65
C PHE A 178 55.99 18.26 -19.63
N GLN A 179 54.87 18.85 -19.20
CA GLN A 179 54.76 19.86 -18.12
C GLN A 179 55.57 19.46 -16.89
N ARG A 180 55.57 18.17 -16.57
CA ARG A 180 56.37 17.65 -15.44
C ARG A 180 57.85 17.79 -15.77
N CYS A 181 58.27 17.27 -16.92
CA CYS A 181 59.71 17.18 -17.34
C CYS A 181 60.26 18.58 -17.64
N LYS A 182 59.42 19.47 -18.17
CA LYS A 182 59.79 20.87 -18.52
C LYS A 182 59.97 21.66 -17.21
N ARG A 183 59.09 21.52 -16.21
CA ARG A 183 59.29 22.16 -14.88
C ARG A 183 60.56 21.65 -14.20
N HIS A 184 60.88 20.35 -14.27
CA HIS A 184 61.88 19.67 -13.39
C HIS A 184 63.14 19.25 -14.16
N ASP A 185 63.45 19.99 -15.23
CA ASP A 185 64.62 19.79 -16.12
C ASP A 185 64.96 18.30 -16.18
N SER A 186 64.08 17.52 -16.81
CA SER A 186 64.29 16.10 -17.14
C SER A 186 64.43 15.94 -18.67
N LEU A 187 65.02 14.85 -19.09
CA LEU A 187 64.90 14.44 -20.50
C LEU A 187 63.51 13.83 -20.68
N LEU A 188 62.85 14.17 -21.78
CA LEU A 188 61.65 13.45 -22.25
C LEU A 188 61.73 13.23 -23.75
N SER A 189 61.80 11.97 -24.20
CA SER A 189 61.85 11.55 -25.63
C SER A 189 60.55 10.81 -25.99
N MET A 190 59.93 11.16 -27.11
CA MET A 190 58.66 10.56 -27.61
C MET A 190 58.86 9.91 -28.98
N ALA A 191 58.50 8.64 -29.15
CA ALA A 191 58.38 7.95 -30.46
C ALA A 191 56.98 8.10 -31.09
N MET A 192 56.86 7.92 -32.41
CA MET A 192 55.58 7.83 -33.15
C MET A 192 55.79 6.75 -34.21
N ILE A 193 55.12 5.63 -34.07
CA ILE A 193 55.34 4.38 -34.85
C ILE A 193 54.17 4.23 -35.85
N ASP A 194 54.35 3.41 -36.88
CA ASP A 194 53.32 3.19 -37.93
C ASP A 194 53.63 1.87 -38.63
N ILE A 195 52.67 0.97 -38.72
CA ILE A 195 52.94 -0.37 -39.33
C ILE A 195 52.98 -0.18 -40.85
N ASP A 196 53.94 -0.85 -41.47
CA ASP A 196 54.30 -0.54 -42.87
C ASP A 196 53.35 -1.31 -43.78
N LYS A 197 52.62 -0.53 -44.59
CA LYS A 197 51.63 -0.97 -45.60
C LYS A 197 50.55 -1.84 -44.93
N PHE A 198 49.89 -1.33 -43.91
CA PHE A 198 48.90 -2.09 -43.09
C PHE A 198 47.68 -2.37 -43.96
N LYS A 199 47.10 -1.32 -44.55
CA LYS A 199 45.94 -1.41 -45.49
C LYS A 199 46.12 -2.68 -46.32
N ASN A 200 47.33 -2.85 -46.88
CA ASN A 200 47.72 -3.97 -47.78
C ASN A 200 47.70 -5.29 -47.04
N ILE A 201 48.30 -5.37 -45.85
CA ILE A 201 48.39 -6.63 -45.05
C ILE A 201 46.98 -7.10 -44.86
N ASN A 202 46.11 -6.16 -44.47
CA ASN A 202 44.69 -6.39 -44.12
C ASN A 202 43.95 -6.89 -45.37
N ASP A 203 44.09 -6.13 -46.45
CA ASP A 203 43.36 -6.38 -47.71
C ASP A 203 43.82 -7.72 -48.28
N THR A 204 45.05 -8.12 -48.00
CA THR A 204 45.65 -9.33 -48.59
C THR A 204 45.43 -10.54 -47.68
N TYR A 205 45.50 -10.40 -46.36
CA TYR A 205 45.52 -11.58 -45.45
C TYR A 205 44.24 -11.74 -44.63
N GLY A 206 43.49 -10.65 -44.42
CA GLY A 206 42.17 -10.69 -43.77
C GLY A 206 42.12 -9.74 -42.60
N HIS A 207 40.94 -9.15 -42.33
CA HIS A 207 40.73 -8.22 -41.18
C HIS A 207 41.22 -8.95 -39.92
N GLU A 208 41.10 -10.28 -39.92
CA GLU A 208 41.61 -11.23 -38.90
C GLU A 208 43.10 -11.06 -38.69
N ILE A 209 43.90 -11.20 -39.75
CA ILE A 209 45.38 -11.17 -39.68
C ILE A 209 45.86 -9.73 -39.46
N GLY A 210 45.20 -8.75 -40.10
CA GLY A 210 45.38 -7.32 -39.79
C GLY A 210 45.46 -7.13 -38.29
N ASP A 211 44.37 -7.44 -37.60
CA ASP A 211 44.20 -7.48 -36.12
C ASP A 211 45.34 -8.26 -35.49
N GLN A 212 45.53 -9.51 -35.90
CA GLN A 212 46.57 -10.43 -35.36
C GLN A 212 47.96 -9.79 -35.33
N VAL A 213 48.30 -8.94 -36.33
CA VAL A 213 49.62 -8.21 -36.41
C VAL A 213 49.59 -7.13 -35.34
N ILE A 214 48.70 -6.13 -35.47
CA ILE A 214 48.53 -5.04 -34.48
C ILE A 214 48.77 -5.61 -33.08
N LYS A 215 48.15 -6.74 -32.76
CA LYS A 215 48.36 -7.40 -31.44
C LYS A 215 49.85 -7.68 -31.28
N GLN A 216 50.40 -8.51 -32.17
CA GLN A 216 51.82 -8.98 -32.10
C GLN A 216 52.78 -7.80 -31.98
N LEU A 217 52.51 -6.65 -32.60
CA LEU A 217 53.36 -5.43 -32.47
C LEU A 217 53.24 -4.88 -31.06
N ALA A 218 52.01 -4.57 -30.64
CA ALA A 218 51.71 -4.13 -29.26
C ALA A 218 52.45 -5.06 -28.29
N HIS A 219 52.36 -6.37 -28.46
CA HIS A 219 53.03 -7.34 -27.55
C HIS A 219 54.52 -7.05 -27.49
N GLU A 220 55.17 -6.84 -28.64
CA GLU A 220 56.62 -6.51 -28.65
C GLU A 220 56.81 -5.22 -27.86
N LEU A 221 56.08 -4.16 -28.21
CA LEU A 221 56.17 -2.86 -27.49
C LEU A 221 56.08 -3.08 -25.96
N LYS A 222 55.05 -3.79 -25.50
CA LYS A 222 54.84 -4.06 -24.05
C LYS A 222 56.11 -4.72 -23.47
N THR A 223 56.61 -5.81 -24.07
CA THR A 223 57.73 -6.65 -23.57
C THR A 223 59.06 -5.88 -23.53
N SER A 224 59.27 -4.91 -24.43
CA SER A 224 60.61 -4.39 -24.81
C SER A 224 61.14 -3.33 -23.85
N PHE A 225 60.27 -2.55 -23.20
CA PHE A 225 60.72 -1.33 -22.47
C PHE A 225 60.47 -1.47 -20.96
N ARG A 226 60.44 -0.33 -20.27
CA ARG A 226 60.24 -0.25 -18.82
C ARG A 226 58.76 0.05 -18.54
N LYS A 227 58.22 -0.58 -17.49
CA LYS A 227 56.94 -0.16 -16.88
C LYS A 227 56.89 1.36 -16.76
N SER A 228 58.02 2.03 -16.53
CA SER A 228 58.13 3.52 -16.38
C SER A 228 57.73 4.21 -17.68
N ASP A 229 58.02 3.56 -18.82
CA ASP A 229 57.78 4.09 -20.19
C ASP A 229 56.27 3.98 -20.49
N ILE A 230 55.77 4.89 -21.32
CA ILE A 230 54.31 5.12 -21.54
C ILE A 230 53.97 4.77 -22.99
N ILE A 231 53.76 3.49 -23.29
CA ILE A 231 53.29 2.96 -24.61
C ILE A 231 51.80 3.30 -24.78
N SER A 232 51.29 3.42 -26.01
CA SER A 232 49.87 3.75 -26.31
C SER A 232 49.54 3.55 -27.80
N ARG A 233 48.37 3.00 -28.12
CA ARG A 233 47.85 2.97 -29.51
C ARG A 233 47.35 4.38 -29.82
N PHE A 234 47.58 4.92 -31.01
CA PHE A 234 47.33 6.36 -31.29
C PHE A 234 46.46 6.59 -32.56
N GLY A 235 45.97 5.56 -33.21
CA GLY A 235 45.32 5.66 -34.55
C GLY A 235 45.22 4.29 -35.19
N GLY A 236 44.70 4.16 -36.40
CA GLY A 236 44.53 2.82 -36.98
C GLY A 236 45.71 1.91 -36.63
N GLU A 237 46.82 2.13 -37.32
CA GLU A 237 48.07 1.36 -37.14
C GLU A 237 49.12 2.21 -36.41
N GLU A 238 48.77 3.42 -35.97
CA GLU A 238 49.69 4.35 -35.25
C GLU A 238 49.83 3.83 -33.81
N PHE A 239 51.01 4.05 -33.25
CA PHE A 239 51.39 3.90 -31.81
C PHE A 239 52.29 5.07 -31.42
N VAL A 240 52.43 5.32 -30.13
CA VAL A 240 53.23 6.44 -29.55
C VAL A 240 53.88 5.90 -28.28
N ILE A 241 55.17 6.15 -28.07
CA ILE A 241 55.87 5.80 -26.79
C ILE A 241 56.41 7.11 -26.23
N LEU A 242 56.31 7.27 -24.89
CA LEU A 242 57.02 8.31 -24.10
C LEU A 242 58.12 7.64 -23.27
N PHE A 243 59.37 8.12 -23.38
CA PHE A 243 60.56 7.64 -22.63
C PHE A 243 61.01 8.74 -21.67
N PRO A 244 60.34 8.85 -20.49
CA PRO A 244 60.71 9.91 -19.55
C PRO A 244 62.14 9.61 -19.06
N GLU A 245 62.92 10.66 -18.87
CA GLU A 245 64.32 10.58 -18.38
C GLU A 245 65.23 10.03 -19.48
N THR A 246 64.77 9.97 -20.73
CA THR A 246 65.58 9.36 -21.80
C THR A 246 65.83 10.40 -22.89
N GLY A 247 67.02 10.38 -23.48
CA GLY A 247 67.47 11.33 -24.52
C GLY A 247 67.21 10.75 -25.88
N VAL A 248 67.24 11.60 -26.92
CA VAL A 248 66.75 11.27 -28.30
C VAL A 248 67.54 10.07 -28.82
N VAL A 249 68.86 10.05 -28.64
CA VAL A 249 69.66 8.95 -29.27
C VAL A 249 69.30 7.64 -28.56
N ASP A 250 69.40 7.53 -27.24
CA ASP A 250 69.07 6.27 -26.53
C ASP A 250 67.67 5.80 -26.96
N ALA A 251 66.70 6.72 -26.99
CA ALA A 251 65.33 6.43 -27.44
C ALA A 251 65.41 5.72 -28.80
N THR A 252 66.05 6.36 -29.79
CA THR A 252 66.27 5.81 -31.14
C THR A 252 66.93 4.44 -31.03
N ARG A 253 68.07 4.31 -30.35
CA ARG A 253 68.85 3.04 -30.23
C ARG A 253 67.88 1.90 -29.92
N ILE A 254 67.11 2.04 -28.85
CA ILE A 254 66.29 0.94 -28.28
C ILE A 254 65.08 0.73 -29.20
N LEU A 255 64.43 1.81 -29.66
CA LEU A 255 63.28 1.73 -30.62
C LEU A 255 63.73 1.03 -31.89
N ASP A 256 64.90 1.35 -32.37
CA ASP A 256 65.49 0.73 -33.59
C ASP A 256 65.69 -0.75 -33.30
N ARG A 257 66.09 -1.13 -32.09
CA ARG A 257 66.46 -2.54 -31.77
C ARG A 257 65.20 -3.39 -31.91
N VAL A 258 64.06 -2.82 -31.55
CA VAL A 258 62.73 -3.47 -31.64
C VAL A 258 62.37 -3.57 -33.13
N ARG A 259 62.35 -2.44 -33.83
CA ARG A 259 62.05 -2.31 -35.28
C ARG A 259 62.67 -3.48 -36.02
N GLU A 260 63.92 -3.80 -35.65
CA GLU A 260 64.69 -4.97 -36.15
C GLU A 260 63.96 -6.26 -35.79
N ASN A 261 63.68 -6.50 -34.51
CA ASN A 261 63.16 -7.81 -34.04
C ASN A 261 61.79 -8.08 -34.67
N VAL A 262 60.92 -7.06 -34.72
CA VAL A 262 59.65 -7.05 -35.49
C VAL A 262 59.94 -7.46 -36.94
N SER A 263 60.83 -6.74 -37.63
CA SER A 263 61.22 -7.09 -39.02
C SER A 263 61.41 -8.61 -39.10
N LYS A 264 62.17 -9.20 -38.19
CA LYS A 264 62.57 -10.64 -38.24
C LYS A 264 61.43 -11.56 -37.81
N LEU A 265 60.27 -11.04 -37.41
CA LEU A 265 59.14 -11.87 -36.89
C LEU A 265 58.39 -12.56 -38.01
N GLU A 266 58.30 -13.88 -37.88
CA GLU A 266 57.58 -14.81 -38.81
C GLU A 266 56.10 -14.90 -38.43
N MET A 267 55.24 -14.19 -39.15
CA MET A 267 53.76 -14.35 -39.07
C MET A 267 53.30 -15.43 -40.09
N LYS A 268 52.09 -15.98 -39.94
CA LYS A 268 51.47 -16.97 -40.82
C LYS A 268 50.29 -16.30 -41.52
N SER A 269 50.11 -16.59 -42.83
CA SER A 269 49.10 -15.95 -43.71
C SER A 269 47.81 -16.73 -43.59
N ASP A 270 46.75 -16.20 -44.17
CA ASP A 270 45.55 -17.06 -44.10
C ASP A 270 45.82 -18.40 -44.82
N THR A 271 46.88 -18.67 -45.63
CA THR A 271 47.24 -19.98 -46.21
C THR A 271 48.22 -20.79 -45.33
N ASP A 272 48.76 -20.18 -44.27
CA ASP A 272 49.84 -20.77 -43.42
C ASP A 272 51.19 -20.60 -44.14
N GLN A 273 51.31 -19.50 -44.90
CA GLN A 273 52.57 -18.99 -45.49
C GLN A 273 53.23 -18.09 -44.46
N ILE A 274 54.54 -18.17 -44.24
CA ILE A 274 55.27 -17.16 -43.40
C ILE A 274 55.28 -15.80 -44.14
N PHE A 275 55.08 -14.69 -43.43
CA PHE A 275 55.31 -13.32 -43.95
C PHE A 275 55.83 -12.48 -42.80
N HIS A 276 56.59 -11.43 -43.12
CA HIS A 276 57.20 -10.50 -42.13
C HIS A 276 56.49 -9.15 -42.26
N PHE A 277 56.59 -8.32 -41.25
CA PHE A 277 56.09 -6.92 -41.35
C PHE A 277 57.06 -6.07 -40.55
N THR A 278 57.00 -4.76 -40.76
CA THR A 278 57.96 -3.78 -40.19
C THR A 278 57.21 -2.52 -39.81
N PHE A 279 57.84 -1.68 -39.00
CA PHE A 279 57.29 -0.33 -38.75
C PHE A 279 58.33 0.75 -39.02
N SER A 280 57.80 1.91 -39.40
CA SER A 280 58.48 3.22 -39.53
C SER A 280 58.27 3.98 -38.23
N GLY A 281 59.28 4.77 -37.84
CA GLY A 281 59.33 5.57 -36.61
C GLY A 281 59.99 6.91 -36.82
N GLY A 282 59.36 7.99 -36.33
CA GLY A 282 60.01 9.23 -35.89
C GLY A 282 60.13 9.32 -34.36
N VAL A 283 61.33 9.63 -33.83
CA VAL A 283 61.52 10.01 -32.39
C VAL A 283 61.89 11.49 -32.36
N ALA A 284 61.62 12.13 -31.22
CA ALA A 284 61.68 13.59 -31.00
C ALA A 284 61.77 13.89 -29.50
N GLY A 285 62.33 15.06 -29.16
CA GLY A 285 62.47 15.60 -27.78
C GLY A 285 63.87 15.47 -27.25
N GLY A 286 64.04 14.67 -26.21
CA GLY A 286 65.24 14.60 -25.35
C GLY A 286 65.32 15.81 -24.44
N ASP A 287 65.92 16.89 -24.91
CA ASP A 287 66.26 18.08 -24.09
C ASP A 287 65.00 18.84 -23.66
N LEU A 288 64.34 19.55 -24.56
CA LEU A 288 63.06 20.30 -24.33
C LEU A 288 63.32 21.79 -24.13
N SER A 289 64.55 22.27 -24.04
CA SER A 289 64.83 23.71 -23.84
C SER A 289 64.22 24.53 -24.97
N ASP A 290 64.33 24.01 -26.20
CA ASP A 290 63.93 24.77 -27.42
C ASP A 290 62.52 24.32 -27.81
N ILE A 291 62.00 23.23 -27.27
CA ILE A 291 60.59 22.80 -27.49
C ILE A 291 59.70 23.51 -26.47
N GLN A 292 58.73 24.35 -26.87
CA GLN A 292 57.86 25.04 -25.85
C GLN A 292 56.51 24.36 -25.69
N SER A 293 55.65 24.35 -26.71
CA SER A 293 54.37 23.57 -26.77
C SER A 293 54.65 22.06 -26.60
N ASN A 294 53.71 21.29 -26.02
CA ASN A 294 53.78 19.80 -26.02
C ASN A 294 53.33 19.31 -27.39
N GLN A 295 52.56 20.17 -28.05
CA GLN A 295 51.95 19.94 -29.39
C GLN A 295 53.06 20.07 -30.46
N GLU A 296 54.11 20.85 -30.17
CA GLU A 296 55.32 20.95 -31.02
C GLU A 296 56.10 19.63 -30.91
N LEU A 297 56.28 19.09 -29.71
CA LEU A 297 57.01 17.80 -29.49
C LEU A 297 56.35 16.71 -30.34
N LEU A 298 55.05 16.82 -30.60
CA LEU A 298 54.31 15.91 -31.52
C LEU A 298 54.69 16.17 -32.98
N LYS A 299 54.55 17.43 -33.45
CA LYS A 299 54.84 17.91 -34.84
C LYS A 299 56.14 17.29 -35.34
N ILE A 300 57.14 17.24 -34.45
CA ILE A 300 58.51 16.74 -34.76
C ILE A 300 58.41 15.24 -35.00
N ALA A 301 57.89 14.49 -34.02
CA ALA A 301 57.81 13.02 -34.11
C ALA A 301 57.14 12.63 -35.44
N ASP A 302 56.11 13.40 -35.84
CA ASP A 302 55.28 13.22 -37.06
C ASP A 302 56.15 13.52 -38.29
N LYS A 303 56.63 14.75 -38.44
CA LYS A 303 57.55 15.12 -39.53
C LYS A 303 58.57 13.99 -39.69
N ASN A 304 59.05 13.41 -38.60
CA ASN A 304 60.12 12.40 -38.67
C ASN A 304 59.58 11.04 -39.09
N LEU A 305 58.38 10.69 -38.66
CA LEU A 305 57.73 9.45 -39.16
C LEU A 305 57.46 9.60 -40.66
N TYR A 306 57.22 10.82 -41.14
CA TYR A 306 56.93 11.06 -42.57
C TYR A 306 58.15 10.63 -43.41
N GLU A 307 59.29 11.28 -43.14
CA GLU A 307 60.64 10.94 -43.69
C GLU A 307 60.88 9.44 -43.58
N ALA A 308 60.62 8.85 -42.42
CA ALA A 308 60.92 7.41 -42.19
C ALA A 308 60.24 6.60 -43.29
N LYS A 309 58.95 6.88 -43.56
CA LYS A 309 58.13 6.16 -44.54
C LYS A 309 58.56 6.58 -45.94
N SER A 310 58.56 7.89 -46.16
CA SER A 310 58.95 8.56 -47.43
C SER A 310 60.31 8.04 -47.96
N SER A 311 61.08 7.30 -47.17
CA SER A 311 62.46 6.88 -47.48
C SER A 311 62.58 5.35 -47.42
N GLY A 312 61.48 4.64 -47.61
CA GLY A 312 61.45 3.16 -47.69
C GLY A 312 61.18 2.50 -46.36
N ARG A 313 60.50 3.21 -45.44
CA ARG A 313 59.74 2.59 -44.35
C ARG A 313 60.67 1.93 -43.33
N ASN A 314 60.95 0.63 -43.35
CA ASN A 314 61.50 -0.11 -42.18
C ASN A 314 62.71 0.62 -41.58
N GLN A 315 62.51 1.68 -40.78
CA GLN A 315 63.58 2.55 -40.20
C GLN A 315 63.04 3.65 -39.27
N ILE A 316 63.82 4.01 -38.25
CA ILE A 316 63.59 5.15 -37.31
C ILE A 316 64.27 6.42 -37.83
N ILE A 317 63.67 7.59 -37.61
CA ILE A 317 64.24 8.91 -38.03
C ILE A 317 64.24 9.89 -36.87
N SER A 318 65.39 10.57 -36.68
CA SER A 318 65.75 11.61 -35.67
C SER A 318 67.19 12.06 -35.98
N ARG B 26 24.50 -13.10 -24.52
CA ARG B 26 24.26 -14.54 -24.68
C ARG B 26 23.08 -15.06 -23.81
N LYS B 27 22.50 -14.29 -22.85
CA LYS B 27 21.63 -14.77 -21.71
C LYS B 27 20.42 -13.85 -21.50
N ILE B 28 19.21 -14.31 -21.87
CA ILE B 28 17.98 -13.47 -21.95
C ILE B 28 16.96 -13.90 -20.90
N LEU B 29 16.43 -12.91 -20.19
CA LEU B 29 15.45 -13.07 -19.08
C LEU B 29 14.09 -12.57 -19.55
N ILE B 30 13.07 -13.43 -19.47
CA ILE B 30 11.69 -13.18 -19.96
C ILE B 30 10.76 -13.00 -18.75
N ILE B 31 10.12 -11.83 -18.71
CA ILE B 31 9.06 -11.50 -17.72
C ILE B 31 7.72 -11.52 -18.45
N GLU B 32 6.81 -12.44 -18.08
CA GLU B 32 5.41 -12.56 -18.61
C GLU B 32 4.56 -13.31 -17.56
N ASP B 33 3.44 -12.71 -17.12
CA ASP B 33 2.54 -13.29 -16.08
C ASP B 33 2.02 -14.64 -16.58
N SER B 34 1.61 -14.72 -17.85
CA SER B 34 1.02 -15.93 -18.48
C SER B 34 2.10 -16.97 -18.81
N GLU B 35 1.94 -18.21 -18.34
CA GLU B 35 2.89 -19.34 -18.51
C GLU B 35 3.11 -19.67 -20.00
N LEU B 36 2.04 -19.68 -20.80
CA LEU B 36 2.07 -20.17 -22.20
C LEU B 36 2.81 -19.12 -23.06
N GLN B 37 2.39 -17.85 -23.05
CA GLN B 37 3.08 -16.74 -23.78
C GLN B 37 4.56 -16.73 -23.41
N ARG B 38 4.89 -16.88 -22.12
CA ARG B 38 6.27 -16.85 -21.56
C ARG B 38 7.08 -18.01 -22.11
N LYS B 39 6.53 -19.23 -22.14
CA LYS B 39 7.33 -20.42 -22.52
C LYS B 39 7.40 -20.54 -24.05
N LEU B 40 6.56 -19.82 -24.80
CA LEU B 40 6.65 -19.66 -26.30
C LEU B 40 7.92 -18.86 -26.61
N LEU B 41 8.02 -17.64 -26.06
CA LEU B 41 9.22 -16.76 -26.14
C LEU B 41 10.44 -17.57 -25.73
N SER B 42 10.37 -18.21 -24.57
CA SER B 42 11.41 -19.08 -23.96
C SER B 42 12.01 -20.04 -24.98
N ARG B 43 11.21 -20.58 -25.90
CA ARG B 43 11.70 -21.55 -26.93
C ARG B 43 12.31 -20.78 -28.10
N TRP B 44 11.62 -19.79 -28.66
CA TRP B 44 12.13 -18.87 -29.73
C TRP B 44 13.55 -18.42 -29.44
N VAL B 45 13.78 -18.04 -28.19
CA VAL B 45 15.10 -17.63 -27.61
C VAL B 45 16.07 -18.80 -27.78
N SER B 46 15.89 -19.87 -26.97
CA SER B 46 16.88 -20.96 -26.80
C SER B 46 17.02 -21.78 -28.10
N LYS B 47 16.15 -21.55 -29.10
CA LYS B 47 16.23 -22.11 -30.47
C LYS B 47 17.41 -21.48 -31.23
N ASN B 48 17.76 -20.24 -30.88
CA ASN B 48 18.81 -19.41 -31.53
C ASN B 48 20.04 -19.27 -30.62
N GLY B 49 20.54 -20.41 -30.12
CA GLY B 49 21.80 -20.56 -29.35
C GLY B 49 21.85 -19.67 -28.11
N TYR B 50 20.70 -19.20 -27.61
CA TYR B 50 20.59 -18.25 -26.47
C TYR B 50 20.18 -19.01 -25.20
N ILE B 51 20.20 -18.32 -24.06
CA ILE B 51 19.91 -18.86 -22.70
C ILE B 51 18.64 -18.19 -22.16
N ALA B 52 17.54 -18.93 -22.15
CA ALA B 52 16.22 -18.44 -21.70
C ALA B 52 16.20 -18.46 -20.17
N ILE B 53 15.60 -17.44 -19.56
CA ILE B 53 15.44 -17.35 -18.08
C ILE B 53 14.06 -16.77 -17.77
N GLU B 54 13.19 -17.59 -17.18
CA GLU B 54 11.74 -17.29 -17.01
C GLU B 54 11.53 -16.51 -15.71
N ALA B 55 10.56 -15.58 -15.70
CA ALA B 55 10.15 -14.78 -14.52
C ALA B 55 8.61 -14.71 -14.45
N GLU B 56 7.99 -15.21 -13.36
CA GLU B 56 6.52 -15.22 -13.14
C GLU B 56 5.99 -13.79 -13.21
N SER B 57 6.43 -12.93 -12.30
CA SER B 57 6.31 -11.45 -12.39
C SER B 57 7.62 -10.84 -11.86
N ILE B 58 7.56 -9.64 -11.26
CA ILE B 58 8.74 -8.76 -11.01
C ILE B 58 9.55 -9.20 -9.78
N SER B 59 8.93 -9.74 -8.71
CA SER B 59 9.65 -10.31 -7.53
C SER B 59 10.76 -11.23 -8.02
N VAL B 60 10.36 -12.30 -8.71
CA VAL B 60 11.25 -13.40 -9.20
C VAL B 60 12.36 -12.76 -10.05
N ALA B 61 12.00 -11.87 -10.99
CA ALA B 61 12.92 -11.21 -11.97
C ALA B 61 14.11 -10.55 -11.26
N ARG B 62 13.89 -9.87 -10.15
CA ARG B 62 14.92 -9.16 -9.36
C ARG B 62 15.88 -10.19 -8.73
N GLU B 63 15.34 -11.32 -8.28
CA GLU B 63 16.12 -12.40 -7.63
C GLU B 63 17.08 -13.05 -8.66
N LYS B 64 16.90 -12.75 -9.95
CA LYS B 64 17.71 -13.26 -11.09
C LYS B 64 18.77 -12.22 -11.52
N ILE B 65 18.33 -10.97 -11.69
CA ILE B 65 19.16 -9.80 -12.11
C ILE B 65 20.42 -9.73 -11.23
N ILE B 66 20.23 -9.79 -9.90
CA ILE B 66 21.33 -9.80 -8.88
C ILE B 66 22.03 -11.16 -8.96
N SER B 67 21.26 -12.26 -8.95
CA SER B 67 21.73 -13.66 -8.88
C SER B 67 22.65 -14.05 -10.05
N GLU B 68 22.47 -13.47 -11.25
CA GLU B 68 23.10 -13.98 -12.50
C GLU B 68 23.47 -12.85 -13.46
N SER B 69 24.25 -13.19 -14.46
CA SER B 69 24.80 -12.25 -15.48
C SER B 69 23.82 -12.14 -16.66
N ILE B 70 22.72 -11.41 -16.42
CA ILE B 70 21.60 -11.21 -17.39
C ILE B 70 21.95 -10.12 -18.41
N ASP B 71 22.00 -10.48 -19.69
CA ASP B 71 22.34 -9.56 -20.79
C ASP B 71 21.10 -8.73 -21.16
N VAL B 72 19.99 -9.37 -21.51
CA VAL B 72 18.82 -8.72 -22.15
C VAL B 72 17.50 -9.14 -21.50
N VAL B 73 16.54 -8.21 -21.43
CA VAL B 73 15.25 -8.35 -20.70
C VAL B 73 14.08 -8.11 -21.66
N LEU B 74 13.16 -9.10 -21.71
CA LEU B 74 11.81 -9.05 -22.32
C LEU B 74 10.77 -8.85 -21.22
N LEU B 75 9.99 -7.77 -21.32
CA LEU B 75 9.10 -7.26 -20.23
C LEU B 75 7.70 -7.07 -20.78
N ASP B 76 6.77 -8.01 -20.46
CA ASP B 76 5.30 -7.81 -20.71
C ASP B 76 4.91 -6.52 -19.98
N TRP B 77 4.40 -5.55 -20.73
CA TRP B 77 3.93 -4.26 -20.20
C TRP B 77 2.96 -4.48 -19.03
N GLU B 78 2.02 -5.43 -19.21
CA GLU B 78 0.84 -5.68 -18.34
C GLU B 78 1.15 -6.84 -17.37
N LEU B 79 1.66 -6.53 -16.18
CA LEU B 79 2.09 -7.53 -15.14
C LEU B 79 1.19 -7.42 -13.91
N PRO B 80 1.11 -8.50 -13.09
CA PRO B 80 0.17 -8.57 -11.96
C PRO B 80 0.41 -7.64 -10.75
N ASP B 81 0.76 -6.36 -10.95
CA ASP B 81 1.18 -5.46 -9.85
C ASP B 81 1.17 -4.00 -10.32
N GLY B 82 2.08 -3.65 -11.25
CA GLY B 82 2.20 -2.32 -11.85
C GLY B 82 1.97 -2.38 -13.35
N ASN B 83 1.52 -1.27 -13.94
CA ASN B 83 1.52 -1.01 -15.41
C ASN B 83 2.97 -0.70 -15.81
N GLY B 84 3.35 -1.03 -17.04
CA GLY B 84 4.72 -1.02 -17.60
C GLY B 84 5.66 0.06 -17.04
N ILE B 85 5.19 1.29 -16.82
CA ILE B 85 6.06 2.52 -16.83
C ILE B 85 6.69 2.83 -15.45
N ASP B 86 6.23 2.21 -14.36
CA ASP B 86 6.96 2.16 -13.06
C ASP B 86 7.77 0.86 -13.07
N LEU B 87 7.21 -0.23 -13.64
CA LEU B 87 7.84 -1.57 -13.84
C LEU B 87 9.21 -1.46 -14.53
N ILE B 88 9.41 -0.50 -15.44
CA ILE B 88 10.67 -0.36 -16.23
C ILE B 88 11.83 0.00 -15.29
N SER B 89 11.74 1.12 -14.58
CA SER B 89 12.80 1.67 -13.70
C SER B 89 12.99 0.79 -12.45
N ASP B 90 12.07 -0.15 -12.19
CA ASP B 90 12.19 -1.15 -11.10
C ASP B 90 13.23 -2.22 -11.45
N ILE B 91 13.50 -2.42 -12.75
CA ILE B 91 14.56 -3.36 -13.25
C ILE B 91 15.88 -2.59 -13.36
N LEU B 92 15.84 -1.34 -13.84
CA LEU B 92 17.02 -0.43 -13.97
C LEU B 92 17.77 -0.38 -12.63
N SER B 93 17.07 0.01 -11.57
CA SER B 93 17.62 0.13 -10.19
C SER B 93 18.22 -1.22 -9.74
N THR B 94 17.55 -2.35 -10.04
CA THR B 94 17.93 -3.71 -9.58
C THR B 94 19.32 -4.14 -10.08
N SER B 95 19.75 -3.66 -11.27
CA SER B 95 20.94 -4.12 -12.04
C SER B 95 22.21 -3.82 -11.24
N PRO B 96 23.17 -4.77 -11.08
CA PRO B 96 24.53 -4.42 -10.66
C PRO B 96 25.05 -3.12 -11.32
N VAL B 97 25.29 -3.06 -12.65
CA VAL B 97 25.84 -1.84 -13.33
C VAL B 97 24.79 -0.71 -13.34
N GLY B 98 23.51 -1.01 -13.09
CA GLY B 98 22.41 -0.03 -12.97
C GLY B 98 21.78 0.31 -14.31
N TRP B 99 21.91 -0.60 -15.30
CA TRP B 99 21.30 -0.47 -16.66
C TRP B 99 21.38 -1.80 -17.39
N LEU B 100 20.22 -2.31 -17.81
CA LEU B 100 20.09 -3.46 -18.75
C LEU B 100 19.30 -3.00 -19.95
N PRO B 101 19.53 -3.58 -21.15
CA PRO B 101 18.68 -3.33 -22.31
C PRO B 101 17.34 -4.07 -22.13
N ILE B 102 16.24 -3.31 -22.05
CA ILE B 102 14.86 -3.82 -21.78
C ILE B 102 14.00 -3.68 -23.04
N ILE B 103 13.56 -4.79 -23.62
CA ILE B 103 12.65 -4.79 -24.81
C ILE B 103 11.20 -4.94 -24.31
N MET B 104 10.36 -3.96 -24.66
CA MET B 104 8.91 -3.92 -24.33
C MET B 104 8.17 -4.90 -25.25
N VAL B 105 7.54 -5.91 -24.64
CA VAL B 105 6.51 -6.81 -25.24
C VAL B 105 5.15 -6.29 -24.76
N THR B 106 4.38 -5.67 -25.67
CA THR B 106 3.11 -4.97 -25.31
C THR B 106 2.05 -5.20 -26.39
N GLY B 107 0.78 -5.09 -26.03
CA GLY B 107 -0.31 -5.15 -27.00
C GLY B 107 -0.99 -3.81 -27.12
N HIS B 108 -0.22 -2.70 -27.03
CA HIS B 108 -0.78 -1.34 -26.72
C HIS B 108 -0.97 -0.52 -27.99
N THR B 109 -0.14 -0.69 -29.04
CA THR B 109 -0.38 -0.10 -30.40
C THR B 109 -0.24 1.42 -30.36
N GLU B 110 -0.93 2.10 -29.43
CA GLU B 110 -1.13 3.57 -29.42
C GLU B 110 0.20 4.27 -29.66
N PRO B 111 0.19 5.42 -30.40
CA PRO B 111 1.45 6.05 -30.79
C PRO B 111 2.29 6.33 -29.54
N GLU B 112 1.69 7.02 -28.56
CA GLU B 112 2.28 7.69 -27.39
C GLU B 112 2.63 6.64 -26.33
N TYR B 113 2.42 5.34 -26.55
CA TYR B 113 2.82 4.26 -25.61
C TYR B 113 4.25 3.84 -25.91
N PHE B 114 4.65 3.92 -27.19
CA PHE B 114 6.06 3.83 -27.67
C PHE B 114 6.89 4.94 -27.01
N LYS B 115 6.41 6.19 -27.20
CA LYS B 115 7.08 7.45 -26.82
C LYS B 115 7.19 7.55 -25.29
N ILE B 116 6.30 6.87 -24.55
CA ILE B 116 6.35 6.78 -23.07
C ILE B 116 7.45 5.79 -22.68
N ALA B 117 7.48 4.63 -23.35
CA ALA B 117 8.34 3.47 -23.04
C ALA B 117 9.81 3.82 -23.30
N ILE B 118 10.10 4.51 -24.40
CA ILE B 118 11.50 4.94 -24.70
C ILE B 118 11.87 6.01 -23.66
N GLU B 119 11.01 7.04 -23.51
CA GLU B 119 11.16 8.14 -22.51
C GLU B 119 11.57 7.55 -21.16
N ALA B 120 10.90 6.49 -20.72
CA ALA B 120 11.05 5.86 -19.38
C ALA B 120 12.29 4.98 -19.33
N GLY B 121 13.07 4.88 -20.42
CA GLY B 121 14.34 4.14 -20.47
C GLY B 121 14.17 2.67 -20.82
N ALA B 122 13.33 2.36 -21.80
CA ALA B 122 13.35 1.04 -22.46
C ALA B 122 14.37 1.16 -23.59
N THR B 123 14.99 0.03 -23.95
CA THR B 123 15.95 -0.08 -25.08
C THR B 123 15.17 -0.29 -26.38
N ASP B 124 14.07 -1.06 -26.38
CA ASP B 124 13.26 -1.31 -27.60
C ASP B 124 11.78 -1.54 -27.26
N TYR B 125 10.95 -1.60 -28.32
CA TYR B 125 9.46 -1.78 -28.24
C TYR B 125 9.04 -2.80 -29.29
N ILE B 126 8.48 -3.92 -28.85
CA ILE B 126 7.95 -5.03 -29.71
C ILE B 126 6.43 -5.08 -29.51
N THR B 127 5.70 -5.12 -30.63
CA THR B 127 4.21 -5.12 -30.74
C THR B 127 3.73 -6.58 -30.80
N LYS B 128 3.04 -7.05 -29.75
CA LYS B 128 2.45 -8.41 -29.69
C LYS B 128 1.39 -8.48 -30.80
N PRO B 129 1.20 -9.65 -31.47
CA PRO B 129 1.99 -10.85 -31.20
C PRO B 129 3.44 -10.67 -31.70
N ALA B 130 4.39 -11.10 -30.87
CA ALA B 130 5.82 -11.19 -31.23
C ALA B 130 6.00 -12.16 -32.40
N LYS B 131 6.65 -11.77 -33.50
CA LYS B 131 7.10 -12.72 -34.57
C LYS B 131 8.56 -13.15 -34.26
N GLU B 132 8.86 -14.46 -34.32
CA GLU B 132 10.18 -15.05 -33.98
C GLU B 132 11.30 -14.15 -34.50
N ILE B 133 11.24 -13.78 -35.78
CA ILE B 133 12.42 -13.29 -36.55
C ILE B 133 12.43 -11.74 -36.51
N GLU B 134 11.40 -11.09 -35.95
CA GLU B 134 11.49 -9.64 -35.63
C GLU B 134 12.02 -9.50 -34.20
N LEU B 135 11.69 -10.45 -33.33
CA LEU B 135 12.23 -10.52 -31.95
C LEU B 135 13.75 -10.72 -32.04
N LEU B 136 14.21 -11.86 -32.54
CA LEU B 136 15.66 -12.21 -32.59
C LEU B 136 16.48 -11.01 -33.11
N ALA B 137 15.95 -10.23 -34.04
CA ALA B 137 16.58 -9.01 -34.60
C ALA B 137 16.71 -7.92 -33.51
N ARG B 138 15.68 -7.71 -32.69
CA ARG B 138 15.73 -6.73 -31.55
C ARG B 138 16.72 -7.21 -30.47
N ILE B 139 16.72 -8.50 -30.14
CA ILE B 139 17.67 -9.14 -29.16
C ILE B 139 19.10 -8.93 -29.66
N PHE B 140 19.38 -9.11 -30.95
CA PHE B 140 20.69 -8.80 -31.55
C PHE B 140 20.95 -7.30 -31.39
N SER B 141 20.02 -6.46 -31.82
CA SER B 141 20.17 -4.99 -31.71
C SER B 141 20.53 -4.59 -30.26
N ALA B 142 20.02 -5.30 -29.26
CA ALA B 142 20.25 -5.00 -27.82
C ALA B 142 21.65 -5.47 -27.37
N LEU B 143 21.94 -6.75 -27.58
CA LEU B 143 23.28 -7.36 -27.32
C LEU B 143 24.40 -6.48 -27.90
N ARG B 144 24.14 -5.74 -28.99
CA ARG B 144 25.11 -4.79 -29.62
C ARG B 144 25.24 -3.59 -28.68
N ILE B 145 24.16 -2.87 -28.46
CA ILE B 145 24.10 -1.65 -27.58
C ILE B 145 24.43 -2.01 -26.10
N LYS B 146 24.47 -3.28 -25.73
CA LYS B 146 24.97 -3.74 -24.41
C LYS B 146 26.50 -3.78 -24.42
N ALA B 147 27.10 -4.58 -25.30
CA ALA B 147 28.57 -4.71 -25.43
C ALA B 147 29.24 -3.32 -25.50
N LEU B 148 28.54 -2.28 -26.00
CA LEU B 148 29.05 -0.89 -26.00
C LEU B 148 29.13 -0.35 -24.56
N HIS B 149 28.07 -0.53 -23.77
CA HIS B 149 28.04 -0.16 -22.33
C HIS B 149 29.14 -0.95 -21.62
N ASP B 150 29.32 -2.22 -21.98
CA ASP B 150 30.28 -3.16 -21.32
C ASP B 150 31.72 -2.69 -21.56
N GLN B 151 32.10 -2.32 -22.80
CA GLN B 151 33.42 -1.69 -23.12
C GLN B 151 33.62 -0.52 -22.17
N LEU B 152 32.86 0.54 -22.37
CA LEU B 152 32.97 1.81 -21.60
C LEU B 152 33.19 1.53 -20.09
N ARG B 153 32.80 0.39 -19.56
CA ARG B 153 32.88 0.11 -18.09
C ARG B 153 33.86 -1.04 -17.80
N GLU B 154 34.44 -1.74 -18.78
CA GLU B 154 35.43 -2.82 -18.51
C GLU B 154 36.84 -2.33 -18.84
N THR B 155 36.96 -1.17 -19.49
CA THR B 155 38.15 -0.50 -20.05
C THR B 155 37.73 0.96 -20.18
N ALA B 156 38.34 1.92 -19.52
CA ALA B 156 37.74 3.27 -19.47
C ALA B 156 38.14 3.84 -18.15
N ILE B 157 39.09 4.74 -18.17
CA ILE B 157 40.01 4.88 -17.01
C ILE B 157 39.54 6.01 -16.10
N ARG B 158 38.72 6.94 -16.54
CA ARG B 158 38.28 8.04 -15.65
C ARG B 158 36.91 7.66 -15.05
N ASP B 159 36.70 7.97 -13.77
CA ASP B 159 35.36 8.01 -13.14
C ASP B 159 34.53 9.10 -13.84
N VAL B 160 33.42 8.66 -14.43
CA VAL B 160 32.33 9.51 -15.01
C VAL B 160 32.07 10.73 -14.14
N MET B 161 31.65 10.48 -12.90
CA MET B 161 30.97 11.47 -12.01
C MET B 161 31.84 12.71 -11.79
N THR B 162 33.07 12.49 -11.32
CA THR B 162 34.06 13.53 -10.92
C THR B 162 34.89 14.00 -12.10
N GLY B 163 35.03 13.14 -13.12
CA GLY B 163 35.97 13.39 -14.23
C GLY B 163 37.42 13.12 -13.85
N LEU B 164 37.67 12.58 -12.66
CA LEU B 164 39.04 12.12 -12.27
C LEU B 164 39.30 10.71 -12.79
N TYR B 165 40.57 10.33 -12.84
CA TYR B 165 41.05 8.95 -13.01
C TYR B 165 40.31 8.09 -11.98
N ASN B 166 40.11 6.85 -12.36
CA ASN B 166 39.29 5.91 -11.57
C ASN B 166 40.33 5.21 -10.73
N ARG B 167 40.00 4.04 -10.20
CA ARG B 167 40.87 3.33 -9.25
C ARG B 167 41.71 2.26 -9.95
N ARG B 168 41.10 1.32 -10.67
CA ARG B 168 41.83 0.21 -11.36
C ARG B 168 43.04 0.82 -12.14
N TYR B 169 42.80 2.01 -12.68
CA TYR B 169 43.82 2.76 -13.44
C TYR B 169 44.90 3.21 -12.49
N MET B 170 44.50 3.93 -11.45
CA MET B 170 45.40 4.57 -10.47
C MET B 170 46.25 3.51 -9.75
N GLU B 171 45.75 2.29 -9.55
CA GLU B 171 46.60 1.24 -8.96
C GLU B 171 47.76 1.00 -9.90
N GLU B 172 47.50 0.79 -11.19
CA GLU B 172 48.53 0.62 -12.26
C GLU B 172 49.44 1.85 -12.31
N ARG B 173 48.83 3.03 -12.39
CA ARG B 173 49.53 4.33 -12.62
C ARG B 173 50.54 4.57 -11.47
N ILE B 174 50.13 4.38 -10.22
CA ILE B 174 51.02 4.44 -9.01
C ILE B 174 52.24 3.57 -9.28
N GLU B 175 52.09 2.26 -9.57
CA GLU B 175 53.28 1.39 -9.69
C GLU B 175 54.20 1.95 -10.78
N GLN B 176 53.66 2.53 -11.86
CA GLN B 176 54.46 3.21 -12.93
C GLN B 176 55.23 4.36 -12.29
N GLU B 177 54.52 5.36 -11.81
CA GLU B 177 55.06 6.62 -11.26
C GLU B 177 56.03 6.33 -10.13
N PHE B 178 55.92 5.19 -9.45
CA PHE B 178 56.79 4.82 -8.31
C PHE B 178 58.11 4.28 -8.86
N GLN B 179 58.02 3.21 -9.64
CA GLN B 179 59.12 2.57 -10.43
C GLN B 179 59.93 3.63 -11.18
N ARG B 180 59.28 4.66 -11.70
CA ARG B 180 59.95 5.79 -12.38
C ARG B 180 60.76 6.55 -11.36
N CYS B 181 60.15 6.97 -10.26
CA CYS B 181 60.77 7.84 -9.22
C CYS B 181 61.86 7.08 -8.45
N LYS B 182 61.68 5.77 -8.26
CA LYS B 182 62.64 4.88 -7.58
C LYS B 182 63.87 4.67 -8.48
N ARG B 183 63.71 4.45 -9.79
CA ARG B 183 64.83 4.37 -10.76
C ARG B 183 65.62 5.68 -10.80
N HIS B 184 64.97 6.86 -10.77
CA HIS B 184 65.56 8.16 -11.14
C HIS B 184 65.69 9.09 -9.93
N ASP B 185 65.84 8.49 -8.74
CA ASP B 185 66.00 9.21 -7.44
C ASP B 185 65.23 10.53 -7.49
N SER B 186 63.91 10.45 -7.53
CA SER B 186 62.99 11.60 -7.41
C SER B 186 62.23 11.50 -6.08
N LEU B 187 61.72 12.63 -5.63
CA LEU B 187 60.73 12.60 -4.56
C LEU B 187 59.41 12.16 -5.17
N LEU B 188 58.69 11.30 -4.46
CA LEU B 188 57.28 10.99 -4.77
C LEU B 188 56.49 10.94 -3.48
N SER B 189 55.54 11.88 -3.32
CA SER B 189 54.63 11.99 -2.15
C SER B 189 53.19 11.68 -2.63
N MET B 190 52.52 10.78 -1.90
CA MET B 190 51.13 10.32 -2.21
C MET B 190 50.21 10.69 -1.07
N ALA B 191 49.12 11.40 -1.34
CA ALA B 191 47.99 11.64 -0.39
C ALA B 191 46.92 10.52 -0.47
N MET B 192 46.14 10.33 0.58
CA MET B 192 44.91 9.50 0.58
C MET B 192 43.87 10.28 1.39
N ILE B 193 42.83 10.74 0.73
CA ILE B 193 41.82 11.69 1.27
C ILE B 193 40.54 10.90 1.56
N ASP B 194 39.68 11.43 2.41
CA ASP B 194 38.41 10.77 2.79
C ASP B 194 37.45 11.82 3.31
N ILE B 195 36.23 11.89 2.78
CA ILE B 195 35.28 12.96 3.18
C ILE B 195 34.73 12.59 4.56
N ASP B 196 34.61 13.59 5.40
CA ASP B 196 34.39 13.35 6.84
C ASP B 196 32.89 13.21 7.05
N LYS B 197 32.53 12.03 7.56
CA LYS B 197 31.15 11.63 7.96
C LYS B 197 30.23 11.73 6.74
N PHE B 198 30.63 11.03 5.69
CA PHE B 198 29.95 11.08 4.36
C PHE B 198 28.61 10.39 4.52
N LYS B 199 28.64 9.15 5.01
CA LYS B 199 27.43 8.35 5.36
C LYS B 199 26.35 9.30 5.88
N ASN B 200 26.71 10.16 6.83
CA ASN B 200 25.82 11.15 7.51
C ASN B 200 25.31 12.19 6.51
N ILE B 201 26.21 12.78 5.72
CA ILE B 201 25.83 13.85 4.75
C ILE B 201 24.73 13.28 3.87
N ASN B 202 24.99 12.06 3.42
CA ASN B 202 24.15 11.30 2.48
C ASN B 202 22.80 10.99 3.13
N ASP B 203 22.86 10.40 4.33
CA ASP B 203 21.67 9.96 5.08
C ASP B 203 20.82 11.17 5.42
N THR B 204 21.43 12.33 5.58
CA THR B 204 20.72 13.55 6.02
C THR B 204 20.21 14.35 4.84
N TYR B 205 20.97 14.46 3.76
CA TYR B 205 20.68 15.46 2.69
C TYR B 205 20.24 14.79 1.40
N GLY B 206 20.64 13.55 1.15
CA GLY B 206 20.14 12.74 0.02
C GLY B 206 21.29 12.20 -0.79
N HIS B 207 21.12 11.04 -1.40
CA HIS B 207 22.15 10.34 -2.24
C HIS B 207 22.52 11.35 -3.33
N GLU B 208 21.59 12.22 -3.69
CA GLU B 208 21.72 13.42 -4.57
C GLU B 208 22.84 14.35 -4.11
N ILE B 209 22.72 14.83 -2.88
CA ILE B 209 23.66 15.84 -2.29
C ILE B 209 25.00 15.13 -1.95
N GLY B 210 24.95 13.88 -1.47
CA GLY B 210 26.11 13.01 -1.34
C GLY B 210 26.99 13.16 -2.56
N ASP B 211 26.45 12.75 -3.72
CA ASP B 211 27.04 12.87 -5.08
C ASP B 211 27.52 14.30 -5.31
N GLN B 212 26.62 15.28 -5.14
CA GLN B 212 26.90 16.73 -5.38
C GLN B 212 28.17 17.19 -4.62
N VAL B 213 28.45 16.66 -3.42
CA VAL B 213 29.65 17.01 -2.59
C VAL B 213 30.86 16.38 -3.27
N ILE B 214 30.92 15.04 -3.34
CA ILE B 214 32.01 14.29 -4.03
C ILE B 214 32.46 15.12 -5.24
N LYS B 215 31.52 15.58 -6.06
CA LYS B 215 31.83 16.41 -7.24
C LYS B 215 32.60 17.64 -6.76
N GLN B 216 31.97 18.47 -5.93
CA GLN B 216 32.51 19.77 -5.43
C GLN B 216 33.91 19.58 -4.86
N LEU B 217 34.21 18.45 -4.19
CA LEU B 217 35.57 18.17 -3.64
C LEU B 217 36.54 17.93 -4.80
N ALA B 218 36.23 16.96 -5.65
CA ALA B 218 36.98 16.68 -6.90
C ALA B 218 37.30 18.01 -7.58
N HIS B 219 36.30 18.88 -7.76
CA HIS B 219 36.53 20.17 -8.45
C HIS B 219 37.62 20.97 -7.73
N GLU B 220 37.59 21.05 -6.40
CA GLU B 220 38.64 21.77 -5.62
C GLU B 220 39.98 21.09 -5.91
N LEU B 221 40.06 19.78 -5.72
CA LEU B 221 41.30 19.01 -6.02
C LEU B 221 41.84 19.36 -7.43
N LYS B 222 41.00 19.31 -8.46
CA LYS B 222 41.38 19.64 -9.86
C LYS B 222 42.00 21.04 -9.90
N THR B 223 41.32 22.07 -9.36
CA THR B 223 41.71 23.50 -9.42
C THR B 223 43.05 23.77 -8.71
N SER B 224 43.37 23.02 -7.66
CA SER B 224 44.35 23.40 -6.61
C SER B 224 45.80 23.11 -7.00
N PHE B 225 46.07 22.10 -7.82
CA PHE B 225 47.46 21.56 -7.96
C PHE B 225 48.03 21.82 -9.35
N ARG B 226 49.02 21.02 -9.72
CA ARG B 226 49.71 21.10 -11.04
C ARG B 226 49.13 20.04 -11.97
N LYS B 227 49.03 20.40 -13.25
CA LYS B 227 48.77 19.45 -14.35
C LYS B 227 49.62 18.19 -14.12
N SER B 228 50.85 18.36 -13.61
CA SER B 228 51.87 17.30 -13.42
C SER B 228 51.37 16.29 -12.38
N ASP B 229 50.60 16.77 -11.40
CA ASP B 229 50.10 15.97 -10.25
C ASP B 229 48.99 15.07 -10.74
N ILE B 230 48.83 13.90 -10.12
CA ILE B 230 47.95 12.78 -10.57
C ILE B 230 46.82 12.59 -9.55
N ILE B 231 45.75 13.38 -9.68
CA ILE B 231 44.50 13.27 -8.84
C ILE B 231 43.69 12.05 -9.27
N SER B 232 42.90 11.43 -8.41
CA SER B 232 42.09 10.23 -8.73
C SER B 232 41.03 9.96 -7.65
N ARG B 233 39.80 9.66 -8.05
CA ARG B 233 38.76 9.13 -7.15
C ARG B 233 39.10 7.65 -6.93
N PHE B 234 39.00 7.16 -5.69
CA PHE B 234 39.57 5.84 -5.35
C PHE B 234 38.54 4.90 -4.69
N GLY B 235 37.27 5.33 -4.52
CA GLY B 235 36.20 4.65 -3.78
C GLY B 235 35.04 5.59 -3.52
N GLY B 236 34.01 5.13 -2.82
CA GLY B 236 32.88 6.01 -2.46
C GLY B 236 33.34 7.44 -2.25
N GLU B 237 33.89 7.72 -1.06
CA GLU B 237 34.32 9.09 -0.69
C GLU B 237 35.86 9.19 -0.71
N GLU B 238 36.56 8.11 -1.08
CA GLU B 238 38.06 8.09 -1.10
C GLU B 238 38.52 8.86 -2.35
N PHE B 239 39.67 9.52 -2.22
CA PHE B 239 40.49 10.10 -3.30
C PHE B 239 41.96 9.82 -2.98
N VAL B 240 42.82 9.95 -3.99
CA VAL B 240 44.28 9.70 -3.88
C VAL B 240 44.95 10.76 -4.76
N ILE B 241 45.99 11.44 -4.28
CA ILE B 241 46.82 12.31 -5.14
C ILE B 241 48.24 11.74 -5.15
N LEU B 242 48.92 11.80 -6.31
CA LEU B 242 50.39 11.62 -6.47
C LEU B 242 51.04 12.98 -6.77
N PHE B 243 52.04 13.35 -5.99
CA PHE B 243 52.84 14.59 -6.14
C PHE B 243 54.26 14.19 -6.54
N PRO B 244 54.50 13.92 -7.84
CA PRO B 244 55.83 13.52 -8.26
C PRO B 244 56.74 14.75 -8.06
N GLU B 245 57.98 14.50 -7.64
CA GLU B 245 59.02 15.53 -7.42
C GLU B 245 58.69 16.33 -6.16
N THR B 246 57.77 15.86 -5.32
CA THR B 246 57.36 16.65 -4.14
C THR B 246 57.68 15.83 -2.90
N GLY B 247 58.15 16.52 -1.85
CA GLY B 247 58.55 15.91 -0.57
C GLY B 247 57.39 15.94 0.40
N VAL B 248 57.46 15.16 1.48
CA VAL B 248 56.28 14.89 2.38
C VAL B 248 55.77 16.22 2.94
N VAL B 249 56.67 17.11 3.36
CA VAL B 249 56.26 18.40 4.00
C VAL B 249 55.45 19.21 2.99
N ASP B 250 56.07 19.54 1.87
CA ASP B 250 55.46 20.41 0.83
C ASP B 250 54.08 19.81 0.48
N ALA B 251 54.02 18.50 0.27
CA ALA B 251 52.76 17.78 -0.01
C ALA B 251 51.73 18.17 1.05
N THR B 252 52.06 17.94 2.32
CA THR B 252 51.21 18.27 3.48
C THR B 252 50.80 19.74 3.40
N ARG B 253 51.75 20.68 3.30
CA ARG B 253 51.46 22.14 3.31
C ARG B 253 50.29 22.43 2.37
N ILE B 254 50.42 22.00 1.11
CA ILE B 254 49.48 22.38 0.01
C ILE B 254 48.17 21.61 0.21
N LEU B 255 48.24 20.32 0.54
CA LEU B 255 47.03 19.49 0.79
C LEU B 255 46.24 20.10 1.94
N ASP B 256 46.94 20.54 2.98
CA ASP B 256 46.31 21.18 4.17
C ASP B 256 45.65 22.48 3.71
N ARG B 257 46.24 23.21 2.75
CA ARG B 257 45.74 24.55 2.35
C ARG B 257 44.37 24.36 1.73
N VAL B 258 44.19 23.25 1.02
CA VAL B 258 42.92 22.88 0.34
C VAL B 258 41.91 22.49 1.44
N ARG B 259 42.30 21.51 2.27
CA ARG B 259 41.50 20.98 3.40
C ARG B 259 40.79 22.15 4.10
N GLU B 260 41.51 23.25 4.29
CA GLU B 260 41.00 24.52 4.84
C GLU B 260 39.92 25.08 3.94
N ASN B 261 40.21 25.29 2.65
CA ASN B 261 39.26 26.01 1.76
C ASN B 261 37.96 25.21 1.60
N VAL B 262 38.08 23.90 1.45
CA VAL B 262 36.93 22.94 1.55
C VAL B 262 36.15 23.18 2.85
N SER B 263 36.82 23.12 4.01
CA SER B 263 36.20 23.39 5.32
C SER B 263 35.28 24.62 5.16
N LYS B 264 35.80 25.71 4.59
CA LYS B 264 35.09 27.02 4.52
C LYS B 264 33.98 27.01 3.46
N LEU B 265 33.81 25.94 2.69
CA LEU B 265 32.85 25.89 1.55
C LEU B 265 31.42 25.73 2.05
N GLU B 266 30.57 26.68 1.62
CA GLU B 266 29.09 26.73 1.86
C GLU B 266 28.35 25.90 0.82
N MET B 267 27.96 24.68 1.17
CA MET B 267 27.07 23.79 0.37
C MET B 267 25.60 24.06 0.69
N LYS B 268 24.69 23.66 -0.20
CA LYS B 268 23.22 23.79 -0.03
C LYS B 268 22.61 22.39 0.11
N SER B 269 21.64 22.25 1.02
CA SER B 269 21.05 20.93 1.39
C SER B 269 19.86 20.66 0.48
N ASP B 270 19.36 19.42 0.55
CA ASP B 270 17.93 18.99 0.34
C ASP B 270 17.04 20.25 0.29
N THR B 271 17.04 21.02 1.38
CA THR B 271 16.09 22.10 1.75
C THR B 271 16.56 23.49 1.29
N ASP B 272 17.80 23.62 0.82
CA ASP B 272 18.48 24.91 0.54
C ASP B 272 18.96 25.52 1.86
N GLN B 273 19.33 24.66 2.81
CA GLN B 273 20.13 24.98 4.03
C GLN B 273 21.61 25.02 3.66
N ILE B 274 22.38 26.02 4.11
CA ILE B 274 23.86 25.99 3.99
C ILE B 274 24.40 24.94 4.95
N PHE B 275 25.43 24.18 4.53
CA PHE B 275 26.19 23.26 5.43
C PHE B 275 27.63 23.17 4.90
N HIS B 276 28.58 22.84 5.77
CA HIS B 276 30.03 22.73 5.45
C HIS B 276 30.42 21.24 5.56
N PHE B 277 31.54 20.88 4.97
CA PHE B 277 32.08 19.50 5.09
C PHE B 277 33.59 19.65 5.02
N THR B 278 34.28 18.60 5.42
CA THR B 278 35.75 18.58 5.54
C THR B 278 36.28 17.22 5.12
N PHE B 279 37.59 17.14 4.86
CA PHE B 279 38.23 15.82 4.64
C PHE B 279 39.44 15.64 5.57
N SER B 280 39.68 14.37 5.88
CA SER B 280 40.88 13.83 6.56
C SER B 280 41.82 13.34 5.48
N GLY B 281 43.12 13.44 5.75
CA GLY B 281 44.22 13.06 4.85
C GLY B 281 45.38 12.46 5.61
N GLY B 282 45.86 11.31 5.13
CA GLY B 282 47.26 10.85 5.28
C GLY B 282 48.10 11.12 4.03
N VAL B 283 49.27 11.75 4.16
CA VAL B 283 50.32 11.77 3.09
C VAL B 283 51.47 10.87 3.55
N ALA B 284 52.22 10.37 2.58
CA ALA B 284 53.25 9.33 2.73
C ALA B 284 54.22 9.42 1.53
N GLY B 285 55.46 8.94 1.74
CA GLY B 285 56.55 8.88 0.76
C GLY B 285 57.55 10.01 0.98
N GLY B 286 57.65 10.91 -0.01
CA GLY B 286 58.76 11.87 -0.20
C GLY B 286 60.00 11.15 -0.70
N ASP B 287 60.82 10.65 0.23
CA ASP B 287 62.12 10.03 -0.08
C ASP B 287 61.97 8.72 -0.89
N LEU B 288 61.53 7.61 -0.29
CA LEU B 288 61.31 6.30 -0.99
C LEU B 288 62.45 5.31 -0.69
N SER B 289 63.54 5.73 -0.06
CA SER B 289 64.72 4.84 0.16
C SER B 289 64.30 3.63 0.98
N ASP B 290 63.43 3.83 1.95
CA ASP B 290 63.05 2.77 2.93
C ASP B 290 61.79 2.06 2.41
N ILE B 291 61.04 2.69 1.51
CA ILE B 291 59.80 2.09 0.93
C ILE B 291 60.20 1.23 -0.29
N GLN B 292 59.89 -0.09 -0.27
CA GLN B 292 60.25 -1.05 -1.35
C GLN B 292 59.09 -1.26 -2.32
N SER B 293 58.02 -1.93 -1.90
CA SER B 293 56.74 -2.09 -2.65
C SER B 293 56.09 -0.71 -2.92
N ASN B 294 55.32 -0.57 -3.99
CA ASN B 294 54.44 0.61 -4.23
C ASN B 294 53.19 0.46 -3.36
N GLN B 295 52.91 -0.78 -2.99
CA GLN B 295 51.76 -1.21 -2.20
C GLN B 295 52.02 -0.86 -0.72
N GLU B 296 53.28 -0.78 -0.33
CA GLU B 296 53.71 -0.27 1.00
C GLU B 296 53.44 1.24 1.06
N LEU B 297 53.80 1.99 0.03
CA LEU B 297 53.60 3.46 -0.03
C LEU B 297 52.10 3.76 0.19
N LEU B 298 51.22 2.85 -0.19
CA LEU B 298 49.76 2.94 0.07
C LEU B 298 49.44 2.71 1.55
N LYS B 299 49.89 1.56 2.13
CA LYS B 299 49.68 1.12 3.54
C LYS B 299 49.91 2.31 4.48
N ILE B 300 50.95 3.09 4.17
CA ILE B 300 51.42 4.24 4.97
C ILE B 300 50.35 5.33 4.89
N ALA B 301 50.01 5.76 3.68
CA ALA B 301 49.04 6.86 3.46
C ALA B 301 47.76 6.52 4.23
N ASP B 302 47.38 5.25 4.26
CA ASP B 302 46.17 4.69 4.91
C ASP B 302 46.34 4.78 6.43
N LYS B 303 47.32 4.10 7.01
CA LYS B 303 47.63 4.23 8.45
C LYS B 303 47.57 5.69 8.84
N ASN B 304 48.01 6.61 8.00
CA ASN B 304 48.03 8.05 8.35
C ASN B 304 46.66 8.69 8.22
N LEU B 305 45.86 8.26 7.25
CA LEU B 305 44.46 8.71 7.15
C LEU B 305 43.68 8.19 8.37
N TYR B 306 44.07 7.04 8.91
CA TYR B 306 43.39 6.44 10.10
C TYR B 306 43.54 7.42 11.28
N GLU B 307 44.79 7.71 11.66
CA GLU B 307 45.18 8.73 12.67
C GLU B 307 44.45 10.03 12.38
N ALA B 308 44.44 10.49 11.14
CA ALA B 308 43.82 11.79 10.80
C ALA B 308 42.38 11.79 11.31
N LYS B 309 41.64 10.72 11.03
CA LYS B 309 40.22 10.57 11.44
C LYS B 309 40.14 10.32 12.93
N SER B 310 40.88 9.31 13.39
CA SER B 310 40.95 8.87 14.80
C SER B 310 41.24 10.04 15.77
N SER B 311 41.62 11.20 15.26
CA SER B 311 42.09 12.37 16.04
C SER B 311 41.23 13.59 15.72
N GLY B 312 39.98 13.37 15.28
CA GLY B 312 38.99 14.45 15.04
C GLY B 312 39.04 15.00 13.62
N ARG B 313 39.45 14.17 12.67
CA ARG B 313 39.07 14.30 11.24
C ARG B 313 39.71 15.55 10.60
N ASN B 314 39.04 16.71 10.50
CA ASN B 314 39.43 17.79 9.56
C ASN B 314 40.91 18.15 9.74
N GLN B 315 41.84 17.37 9.17
CA GLN B 315 43.31 17.52 9.32
C GLN B 315 44.10 16.50 8.47
N ILE B 316 45.30 16.90 8.02
CA ILE B 316 46.32 16.03 7.33
C ILE B 316 47.28 15.40 8.35
N ILE B 317 47.71 14.16 8.12
CA ILE B 317 48.70 13.45 9.01
C ILE B 317 49.84 12.86 8.17
N SER B 318 51.08 13.13 8.65
CA SER B 318 52.42 12.74 8.11
C SER B 318 53.44 13.32 9.09
N ARG C 26 10.50 4.34 56.55
CA ARG C 26 10.61 4.79 57.93
C ARG C 26 12.07 4.95 58.34
N LYS C 27 12.93 5.24 57.36
CA LYS C 27 14.35 5.42 57.62
C LYS C 27 14.79 6.83 57.24
N ILE C 28 15.49 7.50 58.16
CA ILE C 28 15.98 8.89 57.92
C ILE C 28 17.45 9.00 58.23
N LEU C 29 18.20 9.62 57.30
CA LEU C 29 19.67 9.82 57.37
C LEU C 29 19.93 11.30 57.61
N ILE C 30 20.69 11.61 58.67
CA ILE C 30 21.01 12.99 59.13
C ILE C 30 22.49 13.28 58.83
N ILE C 31 22.72 14.34 58.04
CA ILE C 31 24.07 14.90 57.75
C ILE C 31 24.18 16.22 58.53
N GLU C 32 25.12 16.32 59.48
CA GLU C 32 25.47 17.54 60.29
C GLU C 32 26.91 17.39 60.81
N ASP C 33 27.79 18.35 60.52
CA ASP C 33 29.21 18.33 60.94
C ASP C 33 29.27 18.26 62.47
N SER C 34 28.46 19.07 63.18
CA SER C 34 28.48 19.19 64.66
C SER C 34 27.78 17.98 65.29
N GLU C 35 28.46 17.29 66.22
CA GLU C 35 27.94 16.06 66.90
C GLU C 35 26.69 16.36 67.73
N LEU C 36 26.66 17.49 68.42
CA LEU C 36 25.56 17.88 69.35
C LEU C 36 24.25 18.10 68.57
N GLN C 37 24.27 19.06 67.61
CA GLN C 37 23.13 19.37 66.70
C GLN C 37 22.59 18.08 66.10
N ARG C 38 23.50 17.25 65.57
CA ARG C 38 23.21 15.99 64.84
C ARG C 38 22.54 14.99 65.78
N LYS C 39 23.03 14.81 67.00
CA LYS C 39 22.51 13.72 67.87
C LYS C 39 21.24 14.19 68.60
N LEU C 40 20.94 15.49 68.60
CA LEU C 40 19.64 16.05 69.08
C LEU C 40 18.53 15.62 68.11
N LEU C 41 18.70 15.98 66.82
CA LEU C 41 17.87 15.54 65.68
C LEU C 41 17.68 14.02 65.76
N SER C 42 18.80 13.29 65.81
CA SER C 42 18.88 11.81 65.89
C SER C 42 17.87 11.25 66.91
N ARG C 43 17.65 11.92 68.05
CA ARG C 43 16.71 11.41 69.09
C ARG C 43 15.26 11.78 68.71
N TRP C 44 15.00 13.07 68.40
CA TRP C 44 13.69 13.57 67.92
C TRP C 44 13.09 12.62 66.87
N VAL C 45 13.93 12.18 65.92
CA VAL C 45 13.60 11.21 64.84
C VAL C 45 13.13 9.90 65.48
N SER C 46 14.08 9.15 66.09
CA SER C 46 13.87 7.75 66.55
C SER C 46 12.88 7.70 67.73
N LYS C 47 12.51 8.85 68.30
CA LYS C 47 11.44 8.98 69.31
C LYS C 47 10.06 8.80 68.67
N ASN C 48 9.93 9.08 67.37
CA ASN C 48 8.67 9.02 66.58
C ASN C 48 8.71 7.82 65.61
N GLY C 49 9.05 6.64 66.13
CA GLY C 49 8.92 5.31 65.47
C GLY C 49 9.73 5.22 64.19
N TYR C 50 10.70 6.12 64.00
CA TYR C 50 11.55 6.23 62.79
C TYR C 50 12.90 5.61 63.05
N ILE C 51 13.70 5.49 61.99
CA ILE C 51 15.09 4.94 62.06
C ILE C 51 16.12 6.05 61.76
N ALA C 52 16.81 6.52 62.79
CA ALA C 52 17.83 7.60 62.70
C ALA C 52 19.12 7.01 62.14
N ILE C 53 19.81 7.73 61.24
CA ILE C 53 21.10 7.29 60.64
C ILE C 53 22.02 8.50 60.51
N GLU C 54 23.12 8.50 61.26
CA GLU C 54 23.99 9.68 61.45
C GLU C 54 25.07 9.70 60.36
N ALA C 55 25.48 10.90 59.94
CA ALA C 55 26.59 11.14 59.00
C ALA C 55 27.48 12.32 59.46
N GLU C 56 28.79 12.09 59.67
CA GLU C 56 29.79 13.10 60.12
C GLU C 56 29.81 14.26 59.12
N SER C 57 30.19 13.97 57.86
CA SER C 57 29.97 14.84 56.68
C SER C 57 29.52 13.95 55.49
N ILE C 58 29.81 14.37 54.26
CA ILE C 58 29.23 13.82 52.98
C ILE C 58 29.87 12.47 52.59
N SER C 59 31.16 12.25 52.85
CA SER C 59 31.87 10.96 52.64
C SER C 59 30.99 9.85 53.22
N VAL C 60 30.81 9.90 54.54
CA VAL C 60 30.12 8.88 55.37
C VAL C 60 28.71 8.71 54.80
N ALA C 61 27.98 9.79 54.52
CA ALA C 61 26.57 9.81 54.04
C ALA C 61 26.38 8.91 52.81
N ARG C 62 27.31 8.95 51.85
CA ARG C 62 27.26 8.14 50.61
C ARG C 62 27.46 6.65 50.97
N GLU C 63 28.32 6.36 51.94
CA GLU C 63 28.62 4.98 52.43
C GLU C 63 27.37 4.37 53.07
N LYS C 64 26.36 5.18 53.36
CA LYS C 64 25.06 4.78 53.97
C LYS C 64 23.97 4.60 52.89
N ILE C 65 23.86 5.58 51.99
CA ILE C 65 22.90 5.62 50.84
C ILE C 65 22.98 4.29 50.06
N ILE C 66 24.21 3.86 49.72
CA ILE C 66 24.51 2.54 49.07
C ILE C 66 24.26 1.40 50.08
N SER C 67 24.81 1.54 51.27
CA SER C 67 24.85 0.50 52.35
C SER C 67 23.45 0.09 52.83
N GLU C 68 22.46 1.00 52.78
CA GLU C 68 21.16 0.81 53.48
C GLU C 68 20.00 1.43 52.68
N SER C 69 18.78 1.14 53.12
CA SER C 69 17.53 1.46 52.42
C SER C 69 17.01 2.85 52.84
N ILE C 70 17.71 3.93 52.47
CA ILE C 70 17.49 5.32 53.01
C ILE C 70 16.30 6.03 52.32
N ASP C 71 15.26 6.35 53.09
CA ASP C 71 14.03 6.98 52.57
C ASP C 71 14.25 8.48 52.41
N VAL C 72 14.65 9.15 53.50
CA VAL C 72 14.63 10.65 53.59
C VAL C 72 15.96 11.16 54.18
N VAL C 73 16.39 12.33 53.69
CA VAL C 73 17.72 12.94 53.97
C VAL C 73 17.56 14.34 54.57
N LEU C 74 18.20 14.57 55.72
CA LEU C 74 18.45 15.90 56.36
C LEU C 74 19.90 16.30 56.10
N LEU C 75 20.09 17.46 55.47
CA LEU C 75 21.40 17.93 54.93
C LEU C 75 21.70 19.33 55.48
N ASP C 76 22.60 19.44 56.48
CA ASP C 76 23.16 20.76 56.92
C ASP C 76 23.79 21.39 55.68
N TRP C 77 23.29 22.57 55.31
CA TRP C 77 23.77 23.36 54.15
C TRP C 77 25.30 23.53 54.24
N GLU C 78 25.80 23.84 55.44
CA GLU C 78 27.19 24.28 55.73
C GLU C 78 28.00 23.07 56.25
N LEU C 79 28.65 22.32 55.35
CA LEU C 79 29.43 21.10 55.70
C LEU C 79 30.91 21.32 55.42
N PRO C 80 31.78 20.54 56.10
CA PRO C 80 33.24 20.71 56.01
C PRO C 80 33.93 20.45 54.66
N ASP C 81 33.37 20.88 53.51
CA ASP C 81 33.91 20.48 52.17
C ASP C 81 33.32 21.37 51.09
N GLY C 82 32.00 21.27 50.86
CA GLY C 82 31.24 22.08 49.89
C GLY C 82 30.16 22.88 50.60
N ASN C 83 29.76 24.03 50.03
CA ASN C 83 28.50 24.78 50.37
C ASN C 83 27.34 23.99 49.76
N GLY C 84 26.16 24.07 50.40
CA GLY C 84 24.93 23.30 50.11
C GLY C 84 24.73 22.87 48.65
N ILE C 85 24.99 23.75 47.67
CA ILE C 85 24.34 23.72 46.32
C ILE C 85 25.09 22.82 45.31
N ASP C 86 26.34 22.37 45.59
CA ASP C 86 26.98 21.22 44.89
C ASP C 86 26.67 19.96 45.71
N LEU C 87 26.68 20.09 47.05
CA LEU C 87 26.36 19.04 48.07
C LEU C 87 25.03 18.35 47.77
N ILE C 88 24.02 19.06 47.22
CA ILE C 88 22.64 18.52 47.00
C ILE C 88 22.71 17.42 45.93
N SER C 89 23.18 17.74 44.71
CA SER C 89 23.20 16.82 43.55
C SER C 89 24.22 15.70 43.76
N ASP C 90 25.11 15.82 44.76
CA ASP C 90 26.09 14.77 45.15
C ASP C 90 25.36 13.61 45.85
N ILE C 91 24.19 13.86 46.45
CA ILE C 91 23.34 12.84 47.11
C ILE C 91 22.36 12.26 46.08
N LEU C 92 21.79 13.12 45.20
CA LEU C 92 20.88 12.73 44.09
C LEU C 92 21.51 11.59 43.27
N SER C 93 22.72 11.83 42.74
CA SER C 93 23.51 10.86 41.94
C SER C 93 23.74 9.57 42.75
N THR C 94 24.06 9.67 44.04
CA THR C 94 24.45 8.52 44.92
C THR C 94 23.30 7.49 45.07
N SER C 95 22.03 7.93 44.98
CA SER C 95 20.78 7.15 45.24
C SER C 95 20.66 5.97 44.27
N PRO C 96 20.36 4.74 44.75
CA PRO C 96 19.85 3.68 43.87
C PRO C 96 18.89 4.19 42.78
N VAL C 97 17.67 4.66 43.09
CA VAL C 97 16.66 5.12 42.08
C VAL C 97 17.11 6.44 41.41
N GLY C 98 18.09 7.15 42.00
CA GLY C 98 18.66 8.39 41.46
C GLY C 98 17.86 9.63 41.85
N TRP C 99 17.08 9.55 42.95
CA TRP C 99 16.29 10.66 43.53
C TRP C 99 15.82 10.28 44.94
N LEU C 100 16.22 11.08 45.93
CA LEU C 100 15.72 10.99 47.32
C LEU C 100 15.08 12.33 47.68
N PRO C 101 14.08 12.32 48.59
CA PRO C 101 13.57 13.54 49.18
C PRO C 101 14.58 14.08 50.20
N ILE C 102 15.14 15.26 49.91
CA ILE C 102 16.22 15.91 50.71
C ILE C 102 15.66 17.15 51.39
N ILE C 103 15.65 17.15 52.73
CA ILE C 103 15.24 18.32 53.54
C ILE C 103 16.47 19.16 53.92
N MET C 104 16.47 20.44 53.53
CA MET C 104 17.54 21.43 53.84
C MET C 104 17.41 21.88 55.31
N VAL C 105 18.46 21.62 56.09
CA VAL C 105 18.72 22.16 57.45
C VAL C 105 19.74 23.29 57.30
N THR C 106 19.32 24.55 57.42
CA THR C 106 20.15 25.76 57.09
C THR C 106 19.92 26.88 58.12
N GLY C 107 20.83 27.83 58.24
CA GLY C 107 20.61 29.04 59.05
C GLY C 107 20.44 30.27 58.19
N HIS C 108 19.80 30.14 57.03
CA HIS C 108 19.88 31.12 55.92
C HIS C 108 18.68 32.09 55.90
N THR C 109 17.47 31.68 56.33
CA THR C 109 16.30 32.58 56.58
C THR C 109 15.76 33.20 55.27
N GLU C 110 16.62 33.85 54.49
CA GLU C 110 16.23 34.76 53.36
C GLU C 110 15.18 34.06 52.48
N PRO C 111 14.20 34.80 51.91
CA PRO C 111 13.18 34.20 51.05
C PRO C 111 13.85 33.39 49.91
N GLU C 112 14.77 34.02 49.19
CA GLU C 112 15.36 33.52 47.91
C GLU C 112 16.39 32.39 48.14
N TYR C 113 16.64 32.00 49.41
CA TYR C 113 17.57 30.89 49.75
C TYR C 113 16.79 29.57 49.75
N PHE C 114 15.50 29.65 50.10
CA PHE C 114 14.48 28.60 49.88
C PHE C 114 14.36 28.27 48.38
N LYS C 115 14.11 29.32 47.59
CA LYS C 115 13.83 29.28 46.13
C LYS C 115 15.08 28.77 45.37
N ILE C 116 16.27 28.96 45.95
CA ILE C 116 17.54 28.44 45.39
C ILE C 116 17.64 26.94 45.67
N ALA C 117 17.31 26.55 46.91
CA ALA C 117 17.42 25.17 47.45
C ALA C 117 16.45 24.24 46.72
N ILE C 118 15.22 24.71 46.50
CA ILE C 118 14.21 23.93 45.73
C ILE C 118 14.70 23.83 44.28
N GLU C 119 15.05 24.97 43.66
CA GLU C 119 15.61 25.07 42.28
C GLU C 119 16.68 24.00 42.08
N ALA C 120 17.58 23.84 43.06
CA ALA C 120 18.75 22.93 43.00
C ALA C 120 18.35 21.47 43.29
N GLY C 121 17.06 21.20 43.49
CA GLY C 121 16.50 19.84 43.63
C GLY C 121 16.48 19.34 45.08
N ALA C 122 16.11 20.21 46.03
CA ALA C 122 15.72 19.77 47.38
C ALA C 122 14.24 19.46 47.33
N THR C 123 13.75 18.60 48.24
CA THR C 123 12.31 18.33 48.46
C THR C 123 11.74 19.39 49.43
N ASP C 124 12.48 19.81 50.46
CA ASP C 124 11.96 20.70 51.54
C ASP C 124 13.10 21.51 52.18
N TYR C 125 12.75 22.38 53.13
CA TYR C 125 13.58 23.45 53.75
C TYR C 125 13.14 23.60 55.20
N ILE C 126 14.07 23.39 56.14
CA ILE C 126 13.96 23.63 57.61
C ILE C 126 14.93 24.76 57.99
N THR C 127 14.48 25.74 58.81
CA THR C 127 15.31 26.85 59.36
C THR C 127 15.85 26.45 60.74
N LYS C 128 17.17 26.25 60.85
CA LYS C 128 17.88 26.04 62.14
C LYS C 128 17.67 27.29 62.97
N PRO C 129 17.54 27.16 64.31
CA PRO C 129 17.51 25.85 64.97
C PRO C 129 16.19 25.11 64.69
N ALA C 130 16.32 23.81 64.45
CA ALA C 130 15.21 22.85 64.28
C ALA C 130 14.35 22.76 65.55
N LYS C 131 13.04 23.00 65.46
CA LYS C 131 12.02 22.66 66.50
C LYS C 131 11.46 21.23 66.23
N GLU C 132 11.34 20.39 67.27
CA GLU C 132 10.85 18.98 67.18
C GLU C 132 9.65 18.91 66.21
N ILE C 133 8.67 19.79 66.39
CA ILE C 133 7.34 19.63 65.76
C ILE C 133 7.29 20.35 64.41
N GLU C 134 8.33 21.09 64.01
CA GLU C 134 8.47 21.58 62.62
C GLU C 134 9.23 20.54 61.82
N LEU C 135 10.18 19.84 62.45
CA LEU C 135 10.91 18.72 61.84
C LEU C 135 9.92 17.60 61.49
N LEU C 136 9.32 16.96 62.49
CA LEU C 136 8.45 15.76 62.30
C LEU C 136 7.47 16.02 61.16
N ALA C 137 6.97 17.26 61.07
CA ALA C 137 6.03 17.73 60.03
C ALA C 137 6.69 17.66 58.64
N ARG C 138 7.94 18.09 58.48
CA ARG C 138 8.68 18.04 57.19
C ARG C 138 8.98 16.60 56.80
N ILE C 139 9.39 15.75 57.73
CA ILE C 139 9.64 14.31 57.49
C ILE C 139 8.36 13.65 56.96
N PHE C 140 7.21 13.95 57.58
CA PHE C 140 5.89 13.49 57.09
C PHE C 140 5.65 14.06 55.69
N SER C 141 5.79 15.37 55.55
CA SER C 141 5.55 16.06 54.27
C SER C 141 6.37 15.39 53.17
N ALA C 142 7.58 14.90 53.46
CA ALA C 142 8.50 14.30 52.47
C ALA C 142 8.07 12.89 52.12
N LEU C 143 7.94 12.02 53.13
CA LEU C 143 7.46 10.62 52.97
C LEU C 143 6.19 10.60 52.09
N ARG C 144 5.37 11.65 52.13
CA ARG C 144 4.11 11.74 51.32
C ARG C 144 4.54 12.00 49.87
N ILE C 145 5.22 13.11 49.63
CA ILE C 145 5.71 13.55 48.29
C ILE C 145 6.75 12.56 47.72
N LYS C 146 7.25 11.59 48.51
CA LYS C 146 8.06 10.45 48.00
C LYS C 146 7.11 9.37 47.48
N ALA C 147 6.28 8.78 48.33
CA ALA C 147 5.29 7.74 47.94
C ALA C 147 4.44 8.26 46.76
N LEU C 148 4.24 9.57 46.67
CA LEU C 148 3.55 10.26 45.54
C LEU C 148 4.38 10.12 44.27
N HIS C 149 5.70 10.40 44.32
CA HIS C 149 6.62 10.22 43.18
C HIS C 149 6.63 8.74 42.79
N ASP C 150 6.58 7.84 43.76
CA ASP C 150 6.65 6.36 43.56
C ASP C 150 5.41 5.89 42.76
N GLN C 151 4.20 6.30 43.18
CA GLN C 151 2.93 6.06 42.42
C GLN C 151 3.15 6.51 40.97
N LEU C 152 3.23 7.82 40.76
CA LEU C 152 3.34 8.49 39.44
C LEU C 152 4.25 7.66 38.52
N ARG C 153 5.27 6.96 39.04
CA ARG C 153 6.31 6.31 38.18
C ARG C 153 6.29 4.79 38.41
N GLU C 154 5.29 4.24 39.06
CA GLU C 154 4.90 2.82 38.94
C GLU C 154 3.65 2.69 38.04
N THR C 155 3.25 3.77 37.36
CA THR C 155 2.11 3.72 36.41
C THR C 155 2.47 4.31 35.06
N ALA C 156 1.66 4.06 34.04
CA ALA C 156 1.90 4.55 32.66
C ALA C 156 1.30 5.95 32.60
N ILE C 157 2.09 6.96 32.87
CA ILE C 157 1.70 8.34 32.55
C ILE C 157 2.54 8.75 31.36
N ARG C 158 2.04 9.82 30.78
CA ARG C 158 2.74 10.76 29.89
C ARG C 158 3.60 11.69 30.74
N ASP C 159 4.93 11.74 30.52
CA ASP C 159 5.78 12.72 31.25
C ASP C 159 5.43 14.12 30.73
N VAL C 160 4.96 14.96 31.66
CA VAL C 160 4.71 16.43 31.50
C VAL C 160 5.82 17.05 30.64
N MET C 161 7.05 16.98 31.16
CA MET C 161 8.20 17.83 30.75
C MET C 161 8.52 17.65 29.27
N THR C 162 8.74 16.41 28.83
CA THR C 162 9.14 16.02 27.46
C THR C 162 7.93 15.87 26.54
N GLY C 163 6.76 15.57 27.10
CA GLY C 163 5.58 15.21 26.30
C GLY C 163 5.63 13.76 25.83
N LEU C 164 6.66 12.99 26.16
CA LEU C 164 6.68 11.53 25.82
C LEU C 164 6.01 10.74 26.93
N TYR C 165 5.58 9.52 26.65
CA TYR C 165 5.12 8.62 27.73
C TYR C 165 6.31 8.35 28.61
N ASN C 166 6.02 8.02 29.84
CA ASN C 166 7.00 7.61 30.86
C ASN C 166 7.46 6.17 30.55
N ARG C 167 8.03 5.54 31.57
CA ARG C 167 8.76 4.26 31.51
C ARG C 167 7.79 3.10 31.79
N ARG C 168 7.04 3.06 32.91
CA ARG C 168 6.18 1.86 33.11
C ARG C 168 5.20 1.72 31.97
N TYR C 169 4.97 2.77 31.17
CA TYR C 169 4.28 2.68 29.86
C TYR C 169 5.04 1.72 28.94
N MET C 170 6.27 2.10 28.67
CA MET C 170 7.14 1.40 27.69
C MET C 170 7.46 -0.01 28.19
N GLU C 171 7.49 -0.26 29.50
CA GLU C 171 7.68 -1.64 30.00
C GLU C 171 6.53 -2.46 29.48
N GLU C 172 5.30 -1.97 29.69
CA GLU C 172 4.04 -2.63 29.26
C GLU C 172 4.06 -2.78 27.75
N ARG C 173 4.33 -1.66 27.08
CA ARG C 173 4.20 -1.51 25.60
C ARG C 173 5.11 -2.52 24.91
N ILE C 174 6.37 -2.61 25.34
CA ILE C 174 7.38 -3.62 24.89
C ILE C 174 6.73 -5.00 24.92
N GLU C 175 6.30 -5.46 26.08
CA GLU C 175 5.83 -6.87 26.18
C GLU C 175 4.67 -7.10 25.21
N GLN C 176 3.82 -6.08 24.97
CA GLN C 176 2.72 -6.14 23.96
C GLN C 176 3.37 -6.35 22.58
N GLU C 177 4.11 -5.34 22.16
CA GLU C 177 4.71 -5.22 20.81
C GLU C 177 5.59 -6.43 20.51
N PHE C 178 6.11 -7.09 21.53
CA PHE C 178 7.03 -8.24 21.35
C PHE C 178 6.19 -9.48 21.08
N GLN C 179 5.32 -9.83 22.03
CA GLN C 179 4.29 -10.89 21.94
C GLN C 179 3.53 -10.84 20.62
N ARG C 180 3.23 -9.64 20.14
CA ARG C 180 2.58 -9.46 18.83
C ARG C 180 3.52 -9.93 17.73
N CYS C 181 4.75 -9.41 17.72
CA CYS C 181 5.79 -9.66 16.67
C CYS C 181 6.26 -11.12 16.71
N LYS C 182 6.33 -11.70 17.88
CA LYS C 182 6.75 -13.11 18.10
C LYS C 182 5.66 -14.06 17.61
N ARG C 183 4.38 -13.79 17.88
CA ARG C 183 3.24 -14.56 17.29
C ARG C 183 3.22 -14.49 15.75
N HIS C 184 3.49 -13.33 15.13
CA HIS C 184 3.22 -13.05 13.70
C HIS C 184 4.51 -12.89 12.88
N ASP C 185 5.58 -13.57 13.30
CA ASP C 185 6.93 -13.52 12.66
C ASP C 185 7.17 -12.14 12.03
N SER C 186 7.30 -11.10 12.85
CA SER C 186 7.69 -9.72 12.44
C SER C 186 9.08 -9.37 12.94
N LEU C 187 9.72 -8.43 12.25
CA LEU C 187 10.96 -7.81 12.76
C LEU C 187 10.54 -6.85 13.86
N LEU C 188 11.29 -6.86 14.97
CA LEU C 188 11.18 -5.82 16.00
C LEU C 188 12.58 -5.44 16.48
N SER C 189 13.00 -4.19 16.24
CA SER C 189 14.31 -3.62 16.64
C SER C 189 14.09 -2.52 17.70
N MET C 190 14.80 -2.63 18.83
CA MET C 190 14.64 -1.73 20.01
C MET C 190 15.96 -1.01 20.30
N ALA C 191 15.93 0.33 20.39
CA ALA C 191 17.05 1.17 20.88
C ALA C 191 16.96 1.39 22.40
N MET C 192 18.09 1.73 23.05
CA MET C 192 18.14 2.22 24.45
C MET C 192 19.17 3.33 24.46
N ILE C 193 18.73 4.56 24.69
CA ILE C 193 19.53 5.81 24.53
C ILE C 193 19.91 6.32 25.92
N ASP C 194 20.92 7.18 26.00
CA ASP C 194 21.39 7.72 27.29
C ASP C 194 22.18 8.99 27.00
N ILE C 195 21.84 10.11 27.65
CA ILE C 195 22.53 11.39 27.36
C ILE C 195 23.92 11.33 28.01
N ASP C 196 24.88 11.84 27.28
CA ASP C 196 26.30 11.62 27.62
C ASP C 196 26.72 12.66 28.62
N LYS C 197 27.18 12.16 29.77
CA LYS C 197 27.80 12.94 30.87
C LYS C 197 26.75 13.94 31.37
N PHE C 198 25.58 13.41 31.75
CA PHE C 198 24.42 14.24 32.17
C PHE C 198 24.76 14.92 33.49
N LYS C 199 25.14 14.12 34.47
CA LYS C 199 25.68 14.59 35.78
C LYS C 199 26.46 15.89 35.58
N ASN C 200 27.38 15.88 34.63
CA ASN C 200 28.29 17.01 34.29
C ASN C 200 27.49 18.21 33.76
N ILE C 201 26.60 17.97 32.80
CA ILE C 201 25.80 19.06 32.17
C ILE C 201 25.11 19.80 33.30
N ASN C 202 24.52 18.99 34.17
CA ASN C 202 23.68 19.43 35.31
C ASN C 202 24.53 20.21 36.30
N ASP C 203 25.66 19.63 36.69
CA ASP C 203 26.57 20.20 37.71
C ASP C 203 27.12 21.51 37.17
N THR C 204 27.26 21.63 35.86
CA THR C 204 27.91 22.82 35.25
C THR C 204 26.86 23.89 34.92
N TYR C 205 25.69 23.52 34.43
CA TYR C 205 24.77 24.50 33.80
C TYR C 205 23.49 24.71 34.63
N GLY C 206 23.08 23.74 35.44
CA GLY C 206 21.94 23.87 36.36
C GLY C 206 20.92 22.78 36.13
N HIS C 207 20.22 22.37 37.19
CA HIS C 207 19.17 21.32 37.13
C HIS C 207 18.15 21.77 36.07
N GLU C 208 18.01 23.09 35.90
CA GLU C 208 17.22 23.80 34.87
C GLU C 208 17.63 23.33 33.47
N ILE C 209 18.90 23.49 33.15
CA ILE C 209 19.47 23.21 31.78
C ILE C 209 19.54 21.69 31.57
N GLY C 210 19.90 20.92 32.62
CA GLY C 210 19.74 19.46 32.66
C GLY C 210 18.42 19.09 32.00
N ASP C 211 17.32 19.48 32.64
CA ASP C 211 15.90 19.37 32.16
C ASP C 211 15.79 19.87 30.71
N GLN C 212 16.22 21.10 30.44
CA GLN C 212 16.13 21.73 29.10
C GLN C 212 16.77 20.88 27.99
N VAL C 213 17.81 20.08 28.29
CA VAL C 213 18.47 19.13 27.33
C VAL C 213 17.49 17.97 27.11
N ILE C 214 17.23 17.19 28.14
CA ILE C 214 16.24 16.07 28.12
C ILE C 214 15.08 16.46 27.18
N LYS C 215 14.53 17.66 27.35
CA LYS C 215 13.44 18.16 26.48
C LYS C 215 13.94 18.13 25.03
N GLN C 216 14.99 18.90 24.75
CA GLN C 216 15.53 19.09 23.38
C GLN C 216 15.78 17.74 22.70
N LEU C 217 16.24 16.71 23.44
CA LEU C 217 16.46 15.35 22.87
C LEU C 217 15.12 14.71 22.51
N ALA C 218 14.22 14.62 23.48
CA ALA C 218 12.82 14.17 23.28
C ALA C 218 12.27 14.81 22.00
N HIS C 219 12.40 16.12 21.86
CA HIS C 219 11.88 16.82 20.66
C HIS C 219 12.46 16.21 19.39
N GLU C 220 13.78 16.00 19.35
CA GLU C 220 14.45 15.40 18.17
C GLU C 220 13.84 14.02 17.96
N LEU C 221 13.82 13.16 18.98
CA LEU C 221 13.22 11.81 18.88
C LEU C 221 11.82 11.87 18.25
N LYS C 222 10.94 12.72 18.77
CA LYS C 222 9.55 12.88 18.25
C LYS C 222 9.61 13.18 16.75
N THR C 223 10.38 14.20 16.32
CA THR C 223 10.43 14.73 14.94
C THR C 223 10.98 13.70 13.94
N SER C 224 11.86 12.79 14.38
CA SER C 224 12.78 12.02 13.52
C SER C 224 12.13 10.80 12.86
N PHE C 225 11.15 10.15 13.47
CA PHE C 225 10.74 8.78 13.03
C PHE C 225 9.33 8.73 12.48
N ARG C 226 8.72 7.55 12.51
CA ARG C 226 7.33 7.30 12.06
C ARG C 226 6.43 7.31 13.28
N LYS C 227 5.21 7.86 13.12
CA LYS C 227 4.13 7.72 14.11
C LYS C 227 4.02 6.26 14.51
N SER C 228 4.36 5.32 13.62
CA SER C 228 4.29 3.84 13.82
C SER C 228 5.28 3.43 14.92
N ASP C 229 6.40 4.13 14.99
CA ASP C 229 7.51 3.85 15.94
C ASP C 229 7.11 4.31 17.33
N ILE C 230 7.62 3.65 18.37
CA ILE C 230 7.17 3.77 19.78
C ILE C 230 8.31 4.37 20.62
N ILE C 231 8.42 5.69 20.65
CA ILE C 231 9.36 6.50 21.49
C ILE C 231 8.90 6.48 22.95
N SER C 232 9.79 6.66 23.92
CA SER C 232 9.46 6.67 25.37
C SER C 232 10.65 7.15 26.24
N ARG C 233 10.39 8.02 27.22
CA ARG C 233 11.38 8.38 28.28
C ARG C 233 11.43 7.19 29.25
N PHE C 234 12.60 6.78 29.72
CA PHE C 234 12.76 5.47 30.42
C PHE C 234 13.48 5.60 31.79
N GLY C 235 13.79 6.80 32.27
CA GLY C 235 14.64 7.04 33.45
C GLY C 235 15.23 8.45 33.41
N GLY C 236 16.05 8.87 34.38
CA GLY C 236 16.58 10.25 34.37
C GLY C 236 16.85 10.72 32.95
N GLU C 237 17.95 10.28 32.37
CA GLU C 237 18.40 10.69 31.02
C GLU C 237 18.18 9.54 30.02
N GLU C 238 17.59 8.41 30.45
CA GLU C 238 17.36 7.23 29.57
C GLU C 238 16.14 7.54 28.69
N PHE C 239 16.18 6.96 27.47
CA PHE C 239 15.07 6.85 26.49
C PHE C 239 15.14 5.46 25.84
N VAL C 240 14.05 5.06 25.18
CA VAL C 240 13.92 3.74 24.50
C VAL C 240 13.08 3.97 23.25
N ILE C 241 13.50 3.41 22.11
CA ILE C 241 12.65 3.42 20.88
C ILE C 241 12.36 1.97 20.52
N LEU C 242 11.12 1.68 20.06
CA LEU C 242 10.74 0.42 19.36
C LEU C 242 10.48 0.73 17.87
N PHE C 243 11.12 -0.02 16.98
CA PHE C 243 10.97 0.07 15.51
C PHE C 243 10.32 -1.23 15.03
N PRO C 244 8.96 -1.31 15.12
CA PRO C 244 8.28 -2.53 14.71
C PRO C 244 8.46 -2.66 13.20
N GLU C 245 8.64 -3.90 12.73
CA GLU C 245 8.80 -4.23 11.30
C GLU C 245 10.17 -3.76 10.81
N THR C 246 11.09 -3.43 11.71
CA THR C 246 12.40 -2.88 11.27
C THR C 246 13.51 -3.82 11.75
N GLY C 247 14.55 -3.99 10.92
CA GLY C 247 15.71 -4.87 11.21
C GLY C 247 16.82 -4.05 11.85
N VAL C 248 17.78 -4.73 12.49
CA VAL C 248 18.79 -4.11 13.41
C VAL C 248 19.59 -3.06 12.63
N VAL C 249 20.00 -3.36 11.39
CA VAL C 249 20.85 -2.43 10.60
C VAL C 249 20.10 -1.11 10.40
N ASP C 250 18.95 -1.18 9.75
CA ASP C 250 18.16 0.02 9.38
C ASP C 250 17.93 0.83 10.66
N ALA C 251 17.52 0.15 11.75
CA ALA C 251 17.31 0.78 13.05
C ALA C 251 18.56 1.61 13.40
N THR C 252 19.73 0.96 13.42
CA THR C 252 21.03 1.61 13.71
C THR C 252 21.21 2.80 12.78
N ARG C 253 21.11 2.61 11.46
CA ARG C 253 21.33 3.71 10.47
C ARG C 253 20.61 4.99 10.92
N ILE C 254 19.31 4.88 11.17
CA ILE C 254 18.41 6.05 11.41
C ILE C 254 18.70 6.58 12.83
N LEU C 255 18.84 5.71 13.83
CA LEU C 255 19.22 6.13 15.21
C LEU C 255 20.54 6.91 15.19
N ASP C 256 21.51 6.40 14.43
CA ASP C 256 22.83 7.04 14.29
C ASP C 256 22.63 8.41 13.64
N ARG C 257 21.68 8.55 12.71
CA ARG C 257 21.53 9.81 11.93
C ARG C 257 21.12 10.91 12.90
N VAL C 258 20.31 10.55 13.88
CA VAL C 258 19.82 11.47 14.93
C VAL C 258 21.01 11.83 15.83
N ARG C 259 21.65 10.79 16.40
CA ARG C 259 22.84 10.91 17.28
C ARG C 259 23.76 12.01 16.79
N GLU C 260 23.96 12.03 15.46
CA GLU C 260 24.72 13.07 14.75
C GLU C 260 24.06 14.43 14.91
N ASN C 261 22.79 14.58 14.56
CA ASN C 261 22.13 15.91 14.51
C ASN C 261 22.10 16.52 15.91
N VAL C 262 21.80 15.70 16.92
CA VAL C 262 21.95 16.03 18.36
C VAL C 262 23.38 16.55 18.61
N SER C 263 24.39 15.76 18.28
CA SER C 263 25.81 16.19 18.42
C SER C 263 25.92 17.65 17.96
N LYS C 264 25.42 17.98 16.78
CA LYS C 264 25.58 19.29 16.12
C LYS C 264 24.71 20.39 16.77
N LEU C 265 23.87 20.06 17.75
CA LEU C 265 22.89 21.02 18.34
C LEU C 265 23.56 22.02 19.28
N GLU C 266 23.37 23.30 18.98
CA GLU C 266 23.84 24.47 19.78
C GLU C 266 22.84 24.81 20.90
N MET C 267 23.11 24.40 22.13
CA MET C 267 22.33 24.75 23.34
C MET C 267 22.91 26.01 24.00
N LYS C 268 22.15 26.66 24.89
CA LYS C 268 22.54 27.87 25.67
C LYS C 268 22.57 27.49 27.16
N SER C 269 23.54 28.00 27.92
CA SER C 269 23.78 27.69 29.34
C SER C 269 22.99 28.66 30.21
N ASP C 270 22.96 28.37 31.52
CA ASP C 270 22.87 29.31 32.67
C ASP C 270 23.12 30.75 32.18
N THR C 271 24.31 30.96 31.60
CA THR C 271 24.95 32.26 31.28
C THR C 271 24.65 32.74 29.84
N ASP C 272 24.03 31.90 29.02
CA ASP C 272 23.80 32.13 27.56
C ASP C 272 25.07 31.78 26.79
N GLN C 273 25.87 30.85 27.33
CA GLN C 273 27.03 30.18 26.69
C GLN C 273 26.54 29.05 25.79
N ILE C 274 27.06 28.94 24.57
CA ILE C 274 26.68 27.86 23.62
C ILE C 274 27.37 26.59 24.11
N PHE C 275 26.70 25.43 24.03
CA PHE C 275 27.33 24.11 24.29
C PHE C 275 26.59 23.02 23.52
N HIS C 276 27.24 21.89 23.25
CA HIS C 276 26.71 20.72 22.53
C HIS C 276 26.55 19.56 23.50
N PHE C 277 25.79 18.56 23.13
CA PHE C 277 25.67 17.32 23.94
C PHE C 277 25.40 16.21 22.94
N THR C 278 25.56 14.96 23.39
CA THR C 278 25.48 13.75 22.55
C THR C 278 24.81 12.64 23.34
N PHE C 279 24.36 11.59 22.64
CA PHE C 279 23.89 10.36 23.33
C PHE C 279 24.60 9.13 22.80
N SER C 280 24.72 8.15 23.71
CA SER C 280 25.15 6.76 23.46
C SER C 280 23.89 5.92 23.29
N GLY C 281 24.01 4.88 22.45
CA GLY C 281 22.91 3.97 22.09
C GLY C 281 23.42 2.55 21.94
N GLY C 282 22.70 1.60 22.54
CA GLY C 282 22.62 0.19 22.09
C GLY C 282 21.30 -0.08 21.34
N VAL C 283 21.36 -0.67 20.15
CA VAL C 283 20.18 -1.28 19.47
C VAL C 283 20.34 -2.81 19.52
N ALA C 284 19.21 -3.51 19.42
CA ALA C 284 19.06 -4.96 19.67
C ALA C 284 17.76 -5.44 19.01
N GLY C 285 17.76 -6.72 18.65
CA GLY C 285 16.59 -7.44 18.09
C GLY C 285 16.71 -7.66 16.60
N GLY C 286 15.79 -7.06 15.84
CA GLY C 286 15.55 -7.35 14.41
C GLY C 286 14.78 -8.65 14.26
N ASP C 287 15.51 -9.76 14.18
CA ASP C 287 14.95 -11.11 13.94
C ASP C 287 14.09 -11.56 15.12
N LEU C 288 14.68 -11.95 16.27
CA LEU C 288 13.93 -12.39 17.50
C LEU C 288 13.86 -13.93 17.59
N SER C 289 14.35 -14.69 16.63
CA SER C 289 14.29 -16.18 16.68
C SER C 289 14.97 -16.69 17.95
N ASP C 290 16.12 -16.09 18.28
CA ASP C 290 16.96 -16.60 19.40
C ASP C 290 16.68 -15.76 20.64
N ILE C 291 15.97 -14.64 20.53
CA ILE C 291 15.48 -13.88 21.71
C ILE C 291 14.14 -14.49 22.17
N GLN C 292 14.05 -15.00 23.40
CA GLN C 292 12.84 -15.66 23.94
C GLN C 292 12.03 -14.67 24.80
N SER C 293 12.54 -14.29 25.98
CA SER C 293 11.94 -13.25 26.86
C SER C 293 11.91 -11.88 26.14
N ASN C 294 10.97 -11.00 26.48
CA ASN C 294 10.98 -9.57 26.04
C ASN C 294 11.99 -8.83 26.91
N GLN C 295 12.23 -9.39 28.08
CA GLN C 295 13.13 -8.84 29.12
C GLN C 295 14.59 -9.10 28.69
N GLU C 296 14.81 -10.16 27.89
CA GLU C 296 16.10 -10.47 27.25
C GLU C 296 16.37 -9.42 26.17
N LEU C 297 15.40 -9.07 25.35
CA LEU C 297 15.55 -8.06 24.26
C LEU C 297 16.00 -6.74 24.88
N LEU C 298 15.67 -6.48 26.13
CA LEU C 298 16.19 -5.31 26.90
C LEU C 298 17.67 -5.52 27.28
N LYS C 299 18.01 -6.62 27.95
CA LYS C 299 19.38 -6.93 28.46
C LYS C 299 20.42 -6.72 27.36
N ILE C 300 20.06 -7.01 26.10
CA ILE C 300 20.94 -6.85 24.91
C ILE C 300 21.12 -5.35 24.69
N ALA C 301 20.03 -4.61 24.52
CA ALA C 301 20.07 -3.16 24.22
C ALA C 301 20.97 -2.48 25.26
N ASP C 302 20.85 -2.93 26.52
CA ASP C 302 21.59 -2.41 27.72
C ASP C 302 23.07 -2.75 27.58
N LYS C 303 23.43 -4.05 27.57
CA LYS C 303 24.82 -4.48 27.32
C LYS C 303 25.40 -3.62 26.21
N ASN C 304 24.64 -3.31 25.16
CA ASN C 304 25.18 -2.57 24.00
C ASN C 304 25.31 -1.08 24.30
N LEU C 305 24.40 -0.51 25.07
CA LEU C 305 24.54 0.89 25.53
C LEU C 305 25.76 0.99 26.43
N TYR C 306 26.09 -0.06 27.16
CA TYR C 306 27.23 -0.05 28.11
C TYR C 306 28.53 0.17 27.31
N GLU C 307 28.79 -0.75 26.38
CA GLU C 307 29.88 -0.70 25.37
C GLU C 307 29.88 0.68 24.70
N ALA C 308 28.73 1.17 24.25
CA ALA C 308 28.67 2.47 23.52
C ALA C 308 29.33 3.55 24.38
N LYS C 309 29.00 3.60 25.68
CA LYS C 309 29.53 4.60 26.64
C LYS C 309 30.98 4.28 26.96
N SER C 310 31.19 3.03 27.39
CA SER C 310 32.50 2.46 27.79
C SER C 310 33.57 2.70 26.70
N SER C 311 33.19 3.12 25.50
CA SER C 311 34.07 3.23 24.32
C SER C 311 34.07 4.66 23.77
N GLY C 312 33.75 5.65 24.63
CA GLY C 312 33.82 7.08 24.27
C GLY C 312 32.49 7.62 23.77
N ARG C 313 31.39 7.01 24.17
CA ARG C 313 30.06 7.67 24.25
C ARG C 313 29.53 7.99 22.85
N ASN C 314 29.67 9.20 22.30
CA ASN C 314 28.81 9.64 21.17
C ASN C 314 28.79 8.62 20.02
N GLN C 315 28.01 7.53 20.13
CA GLN C 315 27.99 6.39 19.16
C GLN C 315 26.94 5.33 19.52
N ILE C 316 26.37 4.68 18.51
CA ILE C 316 25.45 3.51 18.60
C ILE C 316 26.24 2.19 18.55
N ILE C 317 25.80 1.15 19.26
CA ILE C 317 26.44 -0.22 19.24
C ILE C 317 25.40 -1.31 19.00
N SER C 318 25.73 -2.26 18.09
CA SER C 318 24.94 -3.44 17.61
C SER C 318 25.78 -4.24 16.61
N ARG D 26 -1.93 28.20 43.14
CA ARG D 26 -1.65 29.62 42.85
C ARG D 26 -2.52 30.61 43.68
N LYS D 27 -3.56 30.14 44.44
CA LYS D 27 -4.63 30.99 45.08
C LYS D 27 -4.91 30.51 46.52
N ILE D 28 -4.51 31.28 47.55
CA ILE D 28 -4.46 30.84 48.98
C ILE D 28 -5.45 31.64 49.83
N LEU D 29 -6.20 30.93 50.69
CA LEU D 29 -7.28 31.46 51.56
C LEU D 29 -6.82 31.35 53.01
N ILE D 30 -6.88 32.46 53.76
CA ILE D 30 -6.46 32.58 55.18
C ILE D 30 -7.70 32.74 56.07
N ILE D 31 -7.84 31.85 57.06
CA ILE D 31 -8.81 31.97 58.19
C ILE D 31 -8.01 32.37 59.45
N GLU D 32 -8.31 33.57 59.99
CA GLU D 32 -7.73 34.15 61.24
C GLU D 32 -8.71 35.22 61.81
N ASP D 33 -9.15 35.07 63.07
CA ASP D 33 -10.14 35.96 63.71
C ASP D 33 -9.62 37.40 63.72
N SER D 34 -8.34 37.60 64.07
CA SER D 34 -7.72 38.94 64.26
C SER D 34 -7.33 39.51 62.89
N GLU D 35 -7.77 40.74 62.59
CA GLU D 35 -7.53 41.46 61.30
C GLU D 35 -6.03 41.67 61.04
N LEU D 36 -5.24 42.04 62.06
CA LEU D 36 -3.82 42.42 61.82
C LEU D 36 -2.99 41.15 61.61
N GLN D 37 -3.07 40.10 62.44
CA GLN D 37 -2.41 38.78 62.21
C GLN D 37 -2.72 38.31 60.78
N ARG D 38 -4.00 38.37 60.39
CA ARG D 38 -4.52 37.89 59.09
C ARG D 38 -3.93 38.71 57.93
N LYS D 39 -3.85 40.04 58.05
CA LYS D 39 -3.39 40.90 56.92
C LYS D 39 -1.85 40.89 56.82
N LEU D 40 -1.14 40.45 57.88
CA LEU D 40 0.33 40.23 57.86
C LEU D 40 0.64 39.03 56.95
N LEU D 41 0.03 37.88 57.26
CA LEU D 41 0.04 36.63 56.44
C LEU D 41 -0.33 37.00 54.98
N SER D 42 -1.46 37.69 54.82
CA SER D 42 -2.04 38.16 53.54
C SER D 42 -0.96 38.83 52.66
N ARG D 43 0.00 39.56 53.25
CA ARG D 43 1.05 40.26 52.47
C ARG D 43 2.19 39.29 52.16
N TRP D 44 2.71 38.56 53.16
CA TRP D 44 3.73 37.48 52.99
C TRP D 44 3.40 36.61 51.77
N VAL D 45 2.14 36.22 51.65
CA VAL D 45 1.54 35.44 50.52
C VAL D 45 1.74 36.22 49.22
N SER D 46 0.99 37.31 49.04
CA SER D 46 0.86 38.05 47.75
C SER D 46 2.19 38.72 47.36
N LYS D 47 3.17 38.74 48.27
CA LYS D 47 4.57 39.19 48.00
C LYS D 47 5.31 38.16 47.14
N ASN D 48 4.88 36.88 47.19
CA ASN D 48 5.49 35.72 46.49
C ASN D 48 4.56 35.28 45.34
N GLY D 49 4.12 36.23 44.51
CA GLY D 49 3.35 36.05 43.26
C GLY D 49 2.06 35.27 43.42
N TYR D 50 1.54 35.17 44.66
CA TYR D 50 0.34 34.36 45.02
C TYR D 50 -0.88 35.26 45.16
N ILE D 51 -2.05 34.64 45.37
CA ILE D 51 -3.37 35.33 45.51
C ILE D 51 -3.92 35.11 46.92
N ALA D 52 -3.86 36.15 47.74
CA ALA D 52 -4.32 36.12 49.15
C ALA D 52 -5.84 36.24 49.17
N ILE D 53 -6.50 35.50 50.07
CA ILE D 53 -7.97 35.57 50.27
C ILE D 53 -8.26 35.46 51.78
N GLU D 54 -8.81 36.51 52.36
CA GLU D 54 -9.02 36.69 53.83
C GLU D 54 -10.38 36.08 54.23
N ALA D 55 -10.47 35.53 55.45
CA ALA D 55 -11.72 35.02 56.08
C ALA D 55 -11.79 35.40 57.58
N GLU D 56 -12.84 36.13 58.02
CA GLU D 56 -13.04 36.58 59.43
C GLU D 56 -13.05 35.37 60.38
N SER D 57 -14.03 34.50 60.23
CA SER D 57 -14.05 33.12 60.82
C SER D 57 -14.64 32.17 59.76
N ILE D 58 -15.30 31.08 60.17
CA ILE D 58 -15.57 29.89 59.30
C ILE D 58 -16.79 30.13 58.37
N SER D 59 -17.81 30.88 58.80
CA SER D 59 -18.96 31.29 57.94
C SER D 59 -18.43 31.79 56.60
N VAL D 60 -17.68 32.89 56.66
CA VAL D 60 -17.14 33.64 55.49
C VAL D 60 -16.33 32.66 54.62
N ALA D 61 -15.44 31.87 55.24
CA ALA D 61 -14.51 30.92 54.58
C ALA D 61 -15.24 29.99 53.61
N ARG D 62 -16.40 29.45 54.01
CA ARG D 62 -17.21 28.52 53.19
C ARG D 62 -17.78 29.26 51.98
N GLU D 63 -18.18 30.52 52.17
CA GLU D 63 -18.76 31.38 51.10
C GLU D 63 -17.69 31.67 50.02
N LYS D 64 -16.42 31.36 50.30
CA LYS D 64 -15.25 31.56 49.39
C LYS D 64 -14.89 30.26 48.67
N ILE D 65 -14.79 29.16 49.44
CA ILE D 65 -14.45 27.79 48.95
C ILE D 65 -15.34 27.44 47.75
N ILE D 66 -16.66 27.64 47.91
CA ILE D 66 -17.69 27.43 46.85
C ILE D 66 -17.54 28.55 45.80
N SER D 67 -17.45 29.81 46.25
CA SER D 67 -17.45 31.04 45.42
C SER D 67 -16.28 31.09 44.42
N GLU D 68 -15.12 30.50 44.77
CA GLU D 68 -13.87 30.71 44.00
C GLU D 68 -13.03 29.45 43.91
N SER D 69 -11.98 29.54 43.08
CA SER D 69 -11.05 28.47 42.68
C SER D 69 -9.89 28.36 43.69
N ILE D 70 -10.17 28.02 44.95
CA ILE D 70 -9.21 28.07 46.11
C ILE D 70 -8.33 26.81 46.14
N ASP D 71 -7.03 27.00 46.00
CA ASP D 71 -6.03 25.90 45.98
C ASP D 71 -5.73 25.49 47.44
N VAL D 72 -5.31 26.42 48.31
CA VAL D 72 -4.68 26.09 49.64
C VAL D 72 -5.27 26.94 50.77
N VAL D 73 -5.43 26.32 51.95
CA VAL D 73 -6.18 26.89 53.12
C VAL D 73 -5.28 26.92 54.36
N LEU D 74 -5.18 28.09 55.00
CA LEU D 74 -4.59 28.35 56.33
C LEU D 74 -5.72 28.53 57.34
N LEU D 75 -5.75 27.70 58.38
CA LEU D 75 -6.86 27.59 59.36
C LEU D 75 -6.31 27.77 60.78
N ASP D 76 -6.55 28.93 61.41
CA ASP D 76 -6.31 29.13 62.86
C ASP D 76 -7.12 28.06 63.60
N TRP D 77 -6.44 27.22 64.37
CA TRP D 77 -7.04 26.12 65.16
C TRP D 77 -8.16 26.68 66.04
N GLU D 78 -7.89 27.84 66.67
CA GLU D 78 -8.71 28.48 67.74
C GLU D 78 -9.60 29.57 67.11
N LEU D 79 -10.83 29.22 66.69
CA LEU D 79 -11.78 30.16 66.03
C LEU D 79 -13.00 30.40 66.91
N PRO D 80 -13.72 31.53 66.71
CA PRO D 80 -14.84 31.92 67.57
C PRO D 80 -16.13 31.05 67.54
N ASP D 81 -16.03 29.72 67.53
CA ASP D 81 -17.21 28.82 67.32
C ASP D 81 -16.87 27.39 67.72
N GLY D 82 -15.96 26.74 66.98
CA GLY D 82 -15.46 25.38 67.26
C GLY D 82 -13.97 25.39 67.51
N ASN D 83 -13.45 24.40 68.26
CA ASN D 83 -12.01 24.05 68.35
C ASN D 83 -11.64 23.32 67.06
N GLY D 84 -10.39 23.43 66.62
CA GLY D 84 -9.83 22.95 65.34
C GLY D 84 -10.48 21.69 64.76
N ILE D 85 -10.79 20.67 65.57
CA ILE D 85 -10.89 19.25 65.10
C ILE D 85 -12.30 18.89 64.57
N ASP D 86 -13.34 19.71 64.79
CA ASP D 86 -14.60 19.66 64.00
C ASP D 86 -14.46 20.66 62.84
N LEU D 87 -13.81 21.81 63.09
CA LEU D 87 -13.49 22.90 62.12
C LEU D 87 -12.80 22.35 60.85
N ILE D 88 -11.98 21.30 60.95
CA ILE D 88 -11.18 20.77 59.80
C ILE D 88 -12.12 20.17 58.76
N SER D 89 -12.92 19.16 59.14
CA SER D 89 -13.83 18.41 58.23
C SER D 89 -14.99 19.29 57.76
N ASP D 90 -15.19 20.47 58.38
CA ASP D 90 -16.19 21.48 57.96
C ASP D 90 -15.73 22.17 56.65
N ILE D 91 -14.43 22.19 56.39
CA ILE D 91 -13.83 22.74 55.12
C ILE D 91 -13.76 21.62 54.07
N LEU D 92 -13.39 20.40 54.47
CA LEU D 92 -13.31 19.19 53.59
C LEU D 92 -14.64 19.02 52.84
N SER D 93 -15.75 18.93 53.58
CA SER D 93 -17.13 18.78 53.04
C SER D 93 -17.44 19.93 52.08
N THR D 94 -17.06 21.18 52.41
CA THR D 94 -17.40 22.43 51.67
C THR D 94 -16.84 22.42 50.24
N SER D 95 -15.70 21.74 50.01
CA SER D 95 -14.90 21.76 48.75
C SER D 95 -15.72 21.20 47.58
N PRO D 96 -15.76 21.86 46.40
CA PRO D 96 -16.15 21.20 45.15
C PRO D 96 -15.71 19.72 45.06
N VAL D 97 -14.41 19.41 44.88
CA VAL D 97 -13.90 18.02 44.70
C VAL D 97 -14.01 17.25 46.04
N GLY D 98 -14.20 17.93 47.17
CA GLY D 98 -14.36 17.33 48.51
C GLY D 98 -13.02 17.06 49.19
N TRP D 99 -11.96 17.79 48.82
CA TRP D 99 -10.60 17.75 49.43
C TRP D 99 -9.80 18.97 48.98
N LEU D 100 -9.33 19.77 49.95
CA LEU D 100 -8.33 20.85 49.75
C LEU D 100 -7.15 20.55 50.66
N PRO D 101 -5.93 21.00 50.30
CA PRO D 101 -4.79 20.99 51.23
C PRO D 101 -4.97 22.08 52.30
N ILE D 102 -5.09 21.67 53.56
CA ILE D 102 -5.35 22.55 54.72
C ILE D 102 -4.12 22.58 55.62
N ILE D 103 -3.50 23.76 55.76
CA ILE D 103 -2.36 23.99 56.70
C ILE D 103 -2.89 24.52 58.04
N MET D 104 -2.59 23.80 59.13
CA MET D 104 -2.92 24.17 60.53
C MET D 104 -1.98 25.29 61.01
N VAL D 105 -2.55 26.45 61.34
CA VAL D 105 -1.92 27.57 62.10
C VAL D 105 -2.40 27.46 63.55
N THR D 106 -1.53 27.03 64.46
CA THR D 106 -1.86 26.67 65.87
C THR D 106 -0.75 27.09 66.83
N GLY D 107 -1.05 27.24 68.11
CA GLY D 107 -0.04 27.49 69.15
C GLY D 107 0.18 26.28 70.04
N HIS D 108 0.08 25.05 69.48
CA HIS D 108 -0.16 23.82 70.29
C HIS D 108 1.13 23.02 70.58
N THR D 109 2.14 23.04 69.70
CA THR D 109 3.53 22.56 69.97
C THR D 109 3.61 21.04 70.21
N GLU D 110 2.79 20.50 71.13
CA GLU D 110 2.88 19.10 71.63
C GLU D 110 3.04 18.15 70.44
N PRO D 111 3.82 17.04 70.59
CA PRO D 111 4.06 16.13 69.46
C PRO D 111 2.72 15.66 68.87
N GLU D 112 1.83 15.14 69.73
CA GLU D 112 0.62 14.36 69.32
C GLU D 112 -0.52 15.32 68.97
N TYR D 113 -0.30 16.64 68.90
CA TYR D 113 -1.29 17.63 68.38
C TYR D 113 -1.14 17.75 66.87
N PHE D 114 0.09 17.59 66.38
CA PHE D 114 0.41 17.34 64.94
C PHE D 114 -0.29 16.08 64.45
N LYS D 115 -0.05 14.98 65.15
CA LYS D 115 -0.50 13.59 64.83
C LYS D 115 -2.04 13.50 64.90
N ILE D 116 -2.68 14.38 65.67
CA ILE D 116 -4.17 14.52 65.75
C ILE D 116 -4.66 15.25 64.50
N ALA D 117 -3.98 16.34 64.13
CA ALA D 117 -4.36 17.27 63.04
C ALA D 117 -4.23 16.57 61.69
N ILE D 118 -3.17 15.80 61.48
CA ILE D 118 -2.99 14.99 60.23
C ILE D 118 -4.08 13.92 60.22
N GLU D 119 -4.20 13.16 61.33
CA GLU D 119 -5.25 12.10 61.53
C GLU D 119 -6.61 12.64 61.08
N ALA D 120 -6.95 13.86 61.48
CA ALA D 120 -8.25 14.52 61.25
C ALA D 120 -8.34 15.09 59.83
N GLY D 121 -7.32 14.89 59.00
CA GLY D 121 -7.33 15.24 57.56
C GLY D 121 -6.83 16.66 57.27
N ALA D 122 -5.77 17.08 57.93
CA ALA D 122 -4.99 18.26 57.53
C ALA D 122 -3.95 17.79 56.53
N THR D 123 -3.48 18.68 55.66
CA THR D 123 -2.31 18.46 54.78
C THR D 123 -1.02 18.79 55.55
N ASP D 124 -1.01 19.84 56.38
CA ASP D 124 0.24 20.36 57.02
C ASP D 124 -0.09 21.07 58.35
N TYR D 125 0.96 21.50 59.06
CA TYR D 125 0.98 21.98 60.46
C TYR D 125 2.04 23.07 60.57
N ILE D 126 1.63 24.29 60.91
CA ILE D 126 2.48 25.51 61.13
C ILE D 126 2.33 25.90 62.61
N THR D 127 3.45 26.14 63.32
CA THR D 127 3.52 26.57 64.74
C THR D 127 3.59 28.11 64.80
N LYS D 128 2.53 28.73 65.33
CA LYS D 128 2.51 30.20 65.62
C LYS D 128 3.61 30.48 66.65
N PRO D 129 4.31 31.63 66.58
CA PRO D 129 4.09 32.62 65.52
C PRO D 129 4.61 32.12 64.15
N ALA D 130 3.83 32.35 63.10
CA ALA D 130 4.23 32.19 61.68
C ALA D 130 5.43 33.07 61.32
N LYS D 131 6.53 32.44 60.86
CA LYS D 131 7.70 33.08 60.21
C LYS D 131 7.47 33.07 58.70
N GLU D 132 7.76 34.19 58.01
CA GLU D 132 7.60 34.31 56.52
C GLU D 132 8.05 33.03 55.82
N ILE D 133 9.23 32.54 56.15
CA ILE D 133 9.92 31.49 55.34
C ILE D 133 9.60 30.10 55.91
N GLU D 134 8.82 29.97 56.98
CA GLU D 134 8.24 28.66 57.39
C GLU D 134 6.88 28.55 56.70
N LEU D 135 6.17 29.68 56.54
CA LEU D 135 4.86 29.71 55.84
C LEU D 135 5.08 29.36 54.39
N LEU D 136 5.76 30.24 53.63
CA LEU D 136 5.94 30.08 52.17
C LEU D 136 6.39 28.65 51.87
N ALA D 137 7.21 28.06 52.72
CA ALA D 137 7.71 26.67 52.59
C ALA D 137 6.56 25.67 52.67
N ARG D 138 5.61 25.82 53.61
CA ARG D 138 4.42 24.93 53.73
C ARG D 138 3.49 25.08 52.54
N ILE D 139 3.26 26.32 52.09
CA ILE D 139 2.41 26.64 50.91
C ILE D 139 3.01 25.95 49.69
N PHE D 140 4.34 26.03 49.51
CA PHE D 140 5.06 25.32 48.43
C PHE D 140 4.86 23.83 48.64
N SER D 141 5.17 23.32 49.82
CA SER D 141 5.05 21.88 50.15
C SER D 141 3.65 21.38 49.77
N ALA D 142 2.60 22.18 49.91
CA ALA D 142 1.19 21.74 49.65
C ALA D 142 0.91 21.74 48.15
N LEU D 143 1.13 22.89 47.51
CA LEU D 143 0.97 23.05 46.04
C LEU D 143 1.68 21.93 45.29
N ARG D 144 2.79 21.40 45.85
CA ARG D 144 3.53 20.26 45.23
C ARG D 144 2.69 19.02 45.39
N ILE D 145 2.40 18.63 46.62
CA ILE D 145 1.63 17.41 46.95
C ILE D 145 0.18 17.50 46.45
N LYS D 146 -0.29 18.68 46.02
CA LYS D 146 -1.59 18.80 45.27
C LYS D 146 -1.35 18.50 43.78
N ALA D 147 -0.53 19.33 43.14
CA ALA D 147 -0.11 19.22 41.73
C ALA D 147 0.38 17.79 41.47
N LEU D 148 0.94 17.09 42.45
CA LEU D 148 1.30 15.64 42.39
C LEU D 148 0.05 14.76 42.19
N HIS D 149 -0.99 14.97 43.00
CA HIS D 149 -2.29 14.23 42.90
C HIS D 149 -2.89 14.59 41.54
N ASP D 150 -2.75 15.86 41.09
CA ASP D 150 -3.35 16.36 39.83
C ASP D 150 -2.69 15.65 38.63
N GLN D 151 -1.36 15.56 38.59
CA GLN D 151 -0.61 14.75 37.57
C GLN D 151 -1.21 13.36 37.54
N LEU D 152 -0.98 12.58 38.59
CA LEU D 152 -1.41 11.16 38.70
C LEU D 152 -2.80 10.96 38.09
N ARG D 153 -3.69 11.97 38.10
CA ARG D 153 -5.09 11.81 37.60
C ARG D 153 -5.37 12.61 36.33
N GLU D 154 -4.48 13.45 35.83
CA GLU D 154 -4.75 14.21 34.56
C GLU D 154 -3.72 13.82 33.49
N THR D 155 -3.12 12.65 33.61
CA THR D 155 -1.91 12.24 32.85
C THR D 155 -1.56 10.91 33.48
N ALA D 156 -1.71 9.86 32.74
CA ALA D 156 -2.32 8.62 33.26
C ALA D 156 -3.12 8.12 32.08
N ILE D 157 -2.60 7.14 31.39
CA ILE D 157 -3.18 6.73 30.09
C ILE D 157 -4.16 5.61 30.37
N ARG D 158 -4.13 4.93 31.51
CA ARG D 158 -5.15 3.92 31.81
C ARG D 158 -6.25 4.58 32.66
N ASP D 159 -7.49 4.16 32.43
CA ASP D 159 -8.60 4.31 33.43
C ASP D 159 -8.23 3.51 34.70
N VAL D 160 -8.11 4.26 35.79
CA VAL D 160 -7.98 3.76 37.20
C VAL D 160 -8.83 2.50 37.42
N MET D 161 -10.15 2.68 37.28
CA MET D 161 -11.18 1.76 37.81
C MET D 161 -11.05 0.35 37.22
N THR D 162 -11.03 0.28 35.89
CA THR D 162 -10.99 -0.97 35.09
C THR D 162 -9.56 -1.47 34.89
N GLY D 163 -8.58 -0.57 34.93
CA GLY D 163 -7.18 -0.88 34.58
C GLY D 163 -7.00 -0.93 33.06
N LEU D 164 -8.01 -0.59 32.26
CA LEU D 164 -7.85 -0.49 30.78
C LEU D 164 -7.29 0.86 30.37
N TYR D 165 -6.83 0.92 29.10
CA TYR D 165 -6.42 2.19 28.46
C TYR D 165 -7.61 3.11 28.53
N ASN D 166 -7.34 4.40 28.58
CA ASN D 166 -8.37 5.43 28.79
C ASN D 166 -8.73 5.83 27.40
N ARG D 167 -9.33 7.00 27.20
CA ARG D 167 -9.83 7.40 25.86
C ARG D 167 -8.80 8.25 25.13
N ARG D 168 -8.37 9.39 25.68
CA ARG D 168 -7.50 10.31 24.89
C ARG D 168 -6.26 9.54 24.40
N TYR D 169 -5.87 8.51 25.17
CA TYR D 169 -4.76 7.63 24.79
C TYR D 169 -5.17 6.82 23.57
N MET D 170 -6.28 6.10 23.71
CA MET D 170 -6.78 5.16 22.69
C MET D 170 -7.10 5.89 21.39
N GLU D 171 -7.50 7.15 21.42
CA GLU D 171 -7.69 7.91 20.17
C GLU D 171 -6.36 7.91 19.44
N GLU D 172 -5.29 8.31 20.11
CA GLU D 172 -3.90 8.36 19.56
C GLU D 172 -3.47 6.96 19.14
N ARG D 173 -3.63 6.01 20.06
CA ARG D 173 -3.11 4.62 19.93
C ARG D 173 -3.71 3.98 18.68
N ILE D 174 -5.03 4.11 18.46
CA ILE D 174 -5.73 3.67 17.23
C ILE D 174 -4.95 4.18 16.00
N GLU D 175 -4.78 5.50 15.86
CA GLU D 175 -4.14 6.01 14.64
C GLU D 175 -2.73 5.41 14.49
N GLN D 176 -2.00 5.13 15.57
CA GLN D 176 -0.69 4.40 15.53
C GLN D 176 -0.92 3.03 14.94
N GLU D 177 -1.70 2.19 15.63
CA GLU D 177 -1.97 0.77 15.26
C GLU D 177 -2.50 0.68 13.84
N PHE D 178 -3.14 1.73 13.36
CA PHE D 178 -3.79 1.75 12.03
C PHE D 178 -2.70 2.00 10.97
N GLN D 179 -2.04 3.17 11.09
CA GLN D 179 -0.85 3.58 10.31
C GLN D 179 0.19 2.48 10.23
N ARG D 180 0.38 1.71 11.29
CA ARG D 180 1.31 0.55 11.29
C ARG D 180 0.76 -0.50 10.34
N CYS D 181 -0.51 -0.89 10.50
CA CYS D 181 -1.16 -1.99 9.74
C CYS D 181 -1.36 -1.59 8.28
N LYS D 182 -1.63 -0.32 8.02
CA LYS D 182 -1.83 0.26 6.66
C LYS D 182 -0.46 0.28 5.94
N ARG D 183 0.62 0.70 6.58
CA ARG D 183 1.99 0.66 6.00
C ARG D 183 2.40 -0.78 5.68
N HIS D 184 2.11 -1.77 6.54
CA HIS D 184 2.72 -3.13 6.50
C HIS D 184 1.69 -4.21 6.13
N ASP D 185 0.69 -3.82 5.34
CA ASP D 185 -0.39 -4.72 4.83
C ASP D 185 -0.70 -5.79 5.87
N SER D 186 -1.28 -5.40 7.00
CA SER D 186 -1.80 -6.29 8.06
C SER D 186 -3.33 -6.18 8.13
N LEU D 187 -3.97 -7.20 8.67
CA LEU D 187 -5.39 -7.07 9.06
C LEU D 187 -5.44 -6.25 10.34
N LEU D 188 -6.39 -5.32 10.43
CA LEU D 188 -6.75 -4.68 11.73
C LEU D 188 -8.27 -4.62 11.85
N SER D 189 -8.83 -5.32 12.85
CA SER D 189 -10.29 -5.35 13.18
C SER D 189 -10.53 -4.67 14.53
N MET D 190 -11.51 -3.77 14.59
CA MET D 190 -11.85 -2.96 15.79
C MET D 190 -13.29 -3.24 16.25
N ALA D 191 -13.51 -3.61 17.51
CA ALA D 191 -14.84 -3.67 18.18
C ALA D 191 -15.24 -2.33 18.81
N MET D 192 -16.53 -2.08 19.03
CA MET D 192 -17.04 -0.97 19.87
C MET D 192 -18.22 -1.52 20.65
N ILE D 193 -18.06 -1.61 21.97
CA ILE D 193 -18.97 -2.34 22.89
C ILE D 193 -19.79 -1.31 23.66
N ASP D 194 -20.91 -1.73 24.24
CA ASP D 194 -21.79 -0.84 25.04
C ASP D 194 -22.62 -1.71 25.98
N ILE D 195 -22.61 -1.40 27.26
CA ILE D 195 -23.36 -2.23 28.26
C ILE D 195 -24.85 -1.91 28.09
N ASP D 196 -25.65 -2.97 28.16
CA ASP D 196 -27.06 -2.88 27.76
C ASP D 196 -27.85 -2.42 28.96
N LYS D 197 -28.51 -1.28 28.76
CA LYS D 197 -29.40 -0.57 29.71
C LYS D 197 -28.60 -0.26 30.98
N PHE D 198 -27.46 0.41 30.83
CA PHE D 198 -26.56 0.71 31.97
C PHE D 198 -27.25 1.72 32.87
N LYS D 199 -27.69 2.85 32.30
CA LYS D 199 -28.39 3.92 33.05
C LYS D 199 -29.37 3.25 34.01
N ASN D 200 -30.10 2.24 33.54
CA ASN D 200 -31.10 1.46 34.33
C ASN D 200 -30.43 0.69 35.46
N ILE D 201 -29.37 -0.04 35.17
CA ILE D 201 -28.66 -0.88 36.18
C ILE D 201 -28.26 0.04 37.31
N ASN D 202 -27.71 1.20 36.92
CA ASN D 202 -27.17 2.24 37.82
C ASN D 202 -28.31 2.81 38.66
N ASP D 203 -29.38 3.23 37.98
CA ASP D 203 -30.54 3.90 38.62
C ASP D 203 -31.21 2.91 39.56
N THR D 204 -31.11 1.63 39.27
CA THR D 204 -31.81 0.58 40.03
C THR D 204 -30.95 0.04 41.18
N TYR D 205 -29.65 -0.13 40.98
CA TYR D 205 -28.82 -0.90 41.94
C TYR D 205 -27.80 -0.01 42.68
N GLY D 206 -27.42 1.14 42.10
CA GLY D 206 -26.55 2.13 42.77
C GLY D 206 -25.35 2.45 41.92
N HIS D 207 -24.85 3.70 41.97
CA HIS D 207 -23.65 4.15 41.21
C HIS D 207 -22.51 3.20 41.55
N GLU D 208 -22.55 2.62 42.76
CA GLU D 208 -21.64 1.56 43.25
C GLU D 208 -21.68 0.34 42.35
N ILE D 209 -22.87 -0.23 42.15
CA ILE D 209 -23.06 -1.49 41.37
C ILE D 209 -22.85 -1.20 39.87
N GLY D 210 -23.31 -0.04 39.39
CA GLY D 210 -22.95 0.49 38.06
C GLY D 210 -21.50 0.22 37.79
N ASP D 211 -20.64 0.87 38.58
CA ASP D 211 -19.16 0.74 38.62
C ASP D 211 -18.77 -0.74 38.72
N GLN D 212 -19.28 -1.46 39.71
CA GLN D 212 -18.99 -2.89 39.95
C GLN D 212 -19.17 -3.75 38.69
N VAL D 213 -20.14 -3.42 37.82
CA VAL D 213 -20.39 -4.13 36.53
C VAL D 213 -19.27 -3.76 35.57
N ILE D 214 -19.18 -2.48 35.19
CA ILE D 214 -18.08 -1.93 34.34
C ILE D 214 -16.80 -2.70 34.65
N LYS D 215 -16.45 -2.83 35.93
CA LYS D 215 -15.24 -3.58 36.34
C LYS D 215 -15.37 -5.01 35.79
N GLN D 216 -16.39 -5.74 36.23
CA GLN D 216 -16.60 -7.17 35.91
C GLN D 216 -16.55 -7.40 34.40
N LEU D 217 -17.04 -6.46 33.56
CA LEU D 217 -16.96 -6.58 32.07
C LEU D 217 -15.52 -6.45 31.63
N ALA D 218 -14.87 -5.33 31.99
CA ALA D 218 -13.42 -5.11 31.76
C ALA D 218 -12.68 -6.39 32.13
N HIS D 219 -12.92 -6.98 33.30
CA HIS D 219 -12.20 -8.21 33.72
C HIS D 219 -12.39 -9.31 32.67
N GLU D 220 -13.62 -9.52 32.19
CA GLU D 220 -13.88 -10.55 31.15
C GLU D 220 -13.05 -10.18 29.92
N LEU D 221 -13.19 -8.95 29.41
CA LEU D 221 -12.44 -8.47 28.23
C LEU D 221 -10.94 -8.77 28.41
N LYS D 222 -10.35 -8.39 29.53
CA LYS D 222 -8.91 -8.61 29.82
C LYS D 222 -8.59 -10.10 29.68
N THR D 223 -9.33 -10.98 30.36
CA THR D 223 -9.05 -12.45 30.44
C THR D 223 -9.19 -13.15 29.09
N SER D 224 -10.06 -12.65 28.22
CA SER D 224 -10.58 -13.38 27.02
C SER D 224 -9.62 -13.28 25.83
N PHE D 225 -8.88 -12.20 25.71
CA PHE D 225 -8.06 -11.90 24.52
C PHE D 225 -6.58 -11.88 24.91
N ARG D 226 -5.75 -11.39 23.97
CA ARG D 226 -4.27 -11.51 23.96
C ARG D 226 -3.70 -10.20 24.48
N LYS D 227 -2.60 -10.27 25.23
CA LYS D 227 -1.79 -9.08 25.63
C LYS D 227 -1.61 -8.21 24.39
N SER D 228 -1.52 -8.83 23.19
CA SER D 228 -1.25 -8.17 21.88
C SER D 228 -2.42 -7.23 21.54
N ASP D 229 -3.64 -7.65 21.95
CA ASP D 229 -4.91 -6.94 21.64
C ASP D 229 -5.01 -5.70 22.50
N ILE D 230 -5.66 -4.65 22.02
CA ILE D 230 -5.65 -3.28 22.60
C ILE D 230 -7.05 -2.94 23.12
N ILE D 231 -7.37 -3.42 24.32
CA ILE D 231 -8.66 -3.21 25.03
C ILE D 231 -8.66 -1.78 25.59
N SER D 232 -9.79 -1.11 25.78
CA SER D 232 -9.84 0.30 26.24
C SER D 232 -11.25 0.71 26.67
N ARG D 233 -11.38 1.35 27.83
CA ARG D 233 -12.63 2.02 28.23
C ARG D 233 -12.69 3.34 27.45
N PHE D 234 -13.85 3.71 26.88
CA PHE D 234 -13.84 4.79 25.85
C PHE D 234 -14.89 5.88 26.11
N GLY D 235 -15.79 5.66 27.09
CA GLY D 235 -16.95 6.50 27.46
C GLY D 235 -17.65 5.89 28.68
N GLY D 236 -18.77 6.45 29.13
CA GLY D 236 -19.45 5.93 30.33
C GLY D 236 -19.37 4.41 30.39
N GLU D 237 -20.19 3.75 29.58
CA GLU D 237 -20.28 2.27 29.50
C GLU D 237 -19.65 1.77 28.21
N GLU D 238 -19.05 2.66 27.39
CA GLU D 238 -18.41 2.29 26.10
C GLU D 238 -17.07 1.62 26.41
N PHE D 239 -16.71 0.65 25.57
CA PHE D 239 -15.39 0.01 25.45
C PHE D 239 -15.06 -0.10 23.96
N VAL D 240 -13.78 -0.30 23.65
CA VAL D 240 -13.25 -0.42 22.27
C VAL D 240 -12.16 -1.48 22.33
N ILE D 241 -12.15 -2.46 21.42
CA ILE D 241 -11.01 -3.40 21.28
C ILE D 241 -10.41 -3.20 19.88
N LEU D 242 -9.08 -3.28 19.77
CA LEU D 242 -8.32 -3.44 18.48
C LEU D 242 -7.72 -4.86 18.45
N PHE D 243 -7.96 -5.58 17.37
CA PHE D 243 -7.44 -6.96 17.11
C PHE D 243 -6.49 -6.90 15.92
N PRO D 244 -5.23 -6.49 16.17
CA PRO D 244 -4.26 -6.38 15.09
C PRO D 244 -4.05 -7.81 14.54
N GLU D 245 -3.88 -7.90 13.23
CA GLU D 245 -3.58 -9.16 12.50
C GLU D 245 -4.86 -10.01 12.47
N THR D 246 -6.03 -9.45 12.77
CA THR D 246 -7.27 -10.27 12.83
C THR D 246 -8.28 -9.69 11.83
N GLY D 247 -9.05 -10.57 11.17
CA GLY D 247 -10.07 -10.23 10.15
C GLY D 247 -11.42 -10.10 10.80
N VAL D 248 -12.37 -9.46 10.11
CA VAL D 248 -13.67 -8.98 10.69
C VAL D 248 -14.43 -10.19 11.25
N VAL D 249 -14.49 -11.30 10.52
CA VAL D 249 -15.29 -12.49 10.96
C VAL D 249 -14.74 -12.98 12.29
N ASP D 250 -13.46 -13.37 12.29
CA ASP D 250 -12.80 -13.94 13.48
C ASP D 250 -13.04 -13.00 14.67
N ALA D 251 -12.81 -11.70 14.46
CA ALA D 251 -13.06 -10.67 15.48
C ALA D 251 -14.47 -10.87 16.07
N THR D 252 -15.48 -10.84 15.20
CA THR D 252 -16.90 -11.06 15.57
C THR D 252 -17.02 -12.37 16.35
N ARG D 253 -16.56 -13.50 15.79
CA ARG D 253 -16.74 -14.84 16.41
C ARG D 253 -16.35 -14.77 17.89
N ILE D 254 -15.14 -14.27 18.17
CA ILE D 254 -14.53 -14.32 19.53
C ILE D 254 -15.24 -13.27 20.42
N LEU D 255 -15.50 -12.08 19.90
CA LEU D 255 -16.25 -11.03 20.65
C LEU D 255 -17.63 -11.57 21.03
N ASP D 256 -18.27 -12.26 20.11
CA ASP D 256 -19.60 -12.88 20.32
C ASP D 256 -19.47 -13.92 21.44
N ARG D 257 -18.36 -14.66 21.50
CA ARG D 257 -18.22 -15.78 22.46
C ARG D 257 -18.25 -15.20 23.87
N VAL D 258 -17.65 -14.02 24.02
CA VAL D 258 -17.59 -13.28 25.30
C VAL D 258 -19.02 -12.78 25.63
N ARG D 259 -19.59 -12.02 24.71
CA ARG D 259 -20.96 -11.45 24.82
C ARG D 259 -21.90 -12.47 25.48
N GLU D 260 -21.77 -13.73 25.06
CA GLU D 260 -22.49 -14.89 25.63
C GLU D 260 -22.12 -15.06 27.10
N ASN D 261 -20.82 -15.19 27.42
CA ASN D 261 -20.39 -15.57 28.79
C ASN D 261 -20.77 -14.47 29.77
N VAL D 262 -20.60 -13.21 29.39
CA VAL D 262 -21.15 -12.01 30.08
C VAL D 262 -22.66 -12.21 30.32
N SER D 263 -23.43 -12.44 29.27
CA SER D 263 -24.88 -12.71 29.42
C SER D 263 -25.10 -13.65 30.62
N LYS D 264 -24.37 -14.75 30.68
CA LYS D 264 -24.57 -15.83 31.69
C LYS D 264 -24.03 -15.42 33.08
N LEU D 265 -23.42 -14.25 33.22
CA LEU D 265 -22.76 -13.83 34.49
C LEU D 265 -23.78 -13.38 35.52
N GLU D 266 -23.71 -14.02 36.71
CA GLU D 266 -24.51 -13.71 37.93
C GLU D 266 -23.88 -12.57 38.72
N MET D 267 -24.44 -11.38 38.60
CA MET D 267 -24.13 -10.23 39.50
C MET D 267 -25.05 -10.25 40.73
N LYS D 268 -24.61 -9.60 41.81
CA LYS D 268 -25.36 -9.39 43.06
C LYS D 268 -25.65 -7.89 43.16
N SER D 269 -26.84 -7.54 43.66
CA SER D 269 -27.31 -6.14 43.76
C SER D 269 -26.85 -5.53 45.10
N ASP D 270 -27.05 -4.22 45.23
CA ASP D 270 -27.18 -3.49 46.51
C ASP D 270 -27.55 -4.47 47.64
N THR D 271 -28.65 -5.21 47.43
CA THR D 271 -29.41 -6.04 48.41
C THR D 271 -28.95 -7.50 48.44
N ASP D 272 -28.08 -7.91 47.52
CA ASP D 272 -27.63 -9.32 47.34
C ASP D 272 -28.67 -10.10 46.54
N GLN D 273 -29.39 -9.40 45.65
CA GLN D 273 -30.27 -9.96 44.59
C GLN D 273 -29.42 -10.33 43.37
N ILE D 274 -29.54 -11.53 42.79
CA ILE D 274 -28.82 -11.91 41.54
C ILE D 274 -29.43 -11.12 40.38
N PHE D 275 -28.63 -10.68 39.42
CA PHE D 275 -29.10 -10.11 38.12
C PHE D 275 -28.02 -10.34 37.06
N HIS D 276 -28.40 -10.37 35.79
CA HIS D 276 -27.51 -10.57 34.62
C HIS D 276 -27.41 -9.25 33.84
N PHE D 277 -26.39 -9.11 33.01
CA PHE D 277 -26.28 -7.94 32.10
C PHE D 277 -25.62 -8.47 30.84
N THR D 278 -25.70 -7.69 29.77
CA THR D 278 -25.18 -8.05 28.43
C THR D 278 -24.60 -6.82 27.76
N PHE D 279 -23.82 -7.01 26.70
CA PHE D 279 -23.40 -5.88 25.84
C PHE D 279 -23.77 -6.12 24.38
N SER D 280 -23.98 -4.99 23.70
CA SER D 280 -24.14 -4.85 22.23
C SER D 280 -22.77 -4.47 21.67
N GLY D 281 -22.50 -4.93 20.44
CA GLY D 281 -21.23 -4.73 19.74
C GLY D 281 -21.46 -4.52 18.27
N GLY D 282 -20.79 -3.51 17.71
CA GLY D 282 -20.36 -3.44 16.30
C GLY D 282 -18.85 -3.74 16.16
N VAL D 283 -18.47 -4.63 15.24
CA VAL D 283 -17.04 -4.79 14.78
C VAL D 283 -16.95 -4.27 13.35
N ALA D 284 -15.74 -3.90 12.92
CA ALA D 284 -15.43 -3.17 11.69
C ALA D 284 -13.94 -3.37 11.34
N GLY D 285 -13.61 -3.22 10.04
CA GLY D 285 -12.24 -3.22 9.49
C GLY D 285 -11.88 -4.53 8.82
N GLY D 286 -10.92 -5.26 9.39
CA GLY D 286 -10.23 -6.41 8.75
C GLY D 286 -9.23 -5.93 7.69
N ASP D 287 -9.66 -5.70 6.46
CA ASP D 287 -8.77 -5.47 5.29
C ASP D 287 -8.02 -4.14 5.41
N LEU D 288 -8.67 -3.01 5.22
CA LEU D 288 -8.10 -1.61 5.35
C LEU D 288 -7.74 -1.02 3.97
N SER D 289 -7.80 -1.78 2.87
CA SER D 289 -7.50 -1.25 1.52
C SER D 289 -8.45 -0.10 1.21
N ASP D 290 -9.71 -0.22 1.60
CA ASP D 290 -10.74 0.78 1.22
C ASP D 290 -10.90 1.79 2.36
N ILE D 291 -10.43 1.45 3.57
CA ILE D 291 -10.47 2.38 4.74
C ILE D 291 -9.25 3.29 4.73
N GLN D 292 -9.41 4.61 4.60
CA GLN D 292 -8.31 5.62 4.53
C GLN D 292 -8.09 6.27 5.88
N SER D 293 -9.01 7.08 6.39
CA SER D 293 -8.99 7.61 7.80
C SER D 293 -9.03 6.47 8.84
N ASN D 294 -8.42 6.65 10.02
CA ASN D 294 -8.59 5.74 11.18
C ASN D 294 -9.93 6.05 11.84
N GLN D 295 -10.40 7.27 11.60
CA GLN D 295 -11.62 7.88 12.17
C GLN D 295 -12.82 7.29 11.42
N GLU D 296 -12.62 6.87 10.16
CA GLU D 296 -13.66 6.15 9.38
C GLU D 296 -13.87 4.76 9.99
N LEU D 297 -12.76 4.05 10.30
CA LEU D 297 -12.82 2.70 10.90
C LEU D 297 -13.64 2.75 12.20
N LEU D 298 -13.68 3.89 12.88
CA LEU D 298 -14.55 4.12 14.06
C LEU D 298 -16.03 4.25 13.67
N LYS D 299 -16.35 5.17 12.75
CA LYS D 299 -17.75 5.50 12.33
C LYS D 299 -18.51 4.21 11.99
N ILE D 300 -17.80 3.23 11.42
CA ILE D 300 -18.37 1.91 11.02
C ILE D 300 -18.73 1.15 12.29
N ALA D 301 -17.76 0.95 13.18
CA ALA D 301 -17.97 0.17 14.42
C ALA D 301 -19.19 0.73 15.15
N ASP D 302 -19.36 2.06 15.13
CA ASP D 302 -20.46 2.82 15.79
C ASP D 302 -21.79 2.50 15.08
N LYS D 303 -21.90 2.87 13.79
CA LYS D 303 -23.07 2.50 12.96
C LYS D 303 -23.47 1.07 13.29
N ASN D 304 -22.53 0.15 13.47
CA ASN D 304 -22.85 -1.27 13.68
C ASN D 304 -23.31 -1.54 15.11
N LEU D 305 -22.74 -0.85 16.08
CA LEU D 305 -23.25 -0.93 17.47
C LEU D 305 -24.70 -0.39 17.51
N TYR D 306 -25.04 0.56 16.64
CA TYR D 306 -26.40 1.13 16.61
C TYR D 306 -27.42 0.03 16.26
N GLU D 307 -27.26 -0.60 15.09
CA GLU D 307 -28.04 -1.79 14.65
C GLU D 307 -28.07 -2.81 15.78
N ALA D 308 -26.91 -3.12 16.40
CA ALA D 308 -26.86 -4.16 17.43
C ALA D 308 -27.93 -3.85 18.50
N LYS D 309 -27.97 -2.61 18.98
CA LYS D 309 -28.89 -2.14 20.06
C LYS D 309 -30.30 -2.04 19.49
N SER D 310 -30.43 -1.31 18.38
CA SER D 310 -31.69 -1.04 17.66
C SER D 310 -32.49 -2.34 17.42
N SER D 311 -31.89 -3.50 17.57
CA SER D 311 -32.44 -4.82 17.17
C SER D 311 -32.46 -5.76 18.38
N GLY D 312 -32.52 -5.20 19.60
CA GLY D 312 -32.66 -5.99 20.85
C GLY D 312 -31.32 -6.35 21.49
N ARG D 313 -30.30 -5.55 21.26
CA ARG D 313 -29.14 -5.40 22.16
C ARG D 313 -28.28 -6.68 22.17
N ASN D 314 -28.42 -7.60 23.12
CA ASN D 314 -27.40 -8.63 23.40
C ASN D 314 -27.00 -9.37 22.11
N GLN D 315 -26.12 -8.77 21.30
CA GLN D 315 -25.65 -9.30 19.97
C GLN D 315 -24.56 -8.41 19.35
N ILE D 316 -23.63 -9.01 18.61
CA ILE D 316 -22.57 -8.34 17.79
C ILE D 316 -23.07 -8.14 16.36
N ILE D 317 -22.69 -7.04 15.70
CA ILE D 317 -23.09 -6.74 14.28
C ILE D 317 -21.85 -6.39 13.41
N SER D 318 -21.83 -6.98 12.21
CA SER D 318 -20.86 -6.82 11.08
C SER D 318 -21.37 -7.72 9.94
N ARG E 26 -23.58 -29.12 -23.31
CA ARG E 26 -22.11 -29.11 -23.49
C ARG E 26 -21.70 -29.53 -24.92
N LYS E 27 -22.50 -29.24 -25.96
CA LYS E 27 -22.38 -29.80 -27.36
C LYS E 27 -22.49 -28.71 -28.44
N ILE E 28 -21.39 -28.39 -29.14
CA ILE E 28 -21.28 -27.22 -30.07
C ILE E 28 -21.13 -27.69 -31.53
N LEU E 29 -21.89 -27.06 -32.43
CA LEU E 29 -21.92 -27.34 -33.89
C LEU E 29 -21.29 -26.16 -34.63
N ILE E 30 -20.30 -26.43 -35.48
CA ILE E 30 -19.52 -25.43 -36.27
C ILE E 30 -19.90 -25.51 -37.74
N ILE E 31 -20.36 -24.39 -38.30
CA ILE E 31 -20.60 -24.20 -39.76
C ILE E 31 -19.49 -23.29 -40.29
N GLU E 32 -18.64 -23.82 -41.21
CA GLU E 32 -17.56 -23.09 -41.93
C GLU E 32 -17.26 -23.84 -43.25
N ASP E 33 -17.34 -23.14 -44.38
CA ASP E 33 -17.11 -23.73 -45.74
C ASP E 33 -15.69 -24.31 -45.81
N SER E 34 -14.69 -23.59 -45.31
CA SER E 34 -13.25 -23.97 -45.39
C SER E 34 -12.93 -25.06 -44.33
N GLU E 35 -12.35 -26.18 -44.74
CA GLU E 35 -12.01 -27.35 -43.88
C GLU E 35 -11.02 -26.98 -42.75
N LEU E 36 -10.01 -26.17 -43.07
CA LEU E 36 -8.89 -25.89 -42.12
C LEU E 36 -9.41 -24.93 -41.02
N GLN E 37 -10.02 -23.78 -41.39
CA GLN E 37 -10.66 -22.83 -40.42
C GLN E 37 -11.59 -23.60 -39.48
N ARG E 38 -12.43 -24.47 -40.05
CA ARG E 38 -13.46 -25.28 -39.34
C ARG E 38 -12.79 -26.24 -38.35
N LYS E 39 -11.73 -26.94 -38.75
CA LYS E 39 -11.11 -27.97 -37.87
C LYS E 39 -10.20 -27.34 -36.82
N LEU E 40 -9.80 -26.07 -36.99
CA LEU E 40 -9.06 -25.28 -35.97
C LEU E 40 -10.00 -24.99 -34.79
N LEU E 41 -11.14 -24.36 -35.08
CA LEU E 41 -12.27 -24.12 -34.13
C LEU E 41 -12.60 -25.44 -33.44
N SER E 42 -12.85 -26.49 -34.22
CA SER E 42 -13.19 -27.87 -33.79
C SER E 42 -12.26 -28.34 -32.65
N ARG E 43 -10.97 -27.97 -32.68
CA ARG E 43 -9.97 -28.38 -31.66
C ARG E 43 -10.12 -27.49 -30.41
N TRP E 44 -10.08 -26.16 -30.61
CA TRP E 44 -10.27 -25.15 -29.54
C TRP E 44 -11.43 -25.52 -28.62
N VAL E 45 -12.53 -25.93 -29.24
CA VAL E 45 -13.78 -26.43 -28.59
C VAL E 45 -13.43 -27.65 -27.72
N SER E 46 -13.12 -28.79 -28.36
CA SER E 46 -13.00 -30.13 -27.70
C SER E 46 -11.78 -30.18 -26.77
N LYS E 47 -10.91 -29.15 -26.81
CA LYS E 47 -9.79 -28.95 -25.84
C LYS E 47 -10.35 -28.53 -24.48
N ASN E 48 -11.53 -27.89 -24.44
CA ASN E 48 -12.18 -27.31 -23.23
C ASN E 48 -13.43 -28.13 -22.87
N GLY E 49 -13.28 -29.46 -22.81
CA GLY E 49 -14.29 -30.42 -22.29
C GLY E 49 -15.61 -30.37 -23.03
N TYR E 50 -15.64 -29.80 -24.24
CA TYR E 50 -16.85 -29.59 -25.09
C TYR E 50 -16.87 -30.63 -26.21
N ILE E 51 -17.99 -30.70 -26.93
CA ILE E 51 -18.26 -31.70 -28.01
C ILE E 51 -18.42 -30.96 -29.35
N ALA E 52 -17.40 -31.09 -30.20
CA ALA E 52 -17.33 -30.41 -31.51
C ALA E 52 -18.19 -31.17 -32.52
N ILE E 53 -18.88 -30.44 -33.40
CA ILE E 53 -19.68 -31.04 -34.51
C ILE E 53 -19.54 -30.18 -35.76
N GLU E 54 -18.94 -30.73 -36.81
CA GLU E 54 -18.55 -30.01 -38.05
C GLU E 54 -19.72 -30.00 -39.04
N ALA E 55 -19.85 -28.92 -39.82
CA ALA E 55 -20.85 -28.75 -40.92
C ALA E 55 -20.18 -28.10 -42.14
N GLU E 56 -20.19 -28.77 -43.31
CA GLU E 56 -19.55 -28.31 -44.58
C GLU E 56 -20.15 -26.97 -44.99
N SER E 57 -21.45 -26.95 -45.28
CA SER E 57 -22.29 -25.72 -45.39
C SER E 57 -23.65 -26.00 -44.75
N ILE E 58 -24.73 -25.35 -45.20
CA ILE E 58 -26.03 -25.23 -44.46
C ILE E 58 -26.87 -26.51 -44.60
N SER E 59 -26.85 -27.20 -45.75
CA SER E 59 -27.54 -28.51 -45.95
C SER E 59 -27.22 -29.41 -44.76
N VAL E 60 -25.93 -29.74 -44.63
CA VAL E 60 -25.40 -30.70 -43.61
C VAL E 60 -25.85 -30.21 -42.22
N ALA E 61 -25.67 -28.93 -41.90
CA ALA E 61 -25.97 -28.29 -40.59
C ALA E 61 -27.38 -28.61 -40.11
N ARG E 62 -28.38 -28.55 -41.00
CA ARG E 62 -29.81 -28.82 -40.67
C ARG E 62 -29.98 -30.30 -40.33
N GLU E 63 -29.27 -31.18 -41.04
CA GLU E 63 -29.31 -32.65 -40.86
C GLU E 63 -28.76 -33.01 -39.47
N LYS E 64 -28.08 -32.07 -38.80
CA LYS E 64 -27.47 -32.24 -37.44
C LYS E 64 -28.39 -31.66 -36.35
N ILE E 65 -28.89 -30.44 -36.56
CA ILE E 65 -29.80 -29.70 -35.64
C ILE E 65 -30.97 -30.60 -35.22
N ILE E 66 -31.62 -31.23 -36.20
CA ILE E 66 -32.74 -32.22 -36.01
C ILE E 66 -32.15 -33.51 -35.44
N SER E 67 -31.07 -34.02 -36.05
CA SER E 67 -30.42 -35.32 -35.77
C SER E 67 -29.89 -35.43 -34.32
N GLU E 68 -29.49 -34.32 -33.70
CA GLU E 68 -28.70 -34.36 -32.44
C GLU E 68 -29.07 -33.20 -31.51
N SER E 69 -28.58 -33.30 -30.27
CA SER E 69 -28.92 -32.42 -29.13
C SER E 69 -27.98 -31.23 -29.10
N ILE E 70 -28.09 -30.32 -30.09
CA ILE E 70 -27.12 -29.19 -30.33
C ILE E 70 -27.44 -28.02 -29.39
N ASP E 71 -26.48 -27.67 -28.52
CA ASP E 71 -26.63 -26.55 -27.56
C ASP E 71 -26.34 -25.23 -28.28
N VAL E 72 -25.16 -25.11 -28.89
CA VAL E 72 -24.62 -23.81 -29.40
C VAL E 72 -24.09 -23.96 -30.83
N VAL E 73 -24.30 -22.91 -31.63
CA VAL E 73 -24.01 -22.88 -33.09
C VAL E 73 -23.05 -21.73 -33.41
N LEU E 74 -21.94 -22.08 -34.10
CA LEU E 74 -20.95 -21.16 -34.73
C LEU E 74 -21.23 -21.14 -36.24
N LEU E 75 -21.49 -19.95 -36.78
CA LEU E 75 -22.00 -19.73 -38.16
C LEU E 75 -21.08 -18.74 -38.89
N ASP E 76 -20.21 -19.22 -39.79
CA ASP E 76 -19.46 -18.36 -40.74
C ASP E 76 -20.52 -17.57 -41.53
N TRP E 77 -20.46 -16.25 -41.45
CA TRP E 77 -21.38 -15.32 -42.14
C TRP E 77 -21.42 -15.66 -43.64
N GLU E 78 -20.22 -15.91 -44.21
CA GLU E 78 -19.96 -16.07 -45.67
C GLU E 78 -19.94 -17.56 -46.03
N LEU E 79 -21.08 -18.15 -46.42
CA LEU E 79 -21.22 -19.60 -46.76
C LEU E 79 -21.56 -19.77 -48.24
N PRO E 80 -21.27 -20.95 -48.82
CA PRO E 80 -21.43 -21.21 -50.26
C PRO E 80 -22.86 -21.22 -50.86
N ASP E 81 -23.75 -20.30 -50.47
CA ASP E 81 -25.19 -20.35 -50.86
C ASP E 81 -25.85 -19.00 -50.59
N GLY E 82 -25.97 -18.62 -49.31
CA GLY E 82 -26.54 -17.32 -48.87
C GLY E 82 -25.52 -16.52 -48.08
N ASN E 83 -25.65 -15.19 -48.08
CA ASN E 83 -24.98 -14.26 -47.13
C ASN E 83 -25.69 -14.39 -45.77
N GLY E 84 -24.96 -14.17 -44.68
CA GLY E 84 -25.36 -14.41 -43.27
C GLY E 84 -26.86 -14.24 -42.95
N ILE E 85 -27.53 -13.20 -43.48
CA ILE E 85 -28.75 -12.61 -42.85
C ILE E 85 -30.06 -13.32 -43.27
N ASP E 86 -30.06 -14.17 -44.29
CA ASP E 86 -31.15 -15.17 -44.53
C ASP E 86 -30.71 -16.49 -43.86
N LEU E 87 -29.41 -16.80 -43.91
CA LEU E 87 -28.74 -17.98 -43.29
C LEU E 87 -29.09 -18.12 -41.80
N ILE E 88 -29.27 -17.01 -41.07
CA ILE E 88 -29.49 -17.02 -39.59
C ILE E 88 -30.85 -17.69 -39.29
N SER E 89 -31.95 -17.13 -39.82
CA SER E 89 -33.34 -17.59 -39.54
C SER E 89 -33.59 -18.98 -40.16
N ASP E 90 -32.71 -19.45 -41.05
CA ASP E 90 -32.78 -20.81 -41.64
C ASP E 90 -32.38 -21.86 -40.60
N ILE E 91 -31.60 -21.48 -39.59
CA ILE E 91 -31.19 -22.37 -38.45
C ILE E 91 -32.24 -22.27 -37.33
N LEU E 92 -32.75 -21.06 -37.06
CA LEU E 92 -33.81 -20.78 -36.05
C LEU E 92 -35.00 -21.71 -36.27
N SER E 93 -35.56 -21.68 -37.48
CA SER E 93 -36.70 -22.52 -37.91
C SER E 93 -36.38 -24.00 -37.71
N THR E 94 -35.17 -24.44 -38.06
CA THR E 94 -34.72 -25.86 -38.07
C THR E 94 -34.77 -26.48 -36.66
N SER E 95 -34.59 -25.67 -35.59
CA SER E 95 -34.43 -26.10 -34.17
C SER E 95 -35.68 -26.81 -33.66
N PRO E 96 -35.57 -27.98 -33.00
CA PRO E 96 -36.67 -28.51 -32.17
C PRO E 96 -37.45 -27.41 -31.42
N VAL E 97 -36.87 -26.76 -30.40
CA VAL E 97 -37.59 -25.72 -29.57
C VAL E 97 -37.83 -24.45 -30.39
N GLY E 98 -37.14 -24.28 -31.54
CA GLY E 98 -37.30 -23.14 -32.47
C GLY E 98 -36.45 -21.94 -32.06
N TRP E 99 -35.36 -22.17 -31.31
CA TRP E 99 -34.37 -21.15 -30.83
C TRP E 99 -33.13 -21.87 -30.32
N LEU E 100 -31.99 -21.56 -30.94
CA LEU E 100 -30.65 -21.95 -30.46
C LEU E 100 -29.85 -20.67 -30.24
N PRO E 101 -28.86 -20.68 -29.32
CA PRO E 101 -27.88 -19.61 -29.27
C PRO E 101 -26.90 -19.74 -30.45
N ILE E 102 -26.90 -18.75 -31.34
CA ILE E 102 -26.10 -18.72 -32.59
C ILE E 102 -25.02 -17.65 -32.48
N ILE E 103 -23.74 -18.04 -32.48
CA ILE E 103 -22.59 -17.10 -32.46
C ILE E 103 -22.11 -16.84 -33.90
N MET E 104 -22.12 -15.57 -34.32
CA MET E 104 -21.63 -15.09 -35.63
C MET E 104 -20.09 -15.09 -35.64
N VAL E 105 -19.51 -15.89 -36.53
CA VAL E 105 -18.08 -15.85 -36.97
C VAL E 105 -18.04 -15.09 -38.31
N THR E 106 -17.53 -13.85 -38.31
CA THR E 106 -17.56 -12.93 -39.49
C THR E 106 -16.25 -12.13 -39.59
N GLY E 107 -15.94 -11.58 -40.77
CA GLY E 107 -14.80 -10.65 -40.94
C GLY E 107 -15.25 -9.22 -41.14
N HIS E 108 -16.38 -8.82 -40.52
CA HIS E 108 -17.18 -7.62 -40.92
C HIS E 108 -16.85 -6.39 -40.05
N THR E 109 -16.49 -6.54 -38.76
CA THR E 109 -15.97 -5.47 -37.87
C THR E 109 -16.99 -4.35 -37.59
N GLU E 110 -17.59 -3.77 -38.65
CA GLU E 110 -18.35 -2.49 -38.59
C GLU E 110 -19.31 -2.51 -37.39
N PRO E 111 -19.57 -1.35 -36.73
CA PRO E 111 -20.47 -1.33 -35.56
C PRO E 111 -21.81 -1.97 -35.91
N GLU E 112 -22.47 -1.47 -36.97
CA GLU E 112 -23.88 -1.80 -37.32
C GLU E 112 -24.00 -3.14 -38.05
N TYR E 113 -22.94 -3.93 -38.16
CA TYR E 113 -22.99 -5.32 -38.68
C TYR E 113 -23.28 -6.27 -37.51
N PHE E 114 -22.80 -5.93 -36.32
CA PHE E 114 -23.21 -6.50 -35.01
C PHE E 114 -24.71 -6.31 -34.81
N LYS E 115 -25.16 -5.06 -34.90
CA LYS E 115 -26.54 -4.60 -34.58
C LYS E 115 -27.52 -5.16 -35.63
N ILE E 116 -27.03 -5.53 -36.82
CA ILE E 116 -27.84 -6.23 -37.86
C ILE E 116 -28.01 -7.70 -37.46
N ALA E 117 -26.89 -8.33 -37.03
CA ALA E 117 -26.78 -9.77 -36.71
C ALA E 117 -27.62 -10.09 -35.47
N ILE E 118 -27.58 -9.24 -34.45
CA ILE E 118 -28.42 -9.39 -33.22
C ILE E 118 -29.88 -9.21 -33.66
N GLU E 119 -30.20 -8.11 -34.35
CA GLU E 119 -31.55 -7.77 -34.88
C GLU E 119 -32.14 -9.01 -35.56
N ALA E 120 -31.34 -9.70 -36.37
CA ALA E 120 -31.75 -10.85 -37.20
C ALA E 120 -31.82 -12.14 -36.35
N GLY E 121 -31.58 -12.06 -35.03
CA GLY E 121 -31.76 -13.17 -34.08
C GLY E 121 -30.52 -14.04 -33.90
N ALA E 122 -29.33 -13.44 -33.83
CA ALA E 122 -28.12 -14.11 -33.34
C ALA E 122 -28.11 -13.94 -31.83
N THR E 123 -27.41 -14.82 -31.12
CA THR E 123 -27.11 -14.69 -29.67
C THR E 123 -25.85 -13.84 -29.49
N ASP E 124 -24.84 -13.99 -30.36
CA ASP E 124 -23.50 -13.38 -30.15
C ASP E 124 -22.79 -13.15 -31.49
N TYR E 125 -21.62 -12.51 -31.42
CA TYR E 125 -20.81 -11.96 -32.54
C TYR E 125 -19.34 -12.11 -32.18
N ILE E 126 -18.60 -12.87 -33.00
CA ILE E 126 -17.12 -13.06 -32.94
C ILE E 126 -16.51 -12.47 -34.23
N THR E 127 -15.42 -11.68 -34.10
CA THR E 127 -14.66 -11.09 -35.23
C THR E 127 -13.51 -12.04 -35.60
N LYS E 128 -13.57 -12.66 -36.78
CA LYS E 128 -12.42 -13.41 -37.37
C LYS E 128 -11.30 -12.42 -37.58
N PRO E 129 -10.01 -12.77 -37.36
CA PRO E 129 -9.64 -14.13 -36.95
C PRO E 129 -10.08 -14.45 -35.52
N ALA E 130 -10.66 -15.63 -35.33
CA ALA E 130 -11.12 -16.15 -34.03
C ALA E 130 -9.92 -16.39 -33.12
N LYS E 131 -9.88 -15.79 -31.92
CA LYS E 131 -8.86 -16.08 -30.88
C LYS E 131 -9.44 -17.13 -29.91
N GLU E 132 -8.69 -18.17 -29.56
CA GLU E 132 -9.13 -19.28 -28.65
C GLU E 132 -9.96 -18.71 -27.50
N ILE E 133 -9.47 -17.68 -26.82
CA ILE E 133 -10.02 -17.28 -25.49
C ILE E 133 -11.02 -16.14 -25.67
N GLU E 134 -11.28 -15.66 -26.90
CA GLU E 134 -12.48 -14.83 -27.18
C GLU E 134 -13.63 -15.77 -27.54
N LEU E 135 -13.33 -16.88 -28.21
CA LEU E 135 -14.32 -17.93 -28.55
C LEU E 135 -14.86 -18.52 -27.24
N LEU E 136 -14.01 -19.23 -26.49
CA LEU E 136 -14.43 -19.96 -25.27
C LEU E 136 -15.32 -19.07 -24.39
N ALA E 137 -14.99 -17.79 -24.33
CA ALA E 137 -15.72 -16.76 -23.57
C ALA E 137 -17.14 -16.58 -24.11
N ARG E 138 -17.33 -16.52 -25.44
CA ARG E 138 -18.67 -16.38 -26.05
C ARG E 138 -19.52 -17.64 -25.82
N ILE E 139 -18.91 -18.83 -25.96
CA ILE E 139 -19.58 -20.14 -25.73
C ILE E 139 -20.08 -20.19 -24.28
N PHE E 140 -19.23 -19.77 -23.33
CA PHE E 140 -19.65 -19.66 -21.91
C PHE E 140 -20.78 -18.64 -21.80
N SER E 141 -20.56 -17.44 -22.33
CA SER E 141 -21.56 -16.35 -22.27
C SER E 141 -22.92 -16.86 -22.75
N ALA E 142 -22.98 -17.76 -23.74
CA ALA E 142 -24.26 -18.27 -24.32
C ALA E 142 -24.90 -19.30 -23.40
N LEU E 143 -24.13 -20.36 -23.08
CA LEU E 143 -24.54 -21.45 -22.14
C LEU E 143 -25.16 -20.82 -20.87
N ARG E 144 -24.68 -19.64 -20.44
CA ARG E 144 -25.21 -18.94 -19.25
C ARG E 144 -26.57 -18.37 -19.58
N ILE E 145 -26.63 -17.49 -20.58
CA ILE E 145 -27.87 -16.81 -21.03
C ILE E 145 -28.91 -17.83 -21.55
N LYS E 146 -28.53 -19.10 -21.79
CA LYS E 146 -29.53 -20.19 -22.04
C LYS E 146 -30.12 -20.70 -20.71
N ALA E 147 -29.26 -21.28 -19.86
CA ALA E 147 -29.64 -21.80 -18.52
C ALA E 147 -30.37 -20.72 -17.73
N LEU E 148 -30.10 -19.44 -18.00
CA LEU E 148 -30.82 -18.27 -17.43
C LEU E 148 -32.27 -18.23 -17.91
N HIS E 149 -32.50 -18.39 -19.21
CA HIS E 149 -33.87 -18.47 -19.80
C HIS E 149 -34.57 -19.70 -19.22
N ASP E 150 -33.84 -20.80 -19.03
CA ASP E 150 -34.38 -22.09 -18.53
C ASP E 150 -34.87 -21.92 -17.07
N GLN E 151 -34.07 -21.30 -16.18
CA GLN E 151 -34.50 -20.92 -14.80
C GLN E 151 -35.81 -20.17 -14.88
N LEU E 152 -35.77 -18.94 -15.39
CA LEU E 152 -36.93 -18.01 -15.45
C LEU E 152 -38.21 -18.79 -15.82
N ARG E 153 -38.12 -19.86 -16.61
CA ARG E 153 -39.32 -20.57 -17.12
C ARG E 153 -39.40 -22.01 -16.60
N GLU E 154 -38.60 -22.41 -15.64
CA GLU E 154 -38.86 -23.59 -14.77
C GLU E 154 -39.45 -23.09 -13.42
N THR E 155 -39.52 -21.77 -13.21
CA THR E 155 -39.75 -21.17 -11.87
C THR E 155 -40.62 -19.93 -11.96
N ALA E 156 -40.92 -19.38 -13.13
CA ALA E 156 -41.71 -18.14 -13.25
C ALA E 156 -43.19 -18.49 -13.19
N ILE E 157 -43.99 -17.88 -12.31
CA ILE E 157 -45.43 -18.19 -12.34
C ILE E 157 -46.23 -17.32 -13.27
N ARG E 158 -45.74 -16.17 -13.72
CA ARG E 158 -46.55 -15.40 -14.69
C ARG E 158 -46.04 -15.76 -16.11
N ASP E 159 -46.94 -15.85 -17.07
CA ASP E 159 -46.62 -15.73 -18.52
C ASP E 159 -46.06 -14.31 -18.76
N VAL E 160 -44.82 -14.27 -19.22
CA VAL E 160 -44.10 -13.05 -19.69
C VAL E 160 -45.03 -12.15 -20.50
N MET E 161 -45.56 -12.69 -21.60
CA MET E 161 -46.16 -11.92 -22.72
C MET E 161 -47.34 -11.06 -22.23
N THR E 162 -48.31 -11.70 -21.58
CA THR E 162 -49.59 -11.12 -21.11
C THR E 162 -49.44 -10.48 -19.72
N GLY E 163 -48.46 -10.96 -18.95
CA GLY E 163 -48.31 -10.53 -17.57
C GLY E 163 -49.26 -11.26 -16.66
N LEU E 164 -50.05 -12.19 -17.17
CA LEU E 164 -50.96 -13.00 -16.33
C LEU E 164 -50.22 -14.16 -15.71
N TYR E 165 -50.83 -14.73 -14.67
CA TYR E 165 -50.45 -16.03 -14.09
C TYR E 165 -50.41 -17.01 -15.26
N ASN E 166 -49.51 -17.97 -15.14
CA ASN E 166 -49.24 -18.93 -16.22
C ASN E 166 -50.14 -20.07 -15.87
N ARG E 167 -49.86 -21.27 -16.38
CA ARG E 167 -50.78 -22.42 -16.17
C ARG E 167 -50.29 -23.28 -15.00
N ARG E 168 -49.04 -23.77 -14.98
CA ARG E 168 -48.62 -24.70 -13.90
C ARG E 168 -48.90 -24.05 -12.54
N TYR E 169 -48.87 -22.73 -12.49
CA TYR E 169 -49.20 -21.99 -11.26
C TYR E 169 -50.70 -22.10 -11.01
N MET E 170 -51.49 -21.74 -11.98
CA MET E 170 -52.97 -21.72 -11.90
C MET E 170 -53.54 -23.13 -11.60
N GLU E 171 -52.89 -24.21 -12.04
CA GLU E 171 -53.31 -25.58 -11.65
C GLU E 171 -53.23 -25.64 -10.12
N GLU E 172 -52.09 -25.28 -9.55
CA GLU E 172 -51.83 -25.25 -8.09
C GLU E 172 -52.82 -24.29 -7.42
N ARG E 173 -52.91 -23.06 -7.95
CA ARG E 173 -53.65 -21.92 -7.35
C ARG E 173 -55.12 -22.32 -7.19
N ILE E 174 -55.73 -22.88 -8.24
CA ILE E 174 -57.12 -23.43 -8.23
C ILE E 174 -57.23 -24.36 -7.02
N GLU E 175 -56.43 -25.41 -6.91
CA GLU E 175 -56.64 -26.40 -5.82
C GLU E 175 -56.56 -25.67 -4.47
N GLN E 176 -55.73 -24.64 -4.31
CA GLN E 176 -55.67 -23.80 -3.08
C GLN E 176 -57.02 -23.13 -2.89
N GLU E 177 -57.38 -22.26 -3.82
CA GLU E 177 -58.60 -21.43 -3.81
C GLU E 177 -59.86 -22.30 -3.65
N PHE E 178 -59.80 -23.55 -4.04
CA PHE E 178 -60.94 -24.48 -3.98
C PHE E 178 -61.04 -25.05 -2.57
N GLN E 179 -60.00 -25.72 -2.12
CA GLN E 179 -59.77 -26.21 -0.73
C GLN E 179 -60.11 -25.14 0.32
N ARG E 180 -59.82 -23.90 0.01
CA ARG E 180 -60.16 -22.75 0.89
C ARG E 180 -61.67 -22.60 0.90
N CYS E 181 -62.29 -22.49 -0.28
CA CYS E 181 -63.75 -22.25 -0.48
C CYS E 181 -64.57 -23.44 0.04
N LYS E 182 -64.05 -24.64 -0.12
CA LYS E 182 -64.68 -25.91 0.33
C LYS E 182 -64.65 -26.00 1.87
N ARG E 183 -63.54 -25.66 2.52
CA ARG E 183 -63.44 -25.54 4.00
C ARG E 183 -64.42 -24.50 4.54
N HIS E 184 -64.58 -23.32 3.90
CA HIS E 184 -65.22 -22.12 4.49
C HIS E 184 -66.56 -21.79 3.83
N ASP E 185 -67.25 -22.81 3.27
CA ASP E 185 -68.53 -22.67 2.53
C ASP E 185 -68.59 -21.30 1.85
N SER E 186 -67.76 -21.11 0.82
CA SER E 186 -67.77 -19.93 -0.06
C SER E 186 -68.30 -20.30 -1.45
N LEU E 187 -68.80 -19.30 -2.16
CA LEU E 187 -69.03 -19.46 -3.61
C LEU E 187 -67.66 -19.39 -4.30
N LEU E 188 -67.45 -20.26 -5.27
CA LEU E 188 -66.32 -20.12 -6.22
C LEU E 188 -66.80 -20.43 -7.64
N SER E 189 -66.76 -19.44 -8.53
CA SER E 189 -67.14 -19.54 -9.97
C SER E 189 -65.88 -19.39 -10.83
N MET E 190 -65.68 -20.35 -11.75
CA MET E 190 -64.49 -20.39 -12.65
C MET E 190 -64.93 -20.29 -14.12
N ALA E 191 -64.39 -19.33 -14.88
CA ALA E 191 -64.54 -19.24 -16.36
C ALA E 191 -63.40 -20.00 -17.07
N MET E 192 -63.62 -20.40 -18.33
CA MET E 192 -62.59 -20.94 -19.26
C MET E 192 -62.88 -20.32 -20.61
N ILE E 193 -62.00 -19.46 -21.09
CA ILE E 193 -62.19 -18.59 -22.27
C ILE E 193 -61.36 -19.17 -23.40
N ASP E 194 -61.67 -18.79 -24.64
CA ASP E 194 -60.93 -19.30 -25.82
C ASP E 194 -61.15 -18.33 -26.96
N ILE E 195 -60.08 -17.84 -27.57
CA ILE E 195 -60.21 -16.82 -28.64
C ILE E 195 -60.70 -17.52 -29.91
N ASP E 196 -61.63 -16.86 -30.57
CA ASP E 196 -62.39 -17.48 -31.66
C ASP E 196 -61.57 -17.27 -32.93
N LYS E 197 -61.26 -18.41 -33.55
CA LYS E 197 -60.60 -18.53 -34.89
C LYS E 197 -59.20 -17.96 -34.76
N PHE E 198 -58.44 -18.36 -33.75
CA PHE E 198 -57.11 -17.76 -33.47
C PHE E 198 -56.14 -18.20 -34.57
N LYS E 199 -56.04 -19.52 -34.78
CA LYS E 199 -55.14 -20.10 -35.80
C LYS E 199 -55.30 -19.29 -37.08
N ASN E 200 -56.53 -18.90 -37.43
CA ASN E 200 -56.85 -18.06 -38.63
C ASN E 200 -56.20 -16.68 -38.52
N ILE E 201 -56.41 -16.00 -37.38
CA ILE E 201 -55.90 -14.62 -37.16
C ILE E 201 -54.40 -14.67 -37.39
N ASN E 202 -53.78 -15.68 -36.78
CA ASN E 202 -52.33 -15.89 -36.75
C ASN E 202 -51.84 -16.14 -38.18
N ASP E 203 -52.48 -17.12 -38.85
CA ASP E 203 -52.05 -17.61 -40.17
C ASP E 203 -52.23 -16.47 -41.17
N THR E 204 -53.18 -15.59 -40.93
CA THR E 204 -53.54 -14.53 -41.89
C THR E 204 -52.76 -13.26 -41.62
N TYR E 205 -52.51 -12.90 -40.36
CA TYR E 205 -51.99 -11.54 -40.05
C TYR E 205 -50.54 -11.60 -39.54
N GLY E 206 -50.10 -12.72 -38.96
CA GLY E 206 -48.70 -12.93 -38.56
C GLY E 206 -48.62 -13.36 -37.12
N HIS E 207 -47.62 -14.17 -36.78
CA HIS E 207 -47.38 -14.69 -35.39
C HIS E 207 -47.30 -13.46 -34.49
N GLU E 208 -46.83 -12.34 -35.05
CA GLU E 208 -46.78 -11.01 -34.39
C GLU E 208 -48.15 -10.52 -33.98
N ILE E 209 -49.11 -10.48 -34.91
CA ILE E 209 -50.49 -9.97 -34.65
C ILE E 209 -51.25 -10.99 -33.77
N GLY E 210 -51.06 -12.29 -34.02
CA GLY E 210 -51.53 -13.36 -33.12
C GLY E 210 -51.30 -12.96 -31.69
N ASP E 211 -50.01 -12.83 -31.33
CA ASP E 211 -49.47 -12.35 -30.03
C ASP E 211 -50.16 -11.04 -29.65
N GLN E 212 -50.14 -10.04 -30.53
CA GLN E 212 -50.72 -8.69 -30.28
C GLN E 212 -52.17 -8.77 -29.81
N VAL E 213 -52.95 -9.74 -30.30
CA VAL E 213 -54.38 -9.97 -29.89
C VAL E 213 -54.36 -10.54 -28.46
N ILE E 214 -53.83 -11.74 -28.29
CA ILE E 214 -53.67 -12.40 -26.96
C ILE E 214 -53.38 -11.32 -25.90
N LYS E 215 -52.44 -10.42 -26.19
CA LYS E 215 -52.13 -9.30 -25.27
C LYS E 215 -53.40 -8.50 -25.05
N GLN E 216 -53.95 -7.92 -26.11
CA GLN E 216 -55.15 -7.03 -26.08
C GLN E 216 -56.30 -7.70 -25.30
N LEU E 217 -56.48 -9.03 -25.36
CA LEU E 217 -57.54 -9.74 -24.58
C LEU E 217 -57.18 -9.72 -23.11
N ALA E 218 -55.98 -10.25 -22.78
CA ALA E 218 -55.40 -10.19 -21.41
C ALA E 218 -55.63 -8.79 -20.84
N HIS E 219 -55.29 -7.74 -21.59
CA HIS E 219 -55.47 -6.34 -21.11
C HIS E 219 -56.91 -6.08 -20.72
N GLU E 220 -57.87 -6.47 -21.58
CA GLU E 220 -59.32 -6.31 -21.26
C GLU E 220 -59.61 -7.08 -19.97
N LEU E 221 -59.28 -8.36 -19.93
CA LEU E 221 -59.50 -9.20 -18.73
C LEU E 221 -58.95 -8.51 -17.46
N LYS E 222 -57.71 -8.05 -17.48
CA LYS E 222 -57.09 -7.36 -16.32
C LYS E 222 -57.97 -6.17 -15.92
N THR E 223 -58.32 -5.27 -16.86
CA THR E 223 -59.05 -4.00 -16.60
C THR E 223 -60.47 -4.22 -16.08
N SER E 224 -61.11 -5.33 -16.46
CA SER E 224 -62.58 -5.53 -16.37
C SER E 224 -63.01 -6.01 -14.97
N PHE E 225 -62.14 -6.74 -14.28
CA PHE E 225 -62.52 -7.42 -13.04
C PHE E 225 -61.83 -6.81 -11.83
N ARG E 226 -61.92 -7.56 -10.74
CA ARG E 226 -61.43 -7.13 -9.41
C ARG E 226 -60.02 -7.69 -9.21
N LYS E 227 -59.16 -6.90 -8.60
CA LYS E 227 -57.84 -7.40 -8.15
C LYS E 227 -58.07 -8.70 -7.38
N SER E 228 -59.23 -8.88 -6.72
CA SER E 228 -59.59 -10.07 -5.91
C SER E 228 -59.66 -11.31 -6.81
N ASP E 229 -60.08 -11.11 -8.06
CA ASP E 229 -60.28 -12.17 -9.08
C ASP E 229 -58.92 -12.64 -9.56
N ILE E 230 -58.81 -13.90 -9.96
CA ILE E 230 -57.56 -14.60 -10.31
C ILE E 230 -57.61 -14.96 -11.81
N ILE E 231 -57.25 -14.01 -12.66
CA ILE E 231 -57.09 -14.15 -14.14
C ILE E 231 -55.82 -14.98 -14.44
N SER E 232 -55.75 -15.68 -15.57
CA SER E 232 -54.59 -16.54 -15.93
C SER E 232 -54.65 -16.98 -17.41
N ARG E 233 -53.53 -16.92 -18.13
CA ARG E 233 -53.37 -17.54 -19.46
C ARG E 233 -53.17 -19.04 -19.21
N PHE E 234 -53.83 -19.90 -19.99
CA PHE E 234 -54.00 -21.32 -19.58
C PHE E 234 -53.60 -22.31 -20.69
N GLY E 235 -53.18 -21.82 -21.86
CA GLY E 235 -52.85 -22.56 -23.10
C GLY E 235 -52.72 -21.58 -24.26
N GLY E 236 -52.53 -22.06 -25.49
CA GLY E 236 -52.30 -21.14 -26.61
C GLY E 236 -53.13 -19.87 -26.46
N GLU E 237 -54.41 -19.97 -26.81
CA GLU E 237 -55.40 -18.87 -26.77
C GLU E 237 -56.36 -19.08 -25.59
N GLU E 238 -56.16 -20.11 -24.76
CA GLU E 238 -57.00 -20.38 -23.55
C GLU E 238 -56.63 -19.35 -22.48
N PHE E 239 -57.63 -18.98 -21.68
CA PHE E 239 -57.54 -18.21 -20.42
C PHE E 239 -58.50 -18.85 -19.42
N VAL E 240 -58.32 -18.54 -18.14
CA VAL E 240 -59.11 -19.06 -17.00
C VAL E 240 -59.27 -17.90 -16.03
N ILE E 241 -60.48 -17.64 -15.56
CA ILE E 241 -60.72 -16.68 -14.45
C ILE E 241 -61.30 -17.48 -13.29
N LEU E 242 -60.84 -17.16 -12.05
CA LEU E 242 -61.49 -17.54 -10.76
C LEU E 242 -62.15 -16.31 -10.17
N PHE E 243 -63.45 -16.43 -9.84
CA PHE E 243 -64.27 -15.40 -9.16
C PHE E 243 -64.61 -15.95 -7.78
N PRO E 244 -63.69 -15.84 -6.81
CA PRO E 244 -63.97 -16.37 -5.48
C PRO E 244 -65.09 -15.50 -4.89
N GLU E 245 -65.99 -16.12 -4.14
CA GLU E 245 -67.14 -15.45 -3.46
C GLU E 245 -68.19 -15.07 -4.51
N THR E 246 -68.10 -15.59 -5.72
CA THR E 246 -69.05 -15.17 -6.79
C THR E 246 -69.84 -16.39 -7.27
N GLY E 247 -71.12 -16.21 -7.58
CA GLY E 247 -72.04 -17.25 -8.05
C GLY E 247 -72.05 -17.26 -9.58
N VAL E 248 -72.56 -18.37 -10.14
CA VAL E 248 -72.40 -18.73 -11.58
C VAL E 248 -73.07 -17.65 -12.44
N VAL E 249 -74.25 -17.18 -12.08
CA VAL E 249 -75.00 -16.17 -12.88
C VAL E 249 -74.14 -14.91 -13.00
N ASP E 250 -73.83 -14.30 -11.85
CA ASP E 250 -73.09 -13.01 -11.82
C ASP E 250 -71.83 -13.17 -12.65
N ALA E 251 -71.09 -14.27 -12.42
CA ALA E 251 -69.86 -14.57 -13.18
C ALA E 251 -70.17 -14.42 -14.67
N THR E 252 -71.15 -15.19 -15.16
CA THR E 252 -71.61 -15.16 -16.55
C THR E 252 -71.94 -13.73 -16.98
N ARG E 253 -72.82 -13.03 -16.25
CA ARG E 253 -73.29 -11.68 -16.65
C ARG E 253 -72.07 -10.81 -17.01
N ILE E 254 -71.10 -10.73 -16.11
CA ILE E 254 -69.96 -9.78 -16.20
C ILE E 254 -69.00 -10.29 -17.28
N LEU E 255 -68.71 -11.59 -17.32
CA LEU E 255 -67.84 -12.20 -18.37
C LEU E 255 -68.45 -11.91 -19.74
N ASP E 256 -69.77 -12.04 -19.85
CA ASP E 256 -70.52 -11.75 -21.10
C ASP E 256 -70.32 -10.27 -21.45
N ARG E 257 -70.28 -9.38 -20.47
CA ARG E 257 -70.25 -7.92 -20.75
C ARG E 257 -68.92 -7.59 -21.43
N VAL E 258 -67.88 -8.31 -21.05
CA VAL E 258 -66.51 -8.17 -21.63
C VAL E 258 -66.55 -8.73 -23.06
N ARG E 259 -66.97 -9.99 -23.19
CA ARG E 259 -67.10 -10.73 -24.46
C ARG E 259 -67.64 -9.78 -25.55
N GLU E 260 -68.63 -8.96 -25.17
CA GLU E 260 -69.21 -7.90 -26.01
C GLU E 260 -68.14 -6.87 -26.36
N ASN E 261 -67.47 -6.27 -25.36
CA ASN E 261 -66.58 -5.11 -25.61
C ASN E 261 -65.40 -5.55 -26.50
N VAL E 262 -64.86 -6.73 -26.23
CA VAL E 262 -63.90 -7.45 -27.11
C VAL E 262 -64.47 -7.53 -28.54
N SER E 263 -65.65 -8.11 -28.70
CA SER E 263 -66.32 -8.20 -30.02
C SER E 263 -66.15 -6.85 -30.74
N LYS E 264 -66.47 -5.74 -30.08
CA LYS E 264 -66.51 -4.40 -30.70
C LYS E 264 -65.09 -3.83 -30.94
N LEU E 265 -64.03 -4.53 -30.52
CA LEU E 265 -62.64 -3.99 -30.59
C LEU E 265 -62.09 -4.06 -32.01
N GLU E 266 -61.66 -2.88 -32.51
CA GLU E 266 -61.00 -2.64 -33.81
C GLU E 266 -59.49 -2.88 -33.68
N MET E 267 -59.01 -4.04 -34.15
CA MET E 267 -57.56 -4.36 -34.27
C MET E 267 -57.06 -3.92 -35.66
N LYS E 268 -55.73 -3.75 -35.79
CA LYS E 268 -55.04 -3.42 -37.07
C LYS E 268 -54.18 -4.61 -37.47
N SER E 269 -54.15 -4.92 -38.77
CA SER E 269 -53.47 -6.11 -39.35
C SER E 269 -52.01 -5.75 -39.66
N ASP E 270 -51.26 -6.80 -40.00
CA ASP E 270 -50.09 -6.82 -40.93
C ASP E 270 -50.03 -5.48 -41.69
N THR E 271 -51.08 -5.17 -42.43
CA THR E 271 -51.20 -4.13 -43.49
C THR E 271 -51.79 -2.82 -42.96
N ASP E 272 -52.27 -2.79 -41.71
CA ASP E 272 -53.03 -1.64 -41.12
C ASP E 272 -54.49 -1.69 -41.60
N GLN E 273 -54.99 -2.90 -41.84
CA GLN E 273 -56.42 -3.25 -42.05
C GLN E 273 -57.10 -3.42 -40.71
N ILE E 274 -58.30 -2.88 -40.52
CA ILE E 274 -59.11 -3.08 -39.27
C ILE E 274 -59.61 -4.53 -39.29
N PHE E 275 -59.65 -5.23 -38.16
CA PHE E 275 -60.37 -6.52 -38.00
C PHE E 275 -60.84 -6.70 -36.57
N HIS E 276 -61.89 -7.50 -36.32
CA HIS E 276 -62.46 -7.76 -34.97
C HIS E 276 -62.16 -9.22 -34.58
N PHE E 277 -62.30 -9.54 -33.29
CA PHE E 277 -62.16 -10.92 -32.79
C PHE E 277 -63.06 -11.00 -31.57
N THR E 278 -63.34 -12.23 -31.15
CA THR E 278 -64.33 -12.55 -30.07
C THR E 278 -63.82 -13.76 -29.31
N PHE E 279 -64.37 -14.00 -28.13
CA PHE E 279 -64.08 -15.27 -27.41
C PHE E 279 -65.38 -15.98 -27.02
N SER E 280 -65.25 -17.31 -26.94
CA SER E 280 -66.21 -18.26 -26.38
C SER E 280 -65.83 -18.54 -24.94
N GLY E 281 -66.82 -18.80 -24.09
CA GLY E 281 -66.66 -19.04 -22.65
C GLY E 281 -67.63 -20.08 -22.14
N GLY E 282 -67.10 -21.03 -21.37
CA GLY E 282 -67.83 -21.77 -20.32
C GLY E 282 -67.52 -21.25 -18.91
N VAL E 283 -68.55 -20.94 -18.10
CA VAL E 283 -68.41 -20.73 -16.62
C VAL E 283 -69.06 -21.92 -15.92
N ALA E 284 -68.64 -22.17 -14.68
CA ALA E 284 -68.91 -23.39 -13.89
C ALA E 284 -68.67 -23.09 -12.41
N GLY E 285 -69.39 -23.83 -11.55
CA GLY E 285 -69.26 -23.81 -10.08
C GLY E 285 -70.35 -22.99 -9.40
N GLY E 286 -69.99 -21.86 -8.76
CA GLY E 286 -70.84 -21.13 -7.80
C GLY E 286 -70.92 -21.86 -6.46
N ASP E 287 -71.84 -22.81 -6.28
CA ASP E 287 -72.05 -23.45 -4.95
C ASP E 287 -70.89 -24.38 -4.61
N LEU E 288 -70.75 -25.54 -5.26
CA LEU E 288 -69.61 -26.49 -5.04
C LEU E 288 -69.99 -27.64 -4.10
N SER E 289 -71.19 -27.66 -3.52
CA SER E 289 -71.61 -28.76 -2.61
C SER E 289 -71.53 -30.10 -3.34
N ASP E 290 -71.87 -30.11 -4.63
CA ASP E 290 -71.98 -31.34 -5.44
C ASP E 290 -70.67 -31.55 -6.20
N ILE E 291 -69.83 -30.52 -6.33
CA ILE E 291 -68.48 -30.64 -6.96
C ILE E 291 -67.48 -31.07 -5.88
N GLN E 292 -66.82 -32.24 -6.05
CA GLN E 292 -65.86 -32.81 -5.04
C GLN E 292 -64.42 -32.49 -5.42
N SER E 293 -63.89 -33.05 -6.51
CA SER E 293 -62.56 -32.71 -7.11
C SER E 293 -62.51 -31.23 -7.54
N ASN E 294 -61.34 -30.60 -7.53
CA ASN E 294 -61.12 -29.26 -8.16
C ASN E 294 -61.01 -29.45 -9.67
N GLN E 295 -60.62 -30.67 -10.04
CA GLN E 295 -60.36 -31.12 -11.42
C GLN E 295 -61.73 -31.31 -12.11
N GLU E 296 -62.78 -31.62 -11.33
CA GLU E 296 -64.17 -31.70 -11.84
C GLU E 296 -64.65 -30.28 -12.19
N LEU E 297 -64.41 -29.30 -11.32
CA LEU E 297 -64.82 -27.90 -11.55
C LEU E 297 -64.23 -27.40 -12.88
N LEU E 298 -63.09 -27.95 -13.29
CA LEU E 298 -62.48 -27.68 -14.63
C LEU E 298 -63.28 -28.34 -15.76
N LYS E 299 -63.50 -29.67 -15.68
CA LYS E 299 -64.18 -30.50 -16.73
C LYS E 299 -65.50 -29.84 -17.14
N ILE E 300 -66.17 -29.19 -16.18
CA ILE E 300 -67.46 -28.49 -16.39
C ILE E 300 -67.19 -27.28 -17.27
N ALA E 301 -66.30 -26.39 -16.84
CA ALA E 301 -65.99 -25.14 -17.57
C ALA E 301 -65.68 -25.48 -19.02
N ASP E 302 -64.98 -26.60 -19.25
CA ASP E 302 -64.54 -27.13 -20.56
C ASP E 302 -65.77 -27.58 -21.37
N LYS E 303 -66.46 -28.60 -20.90
CA LYS E 303 -67.74 -29.03 -21.52
C LYS E 303 -68.56 -27.79 -21.90
N ASN E 304 -68.57 -26.74 -21.09
CA ASN E 304 -69.40 -25.54 -21.37
C ASN E 304 -68.76 -24.65 -22.42
N LEU E 305 -67.44 -24.55 -22.45
CA LEU E 305 -66.75 -23.85 -23.54
C LEU E 305 -67.01 -24.59 -24.86
N TYR E 306 -67.19 -25.91 -24.81
CA TYR E 306 -67.43 -26.70 -26.03
C TYR E 306 -68.76 -26.25 -26.66
N GLU E 307 -69.86 -26.37 -25.91
CA GLU E 307 -71.21 -25.83 -26.26
C GLU E 307 -71.08 -24.39 -26.75
N ALA E 308 -70.35 -23.54 -26.06
CA ALA E 308 -70.26 -22.12 -26.44
C ALA E 308 -69.80 -22.02 -27.90
N LYS E 309 -68.74 -22.78 -28.25
CA LYS E 309 -68.13 -22.82 -29.61
C LYS E 309 -69.09 -23.55 -30.55
N SER E 310 -69.48 -24.75 -30.16
CA SER E 310 -70.39 -25.67 -30.90
C SER E 310 -71.69 -24.97 -31.31
N SER E 311 -71.97 -23.77 -30.80
CA SER E 311 -73.24 -23.06 -31.01
C SER E 311 -72.98 -21.69 -31.64
N GLY E 312 -71.84 -21.52 -32.32
CA GLY E 312 -71.47 -20.27 -33.04
C GLY E 312 -70.70 -19.29 -32.17
N ARG E 313 -69.95 -19.79 -31.20
CA ARG E 313 -68.71 -19.11 -30.68
C ARG E 313 -69.07 -17.86 -29.88
N ASN E 314 -69.03 -16.65 -30.43
CA ASN E 314 -69.04 -15.39 -29.63
C ASN E 314 -70.16 -15.40 -28.59
N GLN E 315 -69.99 -16.11 -27.45
CA GLN E 315 -71.03 -16.29 -26.39
C GLN E 315 -70.54 -17.14 -25.20
N ILE E 316 -71.05 -16.85 -24.00
CA ILE E 316 -70.78 -17.60 -22.73
C ILE E 316 -71.83 -18.71 -22.50
N ILE E 317 -71.45 -19.84 -21.90
CA ILE E 317 -72.38 -20.95 -21.56
C ILE E 317 -72.23 -21.40 -20.10
N SER E 318 -73.38 -21.60 -19.43
CA SER E 318 -73.61 -22.07 -18.03
C SER E 318 -75.10 -22.26 -17.79
N ARG F 26 -27.84 0.26 -18.57
CA ARG F 26 -27.62 1.49 -19.37
C ARG F 26 -26.45 2.37 -18.84
N LYS F 27 -25.81 2.05 -17.67
CA LYS F 27 -24.79 2.89 -16.93
C LYS F 27 -23.56 2.05 -16.54
N ILE F 28 -22.42 2.27 -17.21
CA ILE F 28 -21.22 1.36 -17.16
C ILE F 28 -20.04 2.07 -16.48
N LEU F 29 -19.42 1.38 -15.54
CA LEU F 29 -18.34 1.87 -14.64
C LEU F 29 -17.05 1.16 -15.01
N ILE F 30 -16.01 1.94 -15.33
CA ILE F 30 -14.68 1.45 -15.82
C ILE F 30 -13.63 1.63 -14.71
N ILE F 31 -13.01 0.54 -14.31
CA ILE F 31 -11.82 0.51 -13.40
C ILE F 31 -10.59 0.20 -14.28
N GLU F 32 -9.63 1.14 -14.36
CA GLU F 32 -8.32 1.00 -15.06
C GLU F 32 -7.34 2.00 -14.42
N ASP F 33 -6.20 1.52 -13.92
CA ASP F 33 -5.17 2.38 -13.27
C ASP F 33 -4.70 3.45 -14.26
N SER F 34 -4.46 3.06 -15.52
CA SER F 34 -3.94 3.94 -16.60
C SER F 34 -5.05 4.85 -17.14
N GLU F 35 -4.80 6.17 -17.15
CA GLU F 35 -5.75 7.24 -17.61
C GLU F 35 -6.11 7.08 -19.09
N LEU F 36 -5.14 6.74 -19.94
CA LEU F 36 -5.31 6.72 -21.41
C LEU F 36 -6.17 5.50 -21.78
N GLN F 37 -5.78 4.27 -21.37
CA GLN F 37 -6.57 3.02 -21.59
C GLN F 37 -8.03 3.27 -21.13
N ARG F 38 -8.18 3.84 -19.94
CA ARG F 38 -9.49 4.09 -19.27
C ARG F 38 -10.34 5.07 -20.08
N LYS F 39 -9.77 6.16 -20.59
CA LYS F 39 -10.56 7.22 -21.26
C LYS F 39 -10.86 6.82 -22.72
N LEU F 40 -10.14 5.83 -23.28
CA LEU F 40 -10.43 5.23 -24.61
C LEU F 40 -11.74 4.44 -24.52
N LEU F 41 -11.78 3.48 -23.59
CA LEU F 41 -12.98 2.68 -23.22
C LEU F 41 -14.14 3.64 -22.97
N SER F 42 -13.93 4.63 -22.10
CA SER F 42 -14.89 5.68 -21.70
C SER F 42 -15.61 6.28 -22.92
N ARG F 43 -14.90 6.47 -24.05
CA ARG F 43 -15.51 7.07 -25.27
C ARG F 43 -16.27 5.99 -26.06
N TRP F 44 -15.66 4.84 -26.34
CA TRP F 44 -16.30 3.67 -27.00
C TRP F 44 -17.69 3.41 -26.42
N VAL F 45 -17.78 3.45 -25.10
CA VAL F 45 -19.03 3.33 -24.29
C VAL F 45 -20.00 4.43 -24.70
N SER F 46 -19.72 5.68 -24.34
CA SER F 46 -20.66 6.83 -24.43
C SER F 46 -20.93 7.19 -25.90
N LYS F 47 -20.19 6.60 -26.85
CA LYS F 47 -20.46 6.68 -28.32
C LYS F 47 -21.71 5.87 -28.68
N ASN F 48 -22.02 4.84 -27.90
CA ASN F 48 -23.13 3.87 -28.12
C ASN F 48 -24.24 4.09 -27.09
N GLY F 49 -24.66 5.35 -26.91
CA GLY F 49 -25.81 5.80 -26.09
C GLY F 49 -25.74 5.35 -24.63
N TYR F 50 -24.56 5.00 -24.13
CA TYR F 50 -24.32 4.46 -22.77
C TYR F 50 -23.72 5.55 -21.86
N ILE F 51 -23.61 5.27 -20.57
CA ILE F 51 -23.14 6.22 -19.53
C ILE F 51 -21.82 5.74 -18.92
N ALA F 52 -20.73 6.40 -19.29
CA ALA F 52 -19.36 6.03 -18.86
C ALA F 52 -19.14 6.56 -17.44
N ILE F 53 -18.46 5.77 -16.59
CA ILE F 53 -18.10 6.18 -15.21
C ILE F 53 -16.71 5.67 -14.87
N GLU F 54 -15.75 6.58 -14.68
CA GLU F 54 -14.31 6.29 -14.53
C GLU F 54 -14.00 5.98 -13.05
N ALA F 55 -13.03 5.09 -12.80
CA ALA F 55 -12.49 4.74 -11.46
C ALA F 55 -10.95 4.60 -11.53
N GLU F 56 -10.20 5.39 -10.74
CA GLU F 56 -8.70 5.43 -10.73
C GLU F 56 -8.18 4.02 -10.37
N SER F 57 -8.51 3.53 -9.18
CA SER F 57 -8.37 2.12 -8.75
C SER F 57 -9.60 1.76 -7.90
N ILE F 58 -9.46 0.82 -6.95
CA ILE F 58 -10.58 0.11 -6.27
C ILE F 58 -11.23 0.99 -5.18
N SER F 59 -10.48 1.84 -4.45
CA SER F 59 -11.03 2.78 -3.43
C SER F 59 -12.19 3.53 -4.07
N VAL F 60 -11.88 4.30 -5.10
CA VAL F 60 -12.81 5.21 -5.82
C VAL F 60 -14.02 4.37 -6.29
N ALA F 61 -13.80 3.21 -6.93
CA ALA F 61 -14.82 2.31 -7.53
C ALA F 61 -15.94 1.99 -6.53
N ARG F 62 -15.58 1.69 -5.28
CA ARG F 62 -16.55 1.34 -4.20
C ARG F 62 -17.38 2.57 -3.83
N GLU F 63 -16.75 3.75 -3.82
CA GLU F 63 -17.41 5.04 -3.49
C GLU F 63 -18.47 5.39 -4.57
N LYS F 64 -18.45 4.68 -5.71
CA LYS F 64 -19.40 4.85 -6.84
C LYS F 64 -20.53 3.80 -6.78
N ILE F 65 -20.16 2.53 -6.57
CA ILE F 65 -21.08 1.36 -6.48
C ILE F 65 -22.20 1.68 -5.47
N ILE F 66 -21.84 2.15 -4.28
CA ILE F 66 -22.78 2.59 -3.21
C ILE F 66 -23.46 3.90 -3.64
N SER F 67 -22.66 4.87 -4.10
CA SER F 67 -23.06 6.25 -4.44
C SER F 67 -24.10 6.30 -5.58
N GLU F 68 -24.09 5.35 -6.52
CA GLU F 68 -24.83 5.47 -7.81
C GLU F 68 -25.35 4.13 -8.29
N SER F 69 -26.23 4.17 -9.29
CA SER F 69 -26.98 2.98 -9.77
C SER F 69 -26.21 2.36 -10.95
N ILE F 70 -25.07 1.71 -10.64
CA ILE F 70 -24.11 1.12 -11.61
C ILE F 70 -24.62 -0.24 -12.13
N ASP F 71 -24.85 -0.35 -13.44
CA ASP F 71 -25.37 -1.59 -14.06
C ASP F 71 -24.22 -2.58 -14.28
N VAL F 72 -23.18 -2.16 -15.00
CA VAL F 72 -22.12 -3.07 -15.54
C VAL F 72 -20.72 -2.51 -15.25
N VAL F 73 -19.78 -3.41 -14.94
CA VAL F 73 -18.43 -3.10 -14.40
C VAL F 73 -17.35 -3.71 -15.32
N LEU F 74 -16.41 -2.87 -15.77
CA LEU F 74 -15.13 -3.24 -16.45
C LEU F 74 -14.00 -3.10 -15.43
N LEU F 75 -13.28 -4.20 -15.21
CA LEU F 75 -12.26 -4.35 -14.13
C LEU F 75 -10.93 -4.79 -14.75
N ASP F 76 -9.95 -3.87 -14.87
CA ASP F 76 -8.54 -4.21 -15.21
C ASP F 76 -8.09 -5.19 -14.13
N TRP F 77 -7.70 -6.40 -14.54
CA TRP F 77 -7.22 -7.47 -13.65
C TRP F 77 -6.08 -6.93 -12.76
N GLU F 78 -5.17 -6.16 -13.38
CA GLU F 78 -3.87 -5.70 -12.80
C GLU F 78 -4.03 -4.26 -12.27
N LEU F 79 -4.38 -4.10 -10.99
CA LEU F 79 -4.64 -2.78 -10.34
C LEU F 79 -3.59 -2.51 -9.26
N PRO F 80 -3.36 -1.21 -8.92
CA PRO F 80 -2.31 -0.80 -7.99
C PRO F 80 -2.40 -1.25 -6.51
N ASP F 81 -2.81 -2.49 -6.20
CA ASP F 81 -3.12 -2.90 -4.80
C ASP F 81 -3.21 -4.42 -4.72
N GLY F 82 -4.24 -5.01 -5.35
CA GLY F 82 -4.47 -6.47 -5.43
C GLY F 82 -4.41 -6.95 -6.87
N ASN F 83 -4.04 -8.23 -7.09
CA ASN F 83 -4.23 -8.97 -8.37
C ASN F 83 -5.73 -9.34 -8.46
N GLY F 84 -6.26 -9.44 -9.67
CA GLY F 84 -7.69 -9.58 -10.03
C GLY F 84 -8.54 -10.37 -9.03
N ILE F 85 -8.05 -11.46 -8.45
CA ILE F 85 -8.89 -12.58 -7.92
C ILE F 85 -9.34 -12.36 -6.46
N ASP F 86 -8.77 -11.39 -5.71
CA ASP F 86 -9.40 -10.85 -4.47
C ASP F 86 -10.22 -9.62 -4.87
N LEU F 87 -9.70 -8.82 -5.83
CA LEU F 87 -10.33 -7.60 -6.43
C LEU F 87 -11.78 -7.88 -6.89
N ILE F 88 -12.10 -9.08 -7.38
CA ILE F 88 -13.43 -9.40 -7.96
C ILE F 88 -14.50 -9.35 -6.85
N SER F 89 -14.36 -10.17 -5.81
CA SER F 89 -15.33 -10.32 -4.70
C SER F 89 -15.37 -9.06 -3.83
N ASP F 90 -14.40 -8.15 -3.99
CA ASP F 90 -14.36 -6.83 -3.30
C ASP F 90 -15.43 -5.90 -3.90
N ILE F 91 -15.84 -6.13 -5.16
CA ILE F 91 -16.92 -5.35 -5.85
C ILE F 91 -18.27 -6.03 -5.60
N LEU F 92 -18.30 -7.37 -5.61
CA LEU F 92 -19.51 -8.20 -5.31
C LEU F 92 -20.12 -7.75 -3.97
N SER F 93 -19.31 -7.79 -2.89
CA SER F 93 -19.70 -7.40 -1.52
C SER F 93 -20.23 -5.97 -1.52
N THR F 94 -19.59 -5.06 -2.25
CA THR F 94 -19.86 -3.59 -2.24
C THR F 94 -21.28 -3.28 -2.73
N SER F 95 -21.85 -4.11 -3.63
CA SER F 95 -23.12 -3.89 -4.37
C SER F 95 -24.29 -3.81 -3.40
N PRO F 96 -25.21 -2.80 -3.51
CA PRO F 96 -26.53 -2.89 -2.87
C PRO F 96 -27.14 -4.31 -2.95
N VAL F 97 -27.53 -4.81 -4.14
CA VAL F 97 -28.19 -6.15 -4.29
C VAL F 97 -27.18 -7.29 -3.99
N GLY F 98 -25.88 -7.00 -3.97
CA GLY F 98 -24.79 -7.95 -3.62
C GLY F 98 -24.35 -8.78 -4.82
N TRP F 99 -24.57 -8.27 -6.04
CA TRP F 99 -24.14 -8.90 -7.32
C TRP F 99 -24.29 -7.89 -8.46
N LEU F 100 -23.18 -7.61 -9.14
CA LEU F 100 -23.15 -6.84 -10.41
C LEU F 100 -22.52 -7.71 -11.48
N PRO F 101 -22.88 -7.50 -12.76
CA PRO F 101 -22.18 -8.15 -13.86
C PRO F 101 -20.81 -7.45 -14.07
N ILE F 102 -19.74 -8.21 -13.86
CA ILE F 102 -18.33 -7.73 -13.92
C ILE F 102 -17.64 -8.34 -15.15
N ILE F 103 -17.23 -7.50 -16.10
CA ILE F 103 -16.44 -7.90 -17.30
C ILE F 103 -14.94 -7.73 -17.00
N MET F 104 -14.18 -8.82 -17.08
CA MET F 104 -12.70 -8.85 -16.91
C MET F 104 -12.02 -8.26 -18.16
N VAL F 105 -11.29 -7.17 -17.98
CA VAL F 105 -10.29 -6.61 -18.92
C VAL F 105 -8.90 -7.06 -18.45
N THR F 106 -8.26 -8.00 -19.18
CA THR F 106 -6.99 -8.65 -18.76
C THR F 106 -6.05 -8.87 -19.96
N GLY F 107 -4.76 -9.07 -19.73
CA GLY F 107 -3.80 -9.47 -20.76
C GLY F 107 -3.35 -10.90 -20.58
N HIS F 108 -4.24 -11.80 -20.12
CA HIS F 108 -3.88 -13.13 -19.54
C HIS F 108 -4.03 -14.28 -20.54
N THR F 109 -4.97 -14.19 -21.50
CA THR F 109 -5.06 -15.09 -22.70
C THR F 109 -5.40 -16.54 -22.34
N GLU F 110 -4.67 -17.16 -21.40
CA GLU F 110 -4.69 -18.63 -21.13
C GLU F 110 -6.14 -19.11 -21.05
N PRO F 111 -6.44 -20.36 -21.50
CA PRO F 111 -7.82 -20.87 -21.42
C PRO F 111 -8.32 -20.78 -19.97
N GLU F 112 -7.58 -21.34 -19.01
CA GLU F 112 -8.09 -21.55 -17.63
C GLU F 112 -7.84 -20.30 -16.76
N TYR F 113 -7.52 -19.14 -17.35
CA TYR F 113 -7.54 -17.82 -16.65
C TYR F 113 -8.95 -17.23 -16.78
N PHE F 114 -9.63 -17.53 -17.88
CA PHE F 114 -11.10 -17.34 -18.08
C PHE F 114 -11.86 -18.13 -17.03
N LYS F 115 -11.60 -19.43 -16.96
CA LYS F 115 -12.28 -20.45 -16.11
C LYS F 115 -12.03 -20.14 -14.61
N ILE F 116 -10.94 -19.45 -14.29
CA ILE F 116 -10.62 -18.98 -12.91
C ILE F 116 -11.49 -17.75 -12.60
N ALA F 117 -11.56 -16.82 -13.55
CA ALA F 117 -12.27 -15.52 -13.46
C ALA F 117 -13.78 -15.75 -13.34
N ILE F 118 -14.35 -16.66 -14.11
CA ILE F 118 -15.79 -17.04 -14.01
C ILE F 118 -16.00 -17.69 -12.63
N GLU F 119 -15.19 -18.70 -12.30
CA GLU F 119 -15.20 -19.43 -11.00
C GLU F 119 -15.28 -18.41 -9.85
N ALA F 120 -14.47 -17.35 -9.91
CA ALA F 120 -14.33 -16.31 -8.88
C ALA F 120 -15.48 -15.30 -8.93
N GLY F 121 -16.47 -15.51 -9.82
CA GLY F 121 -17.71 -14.72 -9.90
C GLY F 121 -17.61 -13.49 -10.79
N ALA F 122 -16.97 -13.60 -11.94
CA ALA F 122 -17.06 -12.59 -13.02
C ALA F 122 -18.23 -13.00 -13.89
N THR F 123 -18.83 -12.04 -14.58
CA THR F 123 -19.91 -12.27 -15.58
C THR F 123 -19.26 -12.57 -16.95
N ASP F 124 -18.17 -11.90 -17.31
CA ASP F 124 -17.56 -12.01 -18.67
C ASP F 124 -16.05 -11.75 -18.60
N TYR F 125 -15.37 -11.90 -19.75
CA TYR F 125 -13.90 -11.89 -19.94
C TYR F 125 -13.60 -11.25 -21.29
N ILE F 126 -12.86 -10.15 -21.29
CA ILE F 126 -12.37 -9.38 -22.47
C ILE F 126 -10.84 -9.48 -22.47
N THR F 127 -10.22 -9.77 -23.63
CA THR F 127 -8.74 -9.81 -23.82
C THR F 127 -8.24 -8.45 -24.30
N LYS F 128 -7.48 -7.72 -23.46
CA LYS F 128 -6.77 -6.48 -23.86
C LYS F 128 -5.75 -6.88 -24.93
N PRO F 129 -5.49 -6.07 -25.98
CA PRO F 129 -6.16 -4.78 -26.14
C PRO F 129 -7.63 -4.94 -26.52
N ALA F 130 -8.49 -4.13 -25.91
CA ALA F 130 -9.93 -4.05 -26.19
C ALA F 130 -10.18 -3.55 -27.63
N LYS F 131 -10.93 -4.29 -28.43
CA LYS F 131 -11.50 -3.85 -29.74
C LYS F 131 -12.92 -3.28 -29.51
N GLU F 132 -13.25 -2.12 -30.10
CA GLU F 132 -14.58 -1.44 -29.94
C GLU F 132 -15.71 -2.48 -29.99
N ILE F 133 -15.69 -3.34 -30.99
CA ILE F 133 -16.87 -4.17 -31.35
C ILE F 133 -16.78 -5.54 -30.66
N GLU F 134 -15.70 -5.84 -29.93
CA GLU F 134 -15.67 -7.00 -28.99
C GLU F 134 -16.17 -6.52 -27.64
N LEU F 135 -15.86 -5.27 -27.26
CA LEU F 135 -16.38 -4.64 -26.01
C LEU F 135 -17.90 -4.54 -26.11
N LEU F 136 -18.42 -3.71 -27.01
CA LEU F 136 -19.87 -3.42 -27.10
C LEU F 136 -20.66 -4.73 -27.08
N ALA F 137 -20.13 -5.79 -27.68
CA ALA F 137 -20.74 -7.13 -27.72
C ALA F 137 -20.81 -7.73 -26.30
N ARG F 138 -19.75 -7.61 -25.49
CA ARG F 138 -19.74 -8.08 -24.07
C ARG F 138 -20.70 -7.28 -23.21
N ILE F 139 -20.75 -5.96 -23.37
CA ILE F 139 -21.69 -5.05 -22.66
C ILE F 139 -23.13 -5.47 -22.99
N PHE F 140 -23.45 -5.77 -24.25
CA PHE F 140 -24.75 -6.33 -24.66
C PHE F 140 -24.95 -7.67 -23.97
N SER F 141 -23.98 -8.58 -24.10
CA SER F 141 -24.06 -9.93 -23.48
C SER F 141 -24.39 -9.78 -21.98
N ALA F 142 -23.87 -8.76 -21.30
CA ALA F 142 -24.04 -8.54 -19.84
C ALA F 142 -25.42 -7.99 -19.54
N LEU F 143 -25.79 -6.86 -20.15
CA LEU F 143 -27.12 -6.21 -20.03
C LEU F 143 -28.23 -7.27 -20.20
N ARG F 144 -28.01 -8.33 -21.00
CA ARG F 144 -28.97 -9.45 -21.16
C ARG F 144 -29.01 -10.25 -19.87
N ILE F 145 -27.88 -10.85 -19.52
CA ILE F 145 -27.70 -11.69 -18.30
C ILE F 145 -27.90 -10.87 -17.00
N LYS F 146 -27.99 -9.54 -17.08
CA LYS F 146 -28.41 -8.66 -15.95
C LYS F 146 -29.93 -8.62 -15.91
N ALA F 147 -30.61 -8.12 -16.93
CA ALA F 147 -32.09 -8.07 -17.01
C ALA F 147 -32.66 -9.46 -16.74
N LEU F 148 -31.92 -10.53 -17.06
CA LEU F 148 -32.28 -11.94 -16.71
C LEU F 148 -32.21 -12.15 -15.19
N HIS F 149 -31.14 -11.71 -14.54
CA HIS F 149 -30.98 -11.71 -13.06
C HIS F 149 -32.12 -10.87 -12.44
N ASP F 150 -32.48 -9.74 -13.06
CA ASP F 150 -33.48 -8.78 -12.56
C ASP F 150 -34.87 -9.43 -12.58
N GLN F 151 -35.27 -10.11 -13.68
CA GLN F 151 -36.49 -10.97 -13.72
C GLN F 151 -36.47 -11.88 -12.49
N LEU F 152 -35.60 -12.88 -12.52
CA LEU F 152 -35.46 -13.94 -11.51
C LEU F 152 -35.61 -13.35 -10.08
N ARG F 153 -35.37 -12.06 -9.84
CA ARG F 153 -35.45 -11.48 -8.47
C ARG F 153 -36.62 -10.50 -8.34
N GLU F 154 -37.26 -10.02 -9.40
CA GLU F 154 -38.30 -8.96 -9.22
C GLU F 154 -39.69 -9.46 -9.60
N THR F 155 -39.90 -10.78 -9.75
CA THR F 155 -41.23 -11.29 -10.19
C THR F 155 -41.44 -12.80 -9.91
N ALA F 156 -40.42 -13.56 -10.31
CA ALA F 156 -40.64 -14.93 -10.85
C ALA F 156 -40.63 -15.95 -9.71
N ILE F 157 -41.78 -16.17 -9.15
CA ILE F 157 -41.80 -16.61 -7.74
C ILE F 157 -40.71 -17.65 -7.43
N ARG F 158 -40.66 -18.82 -8.04
CA ARG F 158 -40.53 -20.04 -7.17
C ARG F 158 -39.10 -20.18 -6.69
N ASP F 159 -38.79 -19.96 -5.40
CA ASP F 159 -37.37 -20.08 -4.96
C ASP F 159 -37.06 -21.57 -4.93
N VAL F 160 -36.09 -21.99 -5.73
CA VAL F 160 -35.62 -23.40 -5.80
C VAL F 160 -35.28 -23.89 -4.38
N MET F 161 -34.47 -23.16 -3.61
CA MET F 161 -33.81 -23.65 -2.38
C MET F 161 -34.83 -24.07 -1.32
N THR F 162 -35.79 -23.21 -0.99
CA THR F 162 -36.86 -23.43 0.02
C THR F 162 -38.07 -24.16 -0.56
N GLY F 163 -38.29 -24.03 -1.86
CA GLY F 163 -39.53 -24.52 -2.52
C GLY F 163 -40.68 -23.55 -2.34
N LEU F 164 -40.50 -22.45 -1.62
CA LEU F 164 -41.58 -21.43 -1.45
C LEU F 164 -41.51 -20.42 -2.60
N TYR F 165 -42.60 -19.72 -2.82
CA TYR F 165 -42.62 -18.57 -3.75
C TYR F 165 -41.73 -17.53 -3.11
N ASN F 166 -41.23 -16.67 -3.94
CA ASN F 166 -40.46 -15.46 -3.59
C ASN F 166 -41.39 -14.39 -3.03
N ARG F 167 -40.88 -13.15 -3.07
CA ARG F 167 -41.43 -11.97 -2.39
C ARG F 167 -42.34 -11.21 -3.35
N ARG F 168 -41.91 -10.81 -4.56
CA ARG F 168 -42.83 -10.03 -5.44
C ARG F 168 -44.10 -10.82 -5.70
N TYR F 169 -44.09 -12.14 -5.50
CA TYR F 169 -45.29 -13.02 -5.47
C TYR F 169 -46.19 -12.53 -4.35
N MET F 170 -45.65 -12.60 -3.14
CA MET F 170 -46.43 -12.35 -1.90
C MET F 170 -46.84 -10.87 -1.84
N GLU F 171 -46.11 -9.95 -2.44
CA GLU F 171 -46.56 -8.55 -2.49
C GLU F 171 -47.87 -8.55 -3.23
N GLU F 172 -47.91 -9.17 -4.41
CA GLU F 172 -49.10 -9.28 -5.30
C GLU F 172 -50.22 -10.01 -4.55
N ARG F 173 -49.86 -11.16 -3.98
CA ARG F 173 -50.82 -12.11 -3.37
C ARG F 173 -51.56 -11.42 -2.23
N ILE F 174 -50.83 -10.72 -1.35
CA ILE F 174 -51.41 -9.87 -0.25
C ILE F 174 -52.50 -8.98 -0.84
N GLU F 175 -52.20 -8.13 -1.83
CA GLU F 175 -53.20 -7.14 -2.32
C GLU F 175 -54.47 -7.89 -2.77
N GLN F 176 -54.30 -9.08 -3.37
CA GLN F 176 -55.43 -9.93 -3.82
C GLN F 176 -56.22 -10.31 -2.57
N GLU F 177 -55.56 -11.09 -1.73
CA GLU F 177 -56.13 -11.75 -0.55
C GLU F 177 -56.79 -10.74 0.37
N PHE F 178 -56.33 -9.49 0.33
CA PHE F 178 -56.81 -8.44 1.26
C PHE F 178 -58.11 -7.91 0.70
N GLN F 179 -58.03 -7.35 -0.53
CA GLN F 179 -59.18 -6.86 -1.32
C GLN F 179 -60.33 -7.84 -1.29
N ARG F 180 -60.03 -9.14 -1.36
CA ARG F 180 -61.07 -10.18 -1.27
C ARG F 180 -61.72 -10.13 0.12
N CYS F 181 -60.90 -10.22 1.18
CA CYS F 181 -61.33 -10.34 2.59
C CYS F 181 -62.00 -9.05 3.08
N LYS F 182 -61.53 -7.91 2.59
CA LYS F 182 -62.06 -6.57 2.96
C LYS F 182 -63.43 -6.38 2.29
N ARG F 183 -63.60 -6.76 1.03
CA ARG F 183 -64.93 -6.73 0.35
C ARG F 183 -65.93 -7.67 1.02
N HIS F 184 -65.53 -8.86 1.46
CA HIS F 184 -66.44 -9.97 1.86
C HIS F 184 -66.36 -10.26 3.37
N ASP F 185 -66.08 -9.23 4.15
CA ASP F 185 -65.98 -9.26 5.63
C ASP F 185 -65.54 -10.64 6.09
N SER F 186 -64.27 -10.95 5.82
CA SER F 186 -63.56 -12.14 6.34
C SER F 186 -62.47 -11.68 7.34
N LEU F 187 -62.03 -12.60 8.18
CA LEU F 187 -60.79 -12.34 8.94
C LEU F 187 -59.63 -12.57 7.99
N LEU F 188 -58.63 -11.70 8.05
CA LEU F 188 -57.33 -11.97 7.41
C LEU F 188 -56.21 -11.55 8.36
N SER F 189 -55.41 -12.51 8.82
CA SER F 189 -54.22 -12.31 9.69
C SER F 189 -52.96 -12.63 8.87
N MET F 190 -51.99 -11.71 8.86
CA MET F 190 -50.70 -11.80 8.12
C MET F 190 -49.54 -11.77 9.12
N ALA F 191 -48.63 -12.76 9.08
CA ALA F 191 -47.32 -12.77 9.79
C ALA F 191 -46.21 -12.14 8.93
N MET F 192 -45.12 -11.68 9.56
CA MET F 192 -43.85 -11.26 8.89
C MET F 192 -42.72 -11.72 9.79
N ILE F 193 -41.93 -12.67 9.34
CA ILE F 193 -40.91 -13.39 10.14
C ILE F 193 -39.53 -12.88 9.72
N ASP F 194 -38.53 -13.08 10.59
CA ASP F 194 -37.13 -12.65 10.30
C ASP F 194 -36.22 -13.49 11.15
N ILE F 195 -35.21 -14.12 10.54
CA ILE F 195 -34.29 -15.00 11.33
C ILE F 195 -33.36 -14.11 12.15
N ASP F 196 -33.14 -14.51 13.39
CA ASP F 196 -32.45 -13.64 14.36
C ASP F 196 -30.96 -13.87 14.16
N LYS F 197 -30.28 -12.76 13.85
CA LYS F 197 -28.82 -12.64 13.67
C LYS F 197 -28.35 -13.58 12.55
N PHE F 198 -28.94 -13.45 11.39
CA PHE F 198 -28.61 -14.28 10.21
C PHE F 198 -27.19 -13.98 9.74
N LYS F 199 -26.92 -12.70 9.47
CA LYS F 199 -25.57 -12.23 9.04
C LYS F 199 -24.52 -12.99 9.84
N ASN F 200 -24.74 -13.09 11.16
CA ASN F 200 -23.83 -13.76 12.14
C ASN F 200 -23.71 -15.25 11.80
N ILE F 201 -24.85 -15.93 11.64
CA ILE F 201 -24.87 -17.41 11.41
C ILE F 201 -24.00 -17.66 10.19
N ASN F 202 -24.25 -16.85 9.16
CA ASN F 202 -23.63 -16.97 7.82
C ASN F 202 -22.14 -16.74 7.96
N ASP F 203 -21.78 -15.61 8.58
CA ASP F 203 -20.38 -15.14 8.70
C ASP F 203 -19.61 -16.17 9.50
N THR F 204 -20.27 -16.86 10.43
CA THR F 204 -19.58 -17.78 11.37
C THR F 204 -19.55 -19.20 10.83
N TYR F 205 -20.61 -19.68 10.18
CA TYR F 205 -20.75 -21.13 9.88
C TYR F 205 -20.63 -21.42 8.37
N GLY F 206 -20.90 -20.44 7.51
CA GLY F 206 -20.65 -20.54 6.06
C GLY F 206 -21.89 -20.21 5.29
N HIS F 207 -21.74 -19.68 4.07
CA HIS F 207 -22.88 -19.33 3.18
C HIS F 207 -23.74 -20.58 3.04
N GLU F 208 -23.10 -21.74 3.10
CA GLU F 208 -23.69 -23.10 3.13
C GLU F 208 -24.70 -23.25 4.27
N ILE F 209 -24.27 -23.02 5.49
CA ILE F 209 -25.10 -23.23 6.72
C ILE F 209 -26.14 -22.09 6.83
N GLY F 210 -25.76 -20.86 6.47
CA GLY F 210 -26.73 -19.75 6.25
C GLY F 210 -27.96 -20.29 5.54
N ASP F 211 -27.75 -20.72 4.27
CA ASP F 211 -28.72 -21.41 3.38
C ASP F 211 -29.42 -22.54 4.16
N GLN F 212 -28.66 -23.46 4.72
CA GLN F 212 -29.18 -24.65 5.45
C GLN F 212 -30.20 -24.26 6.55
N VAL F 213 -30.07 -23.10 7.19
CA VAL F 213 -31.04 -22.58 8.22
C VAL F 213 -32.33 -22.16 7.48
N ILE F 214 -32.23 -21.13 6.64
CA ILE F 214 -33.34 -20.64 5.80
C ILE F 214 -34.18 -21.85 5.34
N LYS F 215 -33.54 -22.90 4.85
CA LYS F 215 -34.26 -24.13 4.43
C LYS F 215 -35.03 -24.65 5.63
N GLN F 216 -34.32 -25.01 6.71
CA GLN F 216 -34.90 -25.63 7.92
C GLN F 216 -36.09 -24.82 8.46
N LEU F 217 -36.07 -23.48 8.36
CA LEU F 217 -37.22 -22.63 8.79
C LEU F 217 -38.39 -22.83 7.83
N ALA F 218 -38.16 -22.61 6.53
CA ALA F 218 -39.15 -22.89 5.44
C ALA F 218 -39.78 -24.25 5.73
N HIS F 219 -38.98 -25.29 5.98
CA HIS F 219 -39.53 -26.65 6.24
C HIS F 219 -40.52 -26.61 7.40
N GLU F 220 -40.18 -25.95 8.50
CA GLU F 220 -41.09 -25.84 9.67
C GLU F 220 -42.36 -25.15 9.18
N LEU F 221 -42.23 -23.96 8.58
CA LEU F 221 -43.40 -23.21 8.07
C LEU F 221 -44.31 -24.11 7.22
N LYS F 222 -43.75 -24.82 6.24
CA LYS F 222 -44.52 -25.72 5.35
C LYS F 222 -45.30 -26.74 6.20
N THR F 223 -44.63 -27.46 7.12
CA THR F 223 -45.21 -28.57 7.93
C THR F 223 -46.33 -28.09 8.87
N SER F 224 -46.27 -26.85 9.35
CA SER F 224 -46.99 -26.36 10.55
C SER F 224 -48.45 -26.00 10.26
N PHE F 225 -48.82 -25.54 9.06
CA PHE F 225 -50.14 -24.87 8.86
C PHE F 225 -51.07 -25.64 7.95
N ARG F 226 -52.04 -24.94 7.35
CA ARG F 226 -53.00 -25.51 6.39
C ARG F 226 -52.54 -25.19 4.98
N LYS F 227 -52.76 -26.12 4.07
CA LYS F 227 -52.61 -25.88 2.61
C LYS F 227 -53.34 -24.60 2.24
N SER F 228 -54.41 -24.25 2.95
CA SER F 228 -55.25 -23.04 2.71
C SER F 228 -54.42 -21.78 2.98
N ASP F 229 -53.49 -21.87 3.94
CA ASP F 229 -52.63 -20.74 4.38
C ASP F 229 -51.54 -20.50 3.33
N ILE F 230 -51.08 -19.27 3.20
CA ILE F 230 -50.24 -18.77 2.08
C ILE F 230 -48.86 -18.38 2.64
N ILE F 231 -47.97 -19.36 2.79
CA ILE F 231 -46.53 -19.18 3.16
C ILE F 231 -45.78 -18.58 1.96
N SER F 232 -44.68 -17.87 2.19
CA SER F 232 -43.88 -17.20 1.13
C SER F 232 -42.55 -16.67 1.70
N ARG F 233 -41.45 -16.79 0.98
CA ARG F 233 -40.17 -16.06 1.31
C ARG F 233 -40.37 -14.61 0.90
N PHE F 234 -39.89 -13.65 1.68
CA PHE F 234 -40.11 -12.20 1.43
C PHE F 234 -38.80 -11.38 1.40
N GLY F 235 -37.63 -11.99 1.21
CA GLY F 235 -36.35 -11.23 1.23
C GLY F 235 -35.24 -12.05 1.87
N GLY F 236 -34.07 -11.48 2.15
CA GLY F 236 -32.93 -12.31 2.58
C GLY F 236 -33.40 -13.46 3.48
N GLU F 237 -33.61 -13.11 4.73
CA GLU F 237 -34.03 -14.02 5.82
C GLU F 237 -35.51 -13.77 6.15
N GLU F 238 -36.19 -12.87 5.44
CA GLU F 238 -37.63 -12.54 5.65
C GLU F 238 -38.50 -13.68 5.11
N PHE F 239 -39.62 -13.89 5.74
CA PHE F 239 -40.78 -14.74 5.30
C PHE F 239 -42.09 -14.03 5.66
N VAL F 240 -43.20 -14.44 5.07
CA VAL F 240 -44.55 -13.85 5.29
C VAL F 240 -45.56 -15.00 5.25
N ILE F 241 -46.51 -15.04 6.18
CA ILE F 241 -47.66 -15.99 6.14
C ILE F 241 -48.93 -15.15 6.04
N LEU F 242 -49.89 -15.61 5.22
CA LEU F 242 -51.32 -15.15 5.21
C LEU F 242 -52.18 -16.29 5.79
N PHE F 243 -52.99 -15.96 6.79
CA PHE F 243 -53.99 -16.88 7.43
C PHE F 243 -55.36 -16.34 7.09
N PRO F 244 -55.88 -16.63 5.88
CA PRO F 244 -57.19 -16.11 5.52
C PRO F 244 -58.21 -16.80 6.42
N GLU F 245 -59.23 -16.05 6.85
CA GLU F 245 -60.33 -16.55 7.71
C GLU F 245 -59.81 -16.76 9.13
N THR F 246 -58.65 -16.22 9.48
CA THR F 246 -58.08 -16.47 10.82
C THR F 246 -57.89 -15.13 11.53
N GLY F 247 -58.11 -15.12 12.85
CA GLY F 247 -58.03 -13.92 13.71
C GLY F 247 -56.66 -13.76 14.30
N VAL F 248 -56.35 -12.56 14.79
CA VAL F 248 -54.99 -12.12 15.25
C VAL F 248 -54.51 -13.08 16.33
N VAL F 249 -55.36 -13.40 17.30
CA VAL F 249 -54.99 -14.28 18.45
C VAL F 249 -54.50 -15.63 17.90
N ASP F 250 -55.39 -16.36 17.24
CA ASP F 250 -55.09 -17.73 16.74
C ASP F 250 -53.81 -17.66 15.92
N ALA F 251 -53.69 -16.67 15.02
CA ALA F 251 -52.48 -16.47 14.20
C ALA F 251 -51.26 -16.47 15.14
N THR F 252 -51.25 -15.57 16.13
CA THR F 252 -50.19 -15.43 17.14
C THR F 252 -49.97 -16.78 17.79
N ARG F 253 -50.99 -17.41 18.36
CA ARG F 253 -50.87 -18.70 19.11
C ARG F 253 -49.98 -19.66 18.32
N ILE F 254 -50.35 -19.92 17.07
CA ILE F 254 -49.77 -21.00 16.23
C ILE F 254 -48.36 -20.53 15.81
N LEU F 255 -48.22 -19.27 15.36
CA LEU F 255 -46.91 -18.71 14.94
C LEU F 255 -45.93 -18.78 16.12
N ASP F 256 -46.41 -18.43 17.31
CA ASP F 256 -45.60 -18.47 18.55
C ASP F 256 -45.18 -19.92 18.79
N ARG F 257 -46.04 -20.89 18.51
CA ARG F 257 -45.79 -22.30 18.88
C ARG F 257 -44.61 -22.80 18.06
N VAL F 258 -44.50 -22.31 16.84
CA VAL F 258 -43.41 -22.64 15.89
C VAL F 258 -42.13 -21.97 16.42
N ARG F 259 -42.19 -20.64 16.59
CA ARG F 259 -41.09 -19.80 17.11
C ARG F 259 -40.35 -20.54 18.22
N GLU F 260 -41.13 -21.16 19.11
CA GLU F 260 -40.65 -22.02 20.20
C GLU F 260 -39.89 -23.22 19.64
N ASN F 261 -40.52 -24.01 18.76
CA ASN F 261 -39.93 -25.30 18.34
C ASN F 261 -38.62 -25.04 17.60
N VAL F 262 -38.60 -24.03 16.73
CA VAL F 262 -37.37 -23.47 16.10
C VAL F 262 -36.34 -23.15 17.18
N SER F 263 -36.68 -22.32 18.15
CA SER F 263 -35.76 -21.99 19.28
C SER F 263 -35.07 -23.28 19.73
N LYS F 264 -35.83 -24.35 19.99
CA LYS F 264 -35.31 -25.60 20.59
C LYS F 264 -34.53 -26.44 19.58
N LEU F 265 -34.46 -26.05 18.30
CA LEU F 265 -33.83 -26.87 17.22
C LEU F 265 -32.32 -26.82 17.32
N GLU F 266 -31.73 -28.03 17.41
CA GLU F 266 -30.28 -28.32 17.38
C GLU F 266 -29.80 -28.43 15.94
N MET F 267 -29.20 -27.36 15.41
CA MET F 267 -28.55 -27.33 14.08
C MET F 267 -27.07 -27.74 14.23
N LYS F 268 -26.43 -28.15 13.11
CA LYS F 268 -25.00 -28.55 13.08
C LYS F 268 -24.24 -27.52 12.23
N SER F 269 -23.02 -27.17 12.64
CA SER F 269 -22.18 -26.13 12.00
C SER F 269 -21.34 -26.76 10.90
N ASP F 270 -20.67 -25.90 10.12
CA ASP F 270 -19.41 -26.15 9.39
C ASP F 270 -18.72 -27.41 9.95
N THR F 271 -18.46 -27.39 11.25
CA THR F 271 -17.56 -28.31 12.02
C THR F 271 -18.32 -29.49 12.63
N ASP F 272 -19.66 -29.50 12.59
CA ASP F 272 -20.53 -30.48 13.29
C ASP F 272 -20.66 -30.06 14.76
N GLN F 273 -20.61 -28.76 15.03
CA GLN F 273 -20.97 -28.11 16.31
C GLN F 273 -22.48 -27.90 16.35
N ILE F 274 -23.15 -28.25 17.47
CA ILE F 274 -24.60 -27.92 17.63
C ILE F 274 -24.74 -26.42 17.83
N PHE F 275 -25.76 -25.79 17.27
CA PHE F 275 -26.15 -24.38 17.57
C PHE F 275 -27.65 -24.21 17.40
N HIS F 276 -28.25 -23.22 18.05
CA HIS F 276 -29.71 -22.91 17.99
C HIS F 276 -29.90 -21.59 17.22
N PHE F 277 -31.09 -21.36 16.71
CA PHE F 277 -31.46 -20.06 16.12
C PHE F 277 -32.92 -19.85 16.43
N THR F 278 -33.38 -18.61 16.28
CA THR F 278 -34.76 -18.18 16.60
C THR F 278 -35.20 -17.18 15.55
N PHE F 279 -36.52 -16.93 15.49
CA PHE F 279 -37.03 -15.82 14.66
C PHE F 279 -37.91 -14.88 15.49
N SER F 280 -37.90 -13.62 15.05
CA SER F 280 -38.80 -12.53 15.47
C SER F 280 -39.96 -12.49 14.48
N GLY F 281 -41.14 -12.14 14.99
CA GLY F 281 -42.40 -12.06 14.22
C GLY F 281 -43.24 -10.88 14.67
N GLY F 282 -43.72 -10.09 13.70
CA GLY F 282 -44.97 -9.30 13.80
C GLY F 282 -46.14 -9.99 13.09
N VAL F 283 -47.29 -10.18 13.78
CA VAL F 283 -48.59 -10.52 13.14
C VAL F 283 -49.47 -9.27 13.18
N ALA F 284 -50.43 -9.19 12.26
CA ALA F 284 -51.23 -8.00 11.93
C ALA F 284 -52.50 -8.43 11.19
N GLY F 285 -53.57 -7.65 11.38
CA GLY F 285 -54.90 -7.85 10.84
C GLY F 285 -55.85 -8.47 11.87
N GLY F 286 -56.34 -9.67 11.53
CA GLY F 286 -57.58 -10.29 12.01
C GLY F 286 -58.80 -9.60 11.47
N ASP F 287 -59.27 -8.56 12.16
CA ASP F 287 -60.52 -7.85 11.84
C ASP F 287 -60.45 -7.16 10.48
N LEU F 288 -59.76 -6.03 10.32
CA LEU F 288 -59.63 -5.28 9.02
C LEU F 288 -60.62 -4.10 8.93
N SER F 289 -61.52 -3.91 9.89
CA SER F 289 -62.48 -2.78 9.85
C SER F 289 -61.69 -1.46 9.84
N ASP F 290 -60.60 -1.42 10.59
CA ASP F 290 -59.81 -0.19 10.81
C ASP F 290 -58.69 -0.10 9.76
N ILE F 291 -58.32 -1.24 9.15
CA ILE F 291 -57.31 -1.29 8.06
C ILE F 291 -57.99 -0.97 6.73
N GLN F 292 -57.53 0.08 6.02
CA GLN F 292 -58.08 0.55 4.73
C GLN F 292 -57.27 -0.02 3.56
N SER F 293 -56.07 0.54 3.35
CA SER F 293 -55.03 0.09 2.39
C SER F 293 -54.59 -1.36 2.70
N ASN F 294 -54.20 -2.12 1.69
CA ASN F 294 -53.52 -3.44 1.81
C ASN F 294 -52.07 -3.19 2.23
N GLN F 295 -51.59 -1.99 1.91
CA GLN F 295 -50.21 -1.51 2.10
C GLN F 295 -50.07 -1.18 3.59
N GLU F 296 -51.16 -0.78 4.24
CA GLU F 296 -51.22 -0.55 5.72
C GLU F 296 -51.15 -1.90 6.41
N LEU F 297 -51.87 -2.93 5.97
CA LEU F 297 -51.83 -4.29 6.57
C LEU F 297 -50.37 -4.80 6.60
N LEU F 298 -49.54 -4.36 5.64
CA LEU F 298 -48.10 -4.68 5.61
C LEU F 298 -47.36 -3.88 6.69
N LYS F 299 -47.50 -2.54 6.67
CA LYS F 299 -46.78 -1.57 7.55
C LYS F 299 -46.92 -1.99 8.99
N ILE F 300 -48.05 -2.58 9.35
CA ILE F 300 -48.36 -3.09 10.72
C ILE F 300 -47.46 -4.28 10.97
N ALA F 301 -47.52 -5.31 10.15
CA ALA F 301 -46.74 -6.55 10.36
C ALA F 301 -45.28 -6.18 10.56
N ASP F 302 -44.79 -5.19 9.79
CA ASP F 302 -43.40 -4.66 9.78
C ASP F 302 -43.13 -3.96 11.13
N LYS F 303 -43.83 -2.85 11.39
CA LYS F 303 -43.74 -2.13 12.67
C LYS F 303 -43.71 -3.15 13.80
N ASN F 304 -44.46 -4.23 13.71
CA ASN F 304 -44.54 -5.22 14.82
C ASN F 304 -43.33 -6.14 14.83
N LEU F 305 -42.81 -6.49 13.68
CA LEU F 305 -41.53 -7.26 13.63
C LEU F 305 -40.40 -6.38 14.20
N TYR F 306 -40.49 -5.06 14.02
CA TYR F 306 -39.45 -4.13 14.52
C TYR F 306 -39.39 -4.21 16.05
N GLU F 307 -40.51 -3.93 16.71
CA GLU F 307 -40.73 -4.12 18.18
C GLU F 307 -40.27 -5.51 18.59
N ALA F 308 -40.63 -6.55 17.87
CA ALA F 308 -40.27 -7.95 18.25
C ALA F 308 -38.76 -8.01 18.42
N LYS F 309 -38.01 -7.48 17.46
CA LYS F 309 -36.52 -7.47 17.44
C LYS F 309 -36.03 -6.49 18.50
N SER F 310 -36.50 -5.26 18.42
CA SER F 310 -36.16 -4.11 19.30
C SER F 310 -36.31 -4.49 20.79
N SER F 311 -36.93 -5.62 21.11
CA SER F 311 -37.29 -6.04 22.49
C SER F 311 -36.67 -7.41 22.78
N GLY F 312 -35.59 -7.77 22.09
CA GLY F 312 -34.81 -9.00 22.34
C GLY F 312 -35.26 -10.19 21.51
N ARG F 313 -35.83 -9.93 20.35
CA ARG F 313 -35.88 -10.89 19.20
C ARG F 313 -36.78 -12.09 19.53
N ASN F 314 -36.29 -13.23 19.98
CA ASN F 314 -37.05 -14.51 19.94
C ASN F 314 -38.45 -14.35 20.53
N GLN F 315 -39.40 -13.78 19.78
CA GLN F 315 -40.79 -13.46 20.21
C GLN F 315 -41.66 -12.90 19.07
N ILE F 316 -42.98 -13.19 19.13
CA ILE F 316 -44.03 -12.63 18.24
C ILE F 316 -44.63 -11.35 18.87
N ILE F 317 -44.98 -10.36 18.04
CA ILE F 317 -45.61 -9.09 18.51
C ILE F 317 -46.87 -8.78 17.72
N SER F 318 -47.94 -8.41 18.44
CA SER F 318 -49.33 -8.09 18.01
C SER F 318 -50.15 -7.62 19.20
#